data_4P6Z
#
_entry.id   4P6Z
#
_cell.length_a   160.536
_cell.length_b   160.536
_cell.length_c   118.393
_cell.angle_alpha   90.000
_cell.angle_beta   90.000
_cell.angle_gamma   90.000
#
_symmetry.space_group_name_H-M   'P 43'
#
loop_
_entity.id
_entity.type
_entity.pdbx_description
1 polymer 'AP-1 complex subunit gamma-1'
2 polymer 'AP-1 complex subunit sigma-1A'
3 polymer 'AP-1 complex subunit mu-1'
4 polymer 'AP-1 complex subunit beta-1'
5 polymer 'Protein Vpu'
6 polymer 'Bone marrow stromal antigen 2'
7 water water
#
loop_
_entity_poly.entity_id
_entity_poly.type
_entity_poly.pdbx_seq_one_letter_code
_entity_poly.pdbx_strand_id
1 'polypeptide(L)'
;MGSSHHHHHHSQDPMPAPIRLRELIRTIRTARTQAEEREMIQKECAAIRSSFREEDNTYRCRNVAKLLYMHMLGYPAHFG
QLECLKLIASQKFTDKRIGYLGAMLLLDERQDVHLLMTNCIKNDLNHSTQFVQGLALCTLGCMGSSEMCRDLAGEVEKLL
KTSNSYLRKKAALCAVHVIRKVPELMEMFLPATKNLLNEKNHGVLHTSVVLLTEMCERSPDMLAHFRKLVPQLVRILKNL
IMSGYSPEHDVSGISDPFLQVRILRLLRILGRNDDDSSEAMNDILAQVATNTETSKNVGNAILYETVLTIMDIKSESGLR
VLAINILGRFLLNNDKNIRYVALTSLLKTVQTDHNAVQRHRSTIVDCLKDLDVSIKRRAMELSFALVNGNNIRGMMKELL
YFLDSCEPEFKADCASGIFLAAEKYAPSKRWHIDTIMRVLTTAGSYVRDDAVPNLIQLITNSVEMHAYTVQRLYKAILGD
YSQQPLVQVAAWCIGEYGDLLVSGQCEEEEPIQVTEDEVLDILESVLISNMSTSVTRGYALTAIMKLSTRFTCTVNRIKK
VVSIYGSSIDVELQQRAVEYNALFKKYDHMRSALLERMPVMEKVTTNGPSEIVQTNGETEPAPLETK
;
G
2 'polypeptide(L)'
;MMRFMLLFSRRGKLRLQKWYLATSDKERKKMVRELMQVVLARKPKMCSFLEWRDLKVVYKRYASLYFCCAIEGQDNELIT
LELIHRYVELLDKYFGSVCELDIIFNFEKAYFILDEFLMGGDVQDTSKKSVLKAIEQADLLQEEDESPRSVLEEMGLA
;
S
3 'polypeptide(L)'
;MSASAVYVLDLKGKVLICRNYRGDVDMSEVEHFMPILMEKEEEGMLSPILAHGGVRFMWIKHNNLYLVATSKKNACVSLV
FSFLYKVVQVFSEYFKELEEESIRDNFVIIYELLDELMDFGYPQTTDSKILQEYITQEGHKLETGAPRPPATVTNAVSWR
SEGIKYRKNEVFLDVIEAVNLLVSANGNVLRSEIVGSIKMRVFLSGMPELRLGLNDKVLFDNTGRGKSKSVELEDVKFHQ
CVRLSRFENDRTISFIPPDGEFELMSYRLNTHVKPLIWIESVIEKHSHSRIEYMVKAKSQFKRRSTANNVEIHIPVPNDA
DSPKFKTTVGSVKWVPENSEIVWSVKSFPGGKEYLMRAHFGLPSVEAEDKEGKPPISVKFEIPYFTTSGIQVRYLKIIEK
SGYQALPWVRYITQNGDYQLRTQ
;
M
4 'polypeptide(L)'
;MGSSHHHHHHSQDPNSMTDSKYFTTTKKGEIFELKAELNSDKKEKKKEAVKKVIASMTVGKDVSALFPDVVNCMQTDNLE
LKKLVYLYLMNYAKSQPDMAIMAVNTFVKDCEDPNPLIRALAVRTMGCIRVDKITEYLCEPLRKCLKDEDPYVRKTAAVC
VAKLHDINAQLVEDQGFLDTLKDLISDSNPMVVANAVAALSEIAESHPSSNLLDLNPQSINKLLTALNECTEWGQIFILD
CLANYMPKDDREAQSICERVTPRLSHANSAVVLSAVKVLMKFMEMLSKDLDYYGTLLKKLAPPLVTLLSAEPELQYVALR
NINLIVQKRPEILKHEMKVFFVKYNDPIYVKLEKLDIMIRLASQANIAQVLAELKEYATEVDVDFVRKAVRAIGRCAIKV
EQSAERCVSTLLDLIQTKVNYVVQEAIVVIKDIFRKYPNKYESVIAALCENLDSLDEPEARAAMIWIVGEYAERIDNADE
LLESFLEGFHDKSTQVQLQLLTAIVKLFLKKPTETQELVQQVLSLATQDSDNPDLRDRGYIYWRLLSTDPVAAKEVVLAE
KPLISEETDLIEPTLLDELICYIGTLASVYHKPPSAFVEG
;
B
5 'polypeptide(L)' GSDEASEGSGEYRKILRQRKIDRLIDRITERAEDSGNESEGDQEELSALVERGHLAPWDVDDL V
6 'polypeptide(L)' AGFSMASTSYDYCRVPMEDGDKRCK T
#
# COMPACT_ATOMS: atom_id res chain seq x y z
N PRO A 16 -31.09 -24.46 16.43
CA PRO A 16 -30.06 -25.47 16.07
C PRO A 16 -29.70 -25.36 14.60
N ALA A 17 -28.50 -25.78 14.22
CA ALA A 17 -27.44 -26.17 15.16
C ALA A 17 -26.14 -25.58 14.59
N PRO A 18 -25.19 -25.22 15.47
CA PRO A 18 -23.96 -24.56 15.02
C PRO A 18 -23.24 -25.43 14.01
N ILE A 19 -22.92 -24.88 12.84
CA ILE A 19 -22.32 -25.68 11.77
C ILE A 19 -21.00 -26.27 12.18
N ARG A 20 -20.64 -27.41 11.58
CA ARG A 20 -19.38 -28.09 11.95
C ARG A 20 -18.23 -27.33 11.32
N LEU A 21 -17.01 -27.68 11.69
CA LEU A 21 -15.81 -27.00 11.22
C LEU A 21 -15.68 -27.07 9.71
N ARG A 22 -15.74 -28.27 9.16
CA ARG A 22 -15.57 -28.43 7.71
C ARG A 22 -16.55 -27.60 6.90
N GLU A 23 -17.78 -27.52 7.37
CA GLU A 23 -18.80 -26.75 6.69
C GLU A 23 -18.41 -25.26 6.63
N LEU A 24 -17.90 -24.77 7.76
CA LEU A 24 -17.40 -23.41 7.81
C LEU A 24 -16.29 -23.19 6.83
N ILE A 25 -15.32 -24.10 6.85
CA ILE A 25 -14.19 -24.02 5.96
C ILE A 25 -14.62 -23.91 4.51
N ARG A 26 -15.51 -24.82 4.10
CA ARG A 26 -16.08 -24.82 2.76
C ARG A 26 -16.70 -23.47 2.41
N THR A 27 -17.56 -23.02 3.33
CA THR A 27 -18.24 -21.74 3.13
C THR A 27 -17.29 -20.59 2.91
N ILE A 28 -16.32 -20.44 3.79
CA ILE A 28 -15.34 -19.39 3.70
C ILE A 28 -14.57 -19.49 2.39
N ARG A 29 -14.29 -20.71 1.95
CA ARG A 29 -13.61 -20.88 0.68
C ARG A 29 -14.51 -20.55 -0.52
N THR A 30 -15.80 -20.41 -0.27
CA THR A 30 -16.72 -19.97 -1.34
C THR A 30 -16.69 -18.48 -1.55
N ALA A 31 -16.08 -17.75 -0.61
CA ALA A 31 -15.98 -16.31 -0.77
C ALA A 31 -15.25 -15.88 -2.04
N ARG A 32 -15.62 -14.75 -2.59
CA ARG A 32 -15.12 -14.30 -3.90
C ARG A 32 -14.33 -13.04 -3.75
N THR A 33 -14.47 -12.39 -2.61
CA THR A 33 -13.71 -11.17 -2.30
C THR A 33 -13.29 -11.28 -0.86
N GLN A 34 -12.29 -10.50 -0.45
CA GLN A 34 -11.87 -10.46 0.95
C GLN A 34 -12.98 -9.86 1.75
N ALA A 35 -13.78 -8.99 1.09
CA ALA A 35 -14.94 -8.41 1.73
C ALA A 35 -16.00 -9.44 2.08
N GLU A 36 -16.37 -10.27 1.10
CA GLU A 36 -17.37 -11.30 1.31
C GLU A 36 -16.89 -12.28 2.39
N GLU A 37 -15.60 -12.61 2.33
CA GLU A 37 -15.02 -13.47 3.33
C GLU A 37 -15.14 -12.87 4.72
N ARG A 38 -14.80 -11.58 4.82
CA ARG A 38 -14.91 -10.87 6.08
C ARG A 38 -16.33 -10.93 6.62
N GLU A 39 -17.29 -10.73 5.74
CA GLU A 39 -18.70 -10.81 6.12
C GLU A 39 -19.07 -12.18 6.66
N MET A 40 -18.63 -13.23 5.97
CA MET A 40 -18.87 -14.57 6.43
C MET A 40 -18.29 -14.82 7.81
N ILE A 41 -17.06 -14.36 8.01
CA ILE A 41 -16.38 -14.46 9.30
C ILE A 41 -17.16 -13.78 10.37
N GLN A 42 -17.62 -12.56 10.09
CA GLN A 42 -18.34 -11.75 11.07
C GLN A 42 -19.69 -12.32 11.44
N LYS A 43 -20.30 -12.98 10.46
CA LYS A 43 -21.58 -13.61 10.66
C LYS A 43 -21.42 -14.83 11.56
N GLU A 44 -20.57 -15.75 11.10
CA GLU A 44 -20.32 -16.97 11.89
C GLU A 44 -19.83 -16.65 13.30
N CYS A 45 -18.94 -15.67 13.41
CA CYS A 45 -18.44 -15.25 14.70
C CYS A 45 -19.49 -14.64 15.58
N ALA A 46 -20.43 -13.96 14.98
CA ALA A 46 -21.55 -13.39 15.76
C ALA A 46 -22.30 -14.54 16.42
N ALA A 47 -22.61 -15.55 15.62
CA ALA A 47 -23.25 -16.76 16.10
C ALA A 47 -22.45 -17.40 17.21
N ILE A 48 -21.14 -17.49 17.02
CA ILE A 48 -20.27 -18.15 17.94
C ILE A 48 -20.23 -17.45 19.29
N ARG A 49 -20.09 -16.13 19.26
CA ARG A 49 -20.04 -15.36 20.49
C ARG A 49 -21.33 -15.48 21.24
N SER A 50 -22.43 -15.31 20.52
CA SER A 50 -23.73 -15.39 21.17
C SER A 50 -23.94 -16.73 21.79
N SER A 51 -23.42 -17.77 21.14
CA SER A 51 -23.48 -19.14 21.71
C SER A 51 -22.63 -19.23 22.94
N PHE A 52 -21.41 -18.67 22.87
CA PHE A 52 -20.50 -18.60 24.03
C PHE A 52 -21.15 -17.97 25.24
N ARG A 53 -22.01 -17.01 25.04
CA ARG A 53 -22.69 -16.36 26.17
C ARG A 53 -23.64 -17.32 26.85
N GLU A 54 -24.26 -18.20 26.09
CA GLU A 54 -25.22 -19.15 26.64
C GLU A 54 -24.53 -20.27 27.41
N GLU A 55 -23.21 -20.27 27.40
CA GLU A 55 -22.41 -21.26 28.10
C GLU A 55 -22.77 -22.67 27.63
N ASP A 56 -22.99 -22.80 26.32
CA ASP A 56 -23.33 -24.08 25.72
C ASP A 56 -22.16 -25.02 25.83
N ASN A 57 -22.29 -26.04 26.68
CA ASN A 57 -21.20 -27.01 26.87
C ASN A 57 -21.13 -28.03 25.74
N THR A 58 -22.18 -28.05 24.90
CA THR A 58 -22.25 -29.00 23.80
C THR A 58 -21.37 -28.61 22.63
N TYR A 59 -21.53 -27.38 22.17
CA TYR A 59 -20.90 -26.91 20.94
C TYR A 59 -19.75 -25.95 21.16
N ARG A 60 -19.21 -25.91 22.38
CA ARG A 60 -18.04 -25.10 22.65
C ARG A 60 -16.83 -25.57 21.83
N CYS A 61 -16.67 -26.86 21.75
CA CYS A 61 -15.55 -27.45 21.07
C CYS A 61 -15.47 -27.05 19.61
N ARG A 62 -16.55 -27.31 18.89
CA ARG A 62 -16.55 -26.98 17.47
C ARG A 62 -16.47 -25.47 17.17
N ASN A 63 -17.13 -24.70 18.03
CA ASN A 63 -17.06 -23.28 17.88
C ASN A 63 -15.64 -22.75 18.08
N VAL A 64 -14.95 -23.25 19.08
CA VAL A 64 -13.56 -22.87 19.32
C VAL A 64 -12.68 -23.30 18.16
N ALA A 65 -12.90 -24.51 17.65
CA ALA A 65 -12.15 -25.00 16.50
C ALA A 65 -12.31 -24.09 15.28
N LYS A 66 -13.57 -23.76 14.99
CA LYS A 66 -13.92 -22.83 13.93
C LYS A 66 -13.25 -21.49 14.14
N LEU A 67 -13.21 -21.07 15.41
CA LEU A 67 -12.59 -19.81 15.77
C LEU A 67 -11.09 -19.86 15.53
N LEU A 68 -10.49 -21.05 15.70
CA LEU A 68 -9.07 -21.20 15.49
C LEU A 68 -8.77 -21.12 14.00
N TYR A 69 -9.58 -21.79 13.22
CA TYR A 69 -9.43 -21.72 11.77
C TYR A 69 -9.56 -20.28 11.32
N MET A 70 -10.55 -19.57 11.83
CA MET A 70 -10.74 -18.18 11.44
C MET A 70 -9.61 -17.31 11.99
N HIS A 71 -8.97 -17.75 13.07
CA HIS A 71 -7.89 -16.97 13.63
C HIS A 71 -6.65 -17.12 12.79
N MET A 72 -6.54 -18.25 12.13
CA MET A 72 -5.41 -18.50 11.24
C MET A 72 -5.50 -17.66 10.03
N LEU A 73 -6.73 -17.33 9.63
CA LEU A 73 -6.97 -16.51 8.47
C LEU A 73 -6.74 -15.05 8.78
N GLY A 74 -6.50 -14.72 10.05
CA GLY A 74 -6.15 -13.38 10.42
C GLY A 74 -7.24 -12.59 11.10
N TYR A 75 -8.43 -13.17 11.17
CA TYR A 75 -9.55 -12.51 11.82
C TYR A 75 -9.45 -12.62 13.31
N PRO A 76 -10.04 -11.65 14.02
CA PRO A 76 -9.90 -11.60 15.50
C PRO A 76 -10.48 -12.82 16.19
N ALA A 77 -9.88 -13.22 17.29
CA ALA A 77 -10.35 -14.37 18.06
C ALA A 77 -10.15 -14.16 19.56
N HIS A 78 -10.09 -12.92 19.99
CA HIS A 78 -9.84 -12.57 21.36
C HIS A 78 -10.91 -13.03 22.28
N PHE A 79 -12.14 -12.84 21.82
CA PHE A 79 -13.33 -13.20 22.60
C PHE A 79 -13.41 -14.70 22.91
N GLY A 80 -12.70 -15.51 22.13
CA GLY A 80 -12.66 -16.92 22.35
C GLY A 80 -11.53 -17.42 23.26
N GLN A 81 -10.65 -16.51 23.65
CA GLN A 81 -9.48 -16.89 24.43
C GLN A 81 -9.85 -17.68 25.66
N LEU A 82 -10.55 -17.05 26.60
CA LEU A 82 -10.83 -17.77 27.83
C LEU A 82 -11.92 -18.82 27.68
N GLU A 83 -12.31 -19.06 26.45
CA GLU A 83 -13.21 -20.17 26.16
C GLU A 83 -12.37 -21.44 26.09
N CYS A 84 -11.15 -21.31 25.61
CA CYS A 84 -10.23 -22.43 25.54
C CYS A 84 -10.04 -23.03 26.94
N LEU A 85 -9.93 -22.15 27.94
CA LEU A 85 -9.83 -22.57 29.32
C LEU A 85 -10.98 -23.47 29.69
N LYS A 86 -12.19 -23.06 29.31
CA LYS A 86 -13.39 -23.82 29.61
C LYS A 86 -13.33 -25.20 28.98
N LEU A 87 -12.64 -25.31 27.85
CA LEU A 87 -12.46 -26.59 27.18
C LEU A 87 -11.39 -27.43 27.87
N ILE A 88 -10.40 -26.76 28.44
CA ILE A 88 -9.30 -27.44 29.12
C ILE A 88 -9.77 -28.01 30.44
N ALA A 89 -10.59 -27.23 31.14
CA ALA A 89 -11.15 -27.64 32.40
C ALA A 89 -12.34 -28.58 32.22
N SER A 90 -12.61 -28.98 30.99
CA SER A 90 -13.68 -29.94 30.73
C SER A 90 -13.23 -31.33 31.17
N GLN A 91 -14.13 -32.32 31.07
CA GLN A 91 -13.78 -33.68 31.42
C GLN A 91 -13.73 -34.57 30.21
N LYS A 92 -14.33 -34.12 29.11
CA LYS A 92 -14.25 -34.85 27.88
C LYS A 92 -12.88 -34.70 27.27
N PHE A 93 -12.41 -35.74 26.61
CA PHE A 93 -11.11 -35.70 25.99
C PHE A 93 -11.09 -34.73 24.80
N THR A 94 -12.11 -34.79 23.96
CA THR A 94 -12.19 -33.88 22.79
C THR A 94 -12.04 -32.40 23.16
N ASP A 95 -12.78 -32.02 24.19
CA ASP A 95 -12.78 -30.67 24.69
C ASP A 95 -11.40 -30.28 25.16
N LYS A 96 -10.70 -31.22 25.79
CA LYS A 96 -9.35 -30.96 26.29
C LYS A 96 -8.37 -30.81 25.14
N ARG A 97 -8.53 -31.64 24.11
CA ARG A 97 -7.66 -31.65 22.96
C ARG A 97 -7.71 -30.31 22.25
N ILE A 98 -8.92 -29.94 21.83
CA ILE A 98 -9.11 -28.65 21.15
C ILE A 98 -8.76 -27.50 22.08
N GLY A 99 -9.14 -27.62 23.33
CA GLY A 99 -8.88 -26.57 24.31
C GLY A 99 -7.40 -26.27 24.45
N TYR A 100 -6.58 -27.32 24.50
CA TYR A 100 -5.14 -27.17 24.64
C TYR A 100 -4.53 -26.65 23.37
N LEU A 101 -5.02 -27.12 22.23
CA LEU A 101 -4.54 -26.63 20.94
C LEU A 101 -4.76 -25.12 20.85
N GLY A 102 -5.99 -24.72 21.14
CA GLY A 102 -6.37 -23.32 21.10
C GLY A 102 -5.70 -22.53 22.16
N ALA A 103 -5.30 -23.20 23.22
CA ALA A 103 -4.55 -22.55 24.30
C ALA A 103 -3.16 -22.23 23.77
N MET A 104 -2.59 -23.14 22.98
CA MET A 104 -1.31 -22.91 22.41
C MET A 104 -1.34 -21.86 21.31
N LEU A 105 -2.45 -21.74 20.63
CA LEU A 105 -2.59 -20.81 19.49
C LEU A 105 -3.02 -19.41 19.88
N LEU A 106 -4.00 -19.31 20.76
CA LEU A 106 -4.61 -18.01 21.12
C LEU A 106 -4.00 -17.37 22.35
N LEU A 107 -3.74 -18.15 23.37
CA LEU A 107 -3.21 -17.60 24.62
C LEU A 107 -1.80 -17.05 24.41
N ASP A 108 -1.34 -16.31 25.40
CA ASP A 108 -0.11 -15.53 25.29
C ASP A 108 0.34 -15.19 26.71
N GLU A 109 1.58 -14.73 26.85
CA GLU A 109 2.07 -14.32 28.16
C GLU A 109 1.57 -12.92 28.54
N ARG A 110 0.66 -12.40 27.73
CA ARG A 110 0.07 -11.09 27.97
C ARG A 110 -1.18 -11.20 28.83
N GLN A 111 -1.80 -12.36 28.84
CA GLN A 111 -3.09 -12.53 29.51
C GLN A 111 -2.98 -12.75 31.00
N ASP A 112 -1.87 -13.39 31.42
CA ASP A 112 -1.67 -13.76 32.81
C ASP A 112 -2.90 -14.47 33.40
N VAL A 113 -3.36 -15.50 32.69
CA VAL A 113 -4.42 -16.41 33.19
C VAL A 113 -3.72 -17.63 33.84
N HIS A 114 -2.53 -17.36 34.35
CA HIS A 114 -1.61 -18.33 34.88
C HIS A 114 -2.24 -19.32 35.85
N LEU A 115 -3.09 -18.84 36.76
CA LEU A 115 -3.72 -19.75 37.72
C LEU A 115 -4.57 -20.89 37.13
N LEU A 116 -5.47 -20.55 36.21
CA LEU A 116 -6.32 -21.56 35.62
C LEU A 116 -5.57 -22.55 34.74
N MET A 117 -4.71 -22.01 33.89
CA MET A 117 -3.83 -22.86 33.09
C MET A 117 -3.03 -23.82 33.98
N THR A 118 -2.45 -23.28 35.05
CA THR A 118 -1.63 -24.03 35.95
C THR A 118 -2.39 -25.13 36.66
N ASN A 119 -3.55 -24.79 37.22
CA ASN A 119 -4.37 -25.76 37.94
C ASN A 119 -4.89 -26.86 37.00
N CYS A 120 -5.38 -26.46 35.83
CA CYS A 120 -5.86 -27.41 34.84
C CYS A 120 -4.75 -28.36 34.40
N ILE A 121 -3.58 -27.80 34.16
CA ILE A 121 -2.41 -28.59 33.82
C ILE A 121 -2.02 -29.56 34.95
N LYS A 122 -2.06 -29.09 36.19
CA LYS A 122 -1.83 -29.95 37.33
C LYS A 122 -2.76 -31.14 37.31
N ASN A 123 -4.05 -30.86 37.23
CA ASN A 123 -5.07 -31.90 37.23
C ASN A 123 -4.89 -32.88 36.09
N ASP A 124 -4.52 -32.34 34.92
CA ASP A 124 -4.43 -33.16 33.71
C ASP A 124 -3.14 -33.96 33.62
N LEU A 125 -2.10 -33.53 34.34
CA LEU A 125 -0.83 -34.23 34.36
C LEU A 125 -0.95 -35.50 35.20
N ASN A 126 -1.75 -35.44 36.25
CA ASN A 126 -2.03 -36.60 37.08
C ASN A 126 -3.29 -37.33 36.65
N HIS A 127 -3.64 -37.22 35.37
CA HIS A 127 -4.83 -37.84 34.85
C HIS A 127 -4.67 -39.33 34.71
N SER A 128 -5.79 -40.04 34.80
CA SER A 128 -5.83 -41.49 34.71
C SER A 128 -5.46 -41.96 33.29
N THR A 129 -5.78 -41.14 32.31
CA THR A 129 -5.49 -41.45 30.92
C THR A 129 -4.22 -40.74 30.45
N GLN A 130 -3.34 -41.49 29.82
CA GLN A 130 -2.03 -40.96 29.45
C GLN A 130 -2.08 -39.84 28.41
N PHE A 131 -3.05 -39.91 27.49
CA PHE A 131 -3.15 -38.95 26.42
C PHE A 131 -3.47 -37.54 26.94
N VAL A 132 -4.28 -37.46 28.00
CA VAL A 132 -4.55 -36.20 28.64
C VAL A 132 -3.28 -35.58 29.19
N GLN A 133 -2.53 -36.42 29.87
CA GLN A 133 -1.23 -36.03 30.40
C GLN A 133 -0.33 -35.56 29.29
N GLY A 134 -0.49 -36.18 28.11
CA GLY A 134 0.27 -35.80 26.94
C GLY A 134 -0.12 -34.42 26.48
N LEU A 135 -1.40 -34.10 26.57
CA LEU A 135 -1.87 -32.78 26.21
C LEU A 135 -1.32 -31.71 27.14
N ALA A 136 -1.39 -31.97 28.44
CA ALA A 136 -0.87 -31.02 29.41
C ALA A 136 0.63 -30.85 29.27
N LEU A 137 1.30 -31.97 28.93
CA LEU A 137 2.74 -31.96 28.80
C LEU A 137 3.17 -31.19 27.58
N CYS A 138 2.56 -31.48 26.43
CA CYS A 138 2.87 -30.80 25.19
C CYS A 138 2.59 -29.31 25.34
N THR A 139 1.44 -28.97 25.90
CA THR A 139 1.05 -27.59 26.12
C THR A 139 2.07 -26.87 26.97
N LEU A 140 2.39 -27.44 28.13
CA LEU A 140 3.35 -26.83 29.01
C LEU A 140 4.69 -26.63 28.32
N GLY A 141 5.17 -27.69 27.68
CA GLY A 141 6.47 -27.66 27.02
C GLY A 141 6.53 -26.67 25.86
N CYS A 142 5.38 -26.33 25.30
CA CYS A 142 5.34 -25.43 24.16
C CYS A 142 5.21 -23.98 24.55
N MET A 143 4.22 -23.67 25.36
CA MET A 143 3.91 -22.29 25.66
C MET A 143 3.95 -21.97 27.14
N GLY A 144 4.47 -22.90 27.93
CA GLY A 144 4.53 -22.72 29.36
C GLY A 144 5.27 -21.47 29.79
N SER A 145 4.58 -20.62 30.53
CA SER A 145 5.18 -19.44 31.12
C SER A 145 6.30 -19.83 32.07
N SER A 146 7.17 -18.89 32.37
CA SER A 146 8.25 -19.09 33.31
C SER A 146 7.69 -19.50 34.67
N GLU A 147 6.68 -18.76 35.14
CA GLU A 147 6.07 -19.02 36.41
C GLU A 147 5.37 -20.37 36.44
N MET A 148 4.67 -20.68 35.38
CA MET A 148 4.04 -21.97 35.23
C MET A 148 5.08 -23.08 35.32
N CYS A 149 6.22 -22.85 34.68
CA CYS A 149 7.34 -23.77 34.76
C CYS A 149 7.82 -23.94 36.19
N ARG A 150 7.82 -22.84 36.95
CA ARG A 150 8.21 -22.88 38.35
C ARG A 150 7.28 -23.78 39.13
N ASP A 151 5.98 -23.58 38.94
CA ASP A 151 4.97 -24.27 39.73
C ASP A 151 4.73 -25.72 39.30
N LEU A 152 5.16 -26.05 38.08
CA LEU A 152 4.92 -27.37 37.54
C LEU A 152 6.15 -28.23 37.48
N ALA A 153 7.32 -27.61 37.69
CA ALA A 153 8.60 -28.31 37.60
C ALA A 153 8.65 -29.60 38.40
N GLY A 154 8.07 -29.56 39.60
CA GLY A 154 8.02 -30.73 40.45
C GLY A 154 7.25 -31.86 39.81
N GLU A 155 6.07 -31.50 39.28
CA GLU A 155 5.22 -32.46 38.58
C GLU A 155 5.92 -33.05 37.38
N VAL A 156 6.66 -32.20 36.66
CA VAL A 156 7.45 -32.65 35.53
C VAL A 156 8.47 -33.68 35.98
N GLU A 157 9.15 -33.38 37.08
CA GLU A 157 10.17 -34.25 37.59
C GLU A 157 9.59 -35.60 37.98
N LYS A 158 8.48 -35.58 38.69
CA LYS A 158 7.82 -36.81 39.08
C LYS A 158 7.39 -37.60 37.86
N LEU A 159 6.95 -36.90 36.83
CA LEU A 159 6.55 -37.53 35.58
C LEU A 159 7.74 -38.04 34.79
N LEU A 160 8.93 -37.56 35.12
CA LEU A 160 10.13 -37.93 34.40
C LEU A 160 10.61 -39.30 34.85
N LYS A 161 10.07 -39.76 35.98
CA LYS A 161 10.50 -41.02 36.56
C LYS A 161 9.46 -42.13 36.34
N THR A 162 8.56 -41.93 35.38
CA THR A 162 7.61 -42.96 34.98
C THR A 162 8.30 -44.13 34.29
N SER A 163 7.55 -45.15 33.92
CA SER A 163 8.13 -46.23 33.08
C SER A 163 7.63 -46.08 31.65
N ASN A 164 6.41 -45.54 31.53
CA ASN A 164 5.76 -45.36 30.24
C ASN A 164 6.52 -44.40 29.34
N SER A 165 6.91 -44.90 28.16
CA SER A 165 7.74 -44.14 27.22
C SER A 165 7.01 -42.93 26.70
N TYR A 166 5.76 -43.15 26.32
CA TYR A 166 4.91 -42.15 25.71
C TYR A 166 4.89 -40.85 26.50
N LEU A 167 4.89 -40.96 27.82
CA LEU A 167 4.93 -39.80 28.66
C LEU A 167 6.34 -39.44 29.04
N ARG A 168 7.26 -40.41 28.97
CA ARG A 168 8.64 -40.21 29.38
C ARG A 168 9.36 -39.25 28.46
N LYS A 169 9.17 -39.42 27.16
CA LYS A 169 9.79 -38.54 26.19
C LYS A 169 9.33 -37.08 26.38
N LYS A 170 8.01 -36.91 26.47
CA LYS A 170 7.42 -35.58 26.68
C LYS A 170 7.89 -35.02 28.01
N ALA A 171 8.09 -35.88 29.00
CA ALA A 171 8.56 -35.43 30.29
C ALA A 171 9.95 -34.88 30.14
N ALA A 172 10.78 -35.58 29.35
CA ALA A 172 12.14 -35.13 29.10
C ALA A 172 12.15 -33.75 28.42
N LEU A 173 11.41 -33.62 27.31
CA LEU A 173 11.42 -32.36 26.58
C LEU A 173 10.76 -31.21 27.35
N CYS A 174 9.79 -31.54 28.20
CA CYS A 174 9.13 -30.54 29.02
C CYS A 174 10.10 -30.09 30.09
N ALA A 175 10.93 -31.02 30.55
CA ALA A 175 12.02 -30.69 31.45
C ALA A 175 13.01 -29.75 30.76
N VAL A 176 13.28 -30.01 29.48
CA VAL A 176 14.09 -29.12 28.68
C VAL A 176 13.49 -27.73 28.68
N HIS A 177 12.17 -27.66 28.45
CA HIS A 177 11.49 -26.39 28.34
C HIS A 177 11.56 -25.60 29.64
N VAL A 178 11.20 -26.24 30.75
CA VAL A 178 11.27 -25.58 32.04
C VAL A 178 12.71 -25.11 32.34
N ILE A 179 13.69 -25.92 31.99
CA ILE A 179 15.09 -25.49 32.10
C ILE A 179 15.34 -24.21 31.27
N ARG A 180 14.80 -24.17 30.06
CA ARG A 180 14.99 -23.02 29.18
C ARG A 180 14.35 -21.76 29.75
N LYS A 181 13.19 -21.92 30.37
CA LYS A 181 12.46 -20.79 30.93
C LYS A 181 12.98 -20.39 32.29
N VAL A 182 13.44 -21.36 33.06
CA VAL A 182 14.14 -21.07 34.32
C VAL A 182 15.42 -21.90 34.42
N PRO A 183 16.56 -21.22 34.45
CA PRO A 183 17.90 -21.83 34.37
C PRO A 183 18.34 -22.52 35.66
N GLU A 184 18.03 -21.91 36.78
CA GLU A 184 18.36 -22.41 38.09
C GLU A 184 17.82 -23.80 38.41
N LEU A 185 16.65 -24.12 37.88
CA LEU A 185 15.94 -25.35 38.27
C LEU A 185 16.48 -26.62 37.62
N MET A 186 17.42 -26.45 36.68
CA MET A 186 17.94 -27.59 35.92
C MET A 186 18.49 -28.71 36.81
N GLU A 187 19.18 -28.32 37.88
CA GLU A 187 19.77 -29.25 38.80
C GLU A 187 18.74 -30.19 39.41
N MET A 188 17.50 -29.71 39.56
CA MET A 188 16.46 -30.53 40.15
C MET A 188 16.17 -31.77 39.31
N PHE A 189 16.62 -31.77 38.07
CA PHE A 189 16.39 -32.89 37.19
C PHE A 189 17.56 -33.85 37.15
N LEU A 190 18.67 -33.45 37.75
CA LEU A 190 19.89 -34.24 37.77
C LEU A 190 19.71 -35.73 38.23
N PRO A 191 19.01 -35.96 39.35
CA PRO A 191 18.89 -37.34 39.80
C PRO A 191 18.16 -38.26 38.83
N ALA A 192 17.26 -37.70 38.02
CA ALA A 192 16.50 -38.50 37.06
C ALA A 192 17.28 -38.69 35.75
N THR A 193 18.28 -37.84 35.52
CA THR A 193 19.05 -37.87 34.28
C THR A 193 20.11 -38.97 34.26
N LYS A 194 20.32 -39.60 35.40
CA LYS A 194 21.35 -40.60 35.51
C LYS A 194 20.89 -41.91 34.90
N ASN A 195 21.83 -42.58 34.23
CA ASN A 195 21.62 -43.90 33.64
C ASN A 195 20.26 -44.12 32.94
N LEU A 196 19.91 -43.18 32.10
CA LEU A 196 18.77 -43.35 31.20
C LEU A 196 19.23 -43.77 29.83
N LEU A 197 20.54 -43.77 29.63
CA LEU A 197 21.17 -44.22 28.42
C LEU A 197 20.94 -45.68 28.18
N ASN A 198 20.70 -46.44 29.26
CA ASN A 198 20.40 -47.86 29.16
C ASN A 198 19.07 -48.16 28.47
N GLU A 199 18.30 -47.11 28.20
CA GLU A 199 17.02 -47.21 27.50
C GLU A 199 17.21 -47.79 26.11
N LYS A 200 16.17 -48.47 25.65
CA LYS A 200 16.18 -49.06 24.32
C LYS A 200 15.13 -48.41 23.43
N ASN A 201 14.50 -47.36 23.94
CA ASN A 201 13.47 -46.66 23.18
C ASN A 201 14.05 -45.40 22.54
N HIS A 202 14.08 -45.36 21.22
CA HIS A 202 14.73 -44.28 20.49
C HIS A 202 14.15 -42.90 20.80
N GLY A 203 12.84 -42.84 21.10
CA GLY A 203 12.18 -41.59 21.46
C GLY A 203 12.69 -41.10 22.81
N VAL A 204 12.55 -41.95 23.81
CA VAL A 204 13.07 -41.68 25.15
C VAL A 204 14.54 -41.34 25.08
N LEU A 205 15.28 -42.08 24.25
CA LEU A 205 16.69 -41.84 24.06
C LEU A 205 16.94 -40.43 23.55
N HIS A 206 16.46 -40.14 22.34
CA HIS A 206 16.59 -38.84 21.72
C HIS A 206 16.26 -37.71 22.68
N THR A 207 15.08 -37.77 23.27
CA THR A 207 14.62 -36.75 24.18
C THR A 207 15.61 -36.56 25.36
N SER A 208 16.00 -37.67 25.96
CA SER A 208 16.92 -37.63 27.07
C SER A 208 18.28 -37.03 26.64
N VAL A 209 18.71 -37.35 25.41
CA VAL A 209 19.92 -36.75 24.85
C VAL A 209 19.76 -35.23 24.71
N VAL A 210 18.57 -34.78 24.29
CA VAL A 210 18.28 -33.36 24.17
C VAL A 210 18.37 -32.69 25.55
N LEU A 211 17.75 -33.32 26.55
CA LEU A 211 17.78 -32.84 27.91
C LEU A 211 19.22 -32.70 28.43
N LEU A 212 20.01 -33.75 28.20
CA LEU A 212 21.41 -33.74 28.60
C LEU A 212 22.20 -32.65 27.88
N THR A 213 21.92 -32.48 26.58
CA THR A 213 22.62 -31.51 25.75
C THR A 213 22.37 -30.11 26.24
N GLU A 214 21.11 -29.81 26.51
CA GLU A 214 20.72 -28.53 27.10
C GLU A 214 21.43 -28.34 28.41
N MET A 215 21.32 -29.35 29.27
CA MET A 215 21.97 -29.35 30.57
C MET A 215 23.45 -28.95 30.51
N CYS A 216 24.21 -29.69 29.73
CA CYS A 216 25.65 -29.42 29.57
C CYS A 216 25.85 -28.01 29.04
N GLU A 217 25.01 -27.63 28.10
CA GLU A 217 25.11 -26.33 27.47
C GLU A 217 24.86 -25.20 28.45
N ARG A 218 24.16 -25.52 29.55
CA ARG A 218 23.90 -24.53 30.58
C ARG A 218 25.06 -24.36 31.56
N SER A 219 25.48 -25.44 32.21
CA SER A 219 26.46 -25.37 33.30
C SER A 219 27.63 -26.33 33.14
N PRO A 220 28.85 -25.86 33.38
CA PRO A 220 30.10 -26.60 33.17
C PRO A 220 30.23 -27.81 34.08
N ASP A 221 29.72 -27.69 35.30
CA ASP A 221 29.78 -28.81 36.24
C ASP A 221 28.98 -29.97 35.73
N MET A 222 27.89 -29.66 35.04
CA MET A 222 27.06 -30.67 34.40
C MET A 222 27.83 -31.36 33.28
N LEU A 223 28.63 -30.59 32.55
CA LEU A 223 29.51 -31.15 31.55
C LEU A 223 30.44 -32.16 32.20
N ALA A 224 31.11 -31.71 33.26
CA ALA A 224 32.00 -32.55 34.03
C ALA A 224 31.33 -33.85 34.45
N HIS A 225 30.09 -33.74 34.91
CA HIS A 225 29.35 -34.89 35.39
C HIS A 225 29.01 -35.87 34.29
N PHE A 226 28.46 -35.35 33.18
CA PHE A 226 27.89 -36.21 32.15
C PHE A 226 28.90 -36.73 31.13
N ARG A 227 30.07 -36.11 31.07
CA ARG A 227 31.09 -36.57 30.14
C ARG A 227 31.67 -37.90 30.55
N LYS A 228 31.07 -38.53 31.56
CA LYS A 228 31.48 -39.84 32.02
C LYS A 228 30.84 -40.93 31.18
N LEU A 229 29.61 -40.69 30.77
CA LEU A 229 28.86 -41.68 29.99
C LEU A 229 29.14 -41.56 28.49
N VAL A 230 30.18 -40.79 28.14
CA VAL A 230 30.62 -40.70 26.75
C VAL A 230 30.86 -42.06 26.06
N PRO A 231 31.63 -42.98 26.70
CA PRO A 231 31.86 -44.25 26.02
C PRO A 231 30.57 -45.04 25.80
N GLN A 232 29.61 -44.91 26.72
CA GLN A 232 28.32 -45.55 26.55
C GLN A 232 27.61 -45.06 25.28
N LEU A 233 27.40 -43.76 25.18
CA LEU A 233 26.70 -43.19 24.02
C LEU A 233 27.49 -43.40 22.75
N VAL A 234 28.80 -43.56 22.91
CA VAL A 234 29.67 -43.89 21.79
C VAL A 234 29.34 -45.29 21.30
N ARG A 235 29.11 -46.20 22.25
CA ARG A 235 28.73 -47.58 21.93
C ARG A 235 27.31 -47.62 21.32
N ILE A 236 26.41 -46.79 21.82
CA ILE A 236 25.06 -46.73 21.29
C ILE A 236 25.08 -46.22 19.85
N LEU A 237 25.81 -45.13 19.63
CA LEU A 237 25.99 -44.57 18.30
C LEU A 237 26.60 -45.61 17.35
N LYS A 238 27.67 -46.25 17.82
CA LYS A 238 28.36 -47.27 17.04
C LYS A 238 27.42 -48.42 16.70
N ASN A 239 26.52 -48.75 17.62
CA ASN A 239 25.52 -49.77 17.39
C ASN A 239 24.56 -49.36 16.31
N LEU A 240 24.09 -48.11 16.39
CA LEU A 240 23.21 -47.54 15.36
C LEU A 240 23.85 -47.64 13.98
N ILE A 241 25.12 -47.26 13.89
CA ILE A 241 25.85 -47.32 12.64
C ILE A 241 25.99 -48.77 12.15
N MET A 242 26.35 -49.68 13.06
CA MET A 242 26.50 -51.10 12.75
C MET A 242 25.18 -51.87 12.83
N SER A 243 24.09 -51.14 13.07
CA SER A 243 22.77 -51.76 13.12
C SER A 243 22.36 -52.31 11.75
N GLY A 244 21.49 -53.30 11.77
CA GLY A 244 20.91 -53.81 10.53
C GLY A 244 19.77 -52.93 10.03
N TYR A 245 19.09 -53.38 9.00
CA TYR A 245 17.88 -52.69 8.55
C TYR A 245 16.72 -52.89 9.53
N SER A 246 16.31 -51.81 10.21
CA SER A 246 15.13 -51.87 11.06
C SER A 246 14.01 -51.07 10.44
N PRO A 247 12.88 -51.72 10.13
CA PRO A 247 11.74 -51.02 9.51
C PRO A 247 11.12 -49.98 10.45
N GLU A 248 11.99 -49.15 11.02
CA GLU A 248 11.65 -48.19 12.05
C GLU A 248 12.96 -47.46 12.33
N HIS A 249 12.90 -46.15 12.51
CA HIS A 249 14.08 -45.31 12.70
C HIS A 249 14.98 -45.22 11.44
N ASP A 250 14.73 -46.08 10.45
CA ASP A 250 15.54 -46.10 9.24
C ASP A 250 15.03 -45.18 8.18
N VAL A 251 15.95 -44.42 7.59
CA VAL A 251 15.60 -43.52 6.49
C VAL A 251 16.62 -43.69 5.35
N SER A 252 16.18 -44.38 4.31
CA SER A 252 16.99 -44.67 3.11
C SER A 252 18.26 -45.41 3.39
N GLY A 253 18.37 -46.11 4.51
CA GLY A 253 19.56 -46.92 4.78
C GLY A 253 20.35 -46.50 6.01
N ILE A 254 19.84 -45.51 6.74
CA ILE A 254 20.48 -45.06 7.97
C ILE A 254 19.45 -45.09 9.10
N SER A 255 19.84 -45.63 10.26
CA SER A 255 18.91 -45.79 11.37
C SER A 255 18.98 -44.64 12.37
N ASP A 256 17.84 -43.98 12.56
CA ASP A 256 17.68 -42.89 13.53
C ASP A 256 18.73 -41.79 13.42
N PRO A 257 18.70 -41.04 12.30
CA PRO A 257 19.70 -40.00 12.07
C PRO A 257 19.49 -38.80 12.99
N PHE A 258 18.24 -38.64 13.47
CA PHE A 258 17.96 -37.61 14.45
C PHE A 258 18.74 -37.90 15.71
N LEU A 259 18.63 -39.15 16.16
CA LEU A 259 19.35 -39.59 17.32
C LEU A 259 20.86 -39.48 17.13
N GLN A 260 21.34 -39.89 15.96
CA GLN A 260 22.78 -39.83 15.65
C GLN A 260 23.29 -38.40 15.74
N VAL A 261 22.58 -37.49 15.06
CA VAL A 261 22.95 -36.08 15.03
C VAL A 261 22.93 -35.45 16.42
N ARG A 262 21.91 -35.81 17.18
CA ARG A 262 21.81 -35.35 18.56
C ARG A 262 22.97 -35.82 19.41
N ILE A 263 23.34 -37.09 19.21
CA ILE A 263 24.46 -37.68 19.91
C ILE A 263 25.76 -37.00 19.54
N LEU A 264 25.93 -36.70 18.25
CA LEU A 264 27.16 -36.06 17.77
C LEU A 264 27.30 -34.64 18.24
N ARG A 265 26.14 -33.97 18.38
CA ARG A 265 26.10 -32.63 18.91
C ARG A 265 26.50 -32.66 20.40
N LEU A 266 25.92 -33.62 21.12
CA LEU A 266 26.26 -33.83 22.51
C LEU A 266 27.75 -34.11 22.67
N LEU A 267 28.31 -34.86 21.72
CA LEU A 267 29.72 -35.20 21.75
C LEU A 267 30.57 -33.96 21.54
N ARG A 268 30.15 -33.14 20.56
CA ARG A 268 30.81 -31.89 20.26
C ARG A 268 30.86 -31.01 21.49
N ILE A 269 29.78 -30.99 22.25
CA ILE A 269 29.78 -30.20 23.47
C ILE A 269 30.49 -30.93 24.60
N LEU A 270 30.46 -32.27 24.58
CA LEU A 270 31.19 -33.07 25.57
C LEU A 270 32.62 -33.31 25.13
N GLY A 271 33.44 -32.29 25.26
CA GLY A 271 34.82 -32.37 24.81
C GLY A 271 35.20 -31.14 24.05
N ARG A 272 34.60 -30.00 24.42
CA ARG A 272 34.92 -28.72 23.82
C ARG A 272 36.39 -28.42 23.98
N ASN A 273 36.88 -28.60 25.20
CA ASN A 273 38.31 -28.47 25.52
C ASN A 273 38.65 -29.58 26.50
N ASP A 274 38.61 -30.80 25.98
CA ASP A 274 38.99 -32.00 26.71
C ASP A 274 39.66 -32.94 25.70
N ASP A 275 40.49 -33.88 26.17
CA ASP A 275 41.23 -34.74 25.24
C ASP A 275 40.89 -36.24 25.29
N ASP A 276 40.46 -36.70 26.46
CA ASP A 276 40.15 -38.10 26.67
C ASP A 276 38.89 -38.52 25.91
N SER A 277 37.80 -37.88 26.30
CA SER A 277 36.56 -37.94 25.57
C SER A 277 36.84 -37.74 24.10
N SER A 278 37.64 -36.71 23.82
CA SER A 278 38.06 -36.41 22.48
C SER A 278 38.70 -37.60 21.80
N GLU A 279 39.40 -38.46 22.56
CA GLU A 279 40.08 -39.63 21.99
C GLU A 279 39.10 -40.75 21.63
N ALA A 280 38.22 -41.10 22.57
CA ALA A 280 37.22 -42.13 22.31
C ALA A 280 36.33 -41.71 21.11
N MET A 281 35.84 -40.50 21.23
CA MET A 281 35.01 -39.96 20.17
C MET A 281 35.84 -39.76 18.91
N ASN A 282 37.17 -39.63 19.04
CA ASN A 282 38.02 -39.61 17.85
C ASN A 282 37.87 -40.91 17.08
N ASP A 283 37.94 -42.00 17.82
CA ASP A 283 37.76 -43.31 17.22
C ASP A 283 36.44 -43.42 16.46
N ILE A 284 35.35 -43.16 17.15
CA ILE A 284 34.04 -43.29 16.42
C ILE A 284 33.78 -42.25 15.34
N LEU A 285 34.17 -41.00 15.57
CA LEU A 285 34.02 -39.95 14.58
C LEU A 285 34.79 -40.32 13.32
N ALA A 286 35.95 -40.93 13.50
CA ALA A 286 36.70 -41.46 12.39
C ALA A 286 35.86 -42.50 11.66
N GLN A 287 35.39 -43.49 12.41
CA GLN A 287 34.56 -44.55 11.85
C GLN A 287 33.45 -44.02 10.97
N VAL A 288 32.64 -43.10 11.49
CA VAL A 288 31.46 -42.61 10.78
C VAL A 288 31.82 -41.69 9.62
N ALA A 289 32.79 -40.81 9.85
CA ALA A 289 33.25 -39.92 8.79
C ALA A 289 33.77 -40.70 7.59
N THR A 290 34.21 -41.93 7.84
CA THR A 290 34.66 -42.81 6.77
C THR A 290 33.53 -43.71 6.20
N ASN A 291 32.61 -44.14 7.06
CA ASN A 291 31.69 -45.22 6.74
C ASN A 291 30.31 -44.79 6.23
N THR A 292 29.84 -43.62 6.65
CA THR A 292 28.50 -43.18 6.28
C THR A 292 28.36 -42.93 4.76
N GLU A 293 27.16 -43.14 4.23
CA GLU A 293 26.91 -43.03 2.79
C GLU A 293 26.39 -41.62 2.45
N THR A 294 27.13 -40.92 1.60
CA THR A 294 26.80 -39.54 1.28
C THR A 294 26.05 -39.42 -0.03
N SER A 295 25.26 -40.44 -0.36
CA SER A 295 24.48 -40.42 -1.59
C SER A 295 23.18 -39.58 -1.39
N LYS A 296 22.62 -39.65 -0.19
CA LYS A 296 21.41 -39.00 0.17
C LYS A 296 21.58 -37.88 1.15
N ASN A 297 20.47 -37.19 1.48
CA ASN A 297 20.55 -36.06 2.39
C ASN A 297 20.90 -36.48 3.83
N VAL A 298 20.36 -37.63 4.21
CA VAL A 298 20.54 -38.17 5.55
C VAL A 298 22.02 -38.28 5.93
N GLY A 299 22.75 -39.04 5.12
CA GLY A 299 24.16 -39.27 5.34
C GLY A 299 24.95 -37.99 5.44
N ASN A 300 24.62 -37.06 4.55
CA ASN A 300 25.31 -35.79 4.51
C ASN A 300 25.02 -34.95 5.74
N ALA A 301 23.84 -35.17 6.33
CA ALA A 301 23.48 -34.48 7.55
C ALA A 301 24.31 -35.02 8.71
N ILE A 302 24.33 -36.36 8.83
CA ILE A 302 25.15 -37.03 9.82
C ILE A 302 26.61 -36.55 9.73
N LEU A 303 27.10 -36.50 8.51
CA LEU A 303 28.48 -36.10 8.25
C LEU A 303 28.69 -34.60 8.52
N TYR A 304 27.63 -33.80 8.31
CA TYR A 304 27.67 -32.39 8.59
C TYR A 304 27.93 -32.20 10.08
N GLU A 305 27.04 -32.76 10.90
CA GLU A 305 27.19 -32.61 12.34
C GLU A 305 28.48 -33.27 12.86
N THR A 306 28.86 -34.38 12.23
CA THR A 306 30.11 -35.07 12.56
C THR A 306 31.30 -34.14 12.39
N VAL A 307 31.39 -33.55 11.21
CA VAL A 307 32.44 -32.61 10.89
C VAL A 307 32.45 -31.45 11.86
N LEU A 308 31.29 -30.88 12.09
CA LEU A 308 31.14 -29.81 13.05
C LEU A 308 31.77 -30.19 14.38
N THR A 309 31.44 -31.38 14.86
CA THR A 309 32.00 -31.92 16.08
C THR A 309 33.52 -32.03 16.05
N ILE A 310 34.02 -32.78 15.08
CA ILE A 310 35.46 -33.02 14.91
C ILE A 310 36.27 -31.74 14.91
N MET A 311 35.78 -30.74 14.19
CA MET A 311 36.50 -29.49 14.04
C MET A 311 36.38 -28.57 15.26
N ASP A 312 35.23 -28.56 15.89
CA ASP A 312 35.00 -27.66 17.04
C ASP A 312 35.76 -28.11 18.27
N ILE A 313 35.89 -29.41 18.46
CA ILE A 313 36.61 -29.95 19.60
C ILE A 313 38.11 -30.05 19.35
N LYS A 314 38.88 -30.31 20.40
CA LYS A 314 40.33 -30.51 20.23
C LYS A 314 40.62 -31.98 20.08
N SER A 315 41.29 -32.35 18.99
CA SER A 315 41.48 -33.76 18.66
C SER A 315 42.66 -34.00 17.76
N GLU A 316 42.82 -35.25 17.33
CA GLU A 316 43.93 -35.65 16.48
C GLU A 316 43.83 -34.97 15.11
N SER A 317 44.87 -34.25 14.72
CA SER A 317 44.89 -33.54 13.44
C SER A 317 44.74 -34.47 12.24
N GLY A 318 45.13 -35.73 12.43
CA GLY A 318 44.98 -36.75 11.40
C GLY A 318 43.54 -36.93 10.96
N LEU A 319 42.61 -36.64 11.87
CA LEU A 319 41.19 -36.71 11.57
C LEU A 319 40.66 -35.37 11.10
N ARG A 320 41.16 -34.30 11.68
CA ARG A 320 40.74 -32.95 11.31
C ARG A 320 41.03 -32.67 9.84
N VAL A 321 42.16 -33.18 9.37
CA VAL A 321 42.51 -33.14 7.95
C VAL A 321 41.39 -33.76 7.14
N LEU A 322 40.96 -34.95 7.57
CA LEU A 322 39.90 -35.69 6.90
C LEU A 322 38.60 -34.90 6.87
N ALA A 323 38.33 -34.20 7.96
CA ALA A 323 37.15 -33.37 8.05
C ALA A 323 37.18 -32.21 7.05
N ILE A 324 38.31 -31.50 7.04
CA ILE A 324 38.51 -30.40 6.10
C ILE A 324 38.39 -30.89 4.66
N ASN A 325 38.90 -32.09 4.41
CA ASN A 325 38.74 -32.73 3.11
C ASN A 325 37.30 -32.93 2.76
N ILE A 326 36.54 -33.48 3.71
CA ILE A 326 35.11 -33.65 3.53
C ILE A 326 34.46 -32.32 3.12
N LEU A 327 34.78 -31.26 3.85
CA LEU A 327 34.25 -29.94 3.58
C LEU A 327 34.67 -29.44 2.20
N GLY A 328 35.86 -29.83 1.76
CA GLY A 328 36.33 -29.49 0.44
C GLY A 328 35.49 -30.14 -0.62
N ARG A 329 35.26 -31.44 -0.45
CA ARG A 329 34.44 -32.22 -1.38
C ARG A 329 33.01 -31.70 -1.40
N PHE A 330 32.55 -31.18 -0.27
CA PHE A 330 31.24 -30.59 -0.16
C PHE A 330 31.16 -29.28 -0.93
N LEU A 331 32.17 -28.45 -0.74
CA LEU A 331 32.23 -27.13 -1.33
C LEU A 331 32.18 -27.21 -2.85
N LEU A 332 32.72 -28.29 -3.40
CA LEU A 332 32.73 -28.49 -4.84
C LEU A 332 31.56 -29.34 -5.33
N ASN A 333 30.66 -29.72 -4.42
CA ASN A 333 29.49 -30.47 -4.82
C ASN A 333 28.55 -29.60 -5.64
N ASN A 334 27.70 -30.23 -6.42
CA ASN A 334 26.76 -29.53 -7.30
C ASN A 334 25.50 -29.10 -6.59
N ASP A 335 25.16 -29.83 -5.53
CA ASP A 335 23.99 -29.51 -4.74
C ASP A 335 24.23 -28.24 -3.94
N LYS A 336 23.52 -27.17 -4.30
CA LYS A 336 23.63 -25.88 -3.65
C LYS A 336 23.52 -25.98 -2.15
N ASN A 337 22.61 -26.83 -1.70
CA ASN A 337 22.44 -27.07 -0.29
C ASN A 337 23.74 -27.55 0.36
N ILE A 338 24.43 -28.49 -0.28
CA ILE A 338 25.69 -29.02 0.22
C ILE A 338 26.75 -27.92 0.34
N ARG A 339 26.89 -27.11 -0.71
CA ARG A 339 27.85 -26.02 -0.70
C ARG A 339 27.55 -25.04 0.42
N TYR A 340 26.27 -24.77 0.61
CA TYR A 340 25.83 -23.95 1.70
C TYR A 340 26.30 -24.55 3.03
N VAL A 341 26.06 -25.85 3.19
CA VAL A 341 26.50 -26.57 4.37
C VAL A 341 28.01 -26.39 4.61
N ALA A 342 28.78 -26.54 3.54
CA ALA A 342 30.23 -26.41 3.62
C ALA A 342 30.64 -25.02 4.10
N LEU A 343 30.16 -23.99 3.42
CA LEU A 343 30.45 -22.62 3.79
C LEU A 343 30.07 -22.29 5.22
N THR A 344 28.90 -22.78 5.63
CA THR A 344 28.42 -22.63 7.00
C THR A 344 29.40 -23.24 8.02
N SER A 345 29.72 -24.51 7.77
CA SER A 345 30.62 -25.26 8.61
C SER A 345 31.92 -24.52 8.79
N LEU A 346 32.52 -24.15 7.65
CA LEU A 346 33.77 -23.41 7.65
C LEU A 346 33.66 -22.12 8.43
N LEU A 347 32.53 -21.45 8.29
CA LEU A 347 32.30 -20.20 8.99
C LEU A 347 32.32 -20.41 10.49
N LYS A 348 31.76 -21.54 10.94
CA LYS A 348 31.73 -21.87 12.36
C LYS A 348 33.12 -22.11 12.90
N THR A 349 33.95 -22.81 12.12
CA THR A 349 35.29 -23.16 12.57
C THR A 349 36.37 -22.29 11.91
N VAL A 350 36.23 -20.97 12.02
CA VAL A 350 37.26 -20.04 11.55
C VAL A 350 37.94 -19.38 12.75
N GLN A 351 37.15 -19.14 13.80
CA GLN A 351 37.70 -18.62 15.05
C GLN A 351 38.57 -19.67 15.73
N THR A 352 38.62 -20.87 15.15
CA THR A 352 39.58 -21.89 15.55
C THR A 352 40.04 -22.62 14.30
N ASP A 353 41.28 -23.11 14.30
CA ASP A 353 41.85 -23.80 13.13
C ASP A 353 41.73 -22.94 11.87
N HIS A 354 42.03 -21.66 12.05
CA HIS A 354 41.97 -20.65 11.02
C HIS A 354 42.59 -21.10 9.69
N ASN A 355 43.78 -21.69 9.77
CA ASN A 355 44.50 -22.12 8.58
C ASN A 355 43.85 -23.29 7.85
N ALA A 356 43.18 -24.15 8.60
CA ALA A 356 42.47 -25.28 7.99
C ALA A 356 41.38 -24.77 7.03
N VAL A 357 40.82 -23.61 7.34
CA VAL A 357 39.87 -22.96 6.46
C VAL A 357 40.61 -22.16 5.39
N GLN A 358 41.73 -21.56 5.79
CA GLN A 358 42.55 -20.77 4.89
C GLN A 358 43.07 -21.52 3.67
N ARG A 359 42.71 -22.78 3.53
CA ARG A 359 43.13 -23.58 2.39
C ARG A 359 42.22 -23.36 1.20
N HIS A 360 41.00 -22.91 1.45
CA HIS A 360 39.99 -22.88 0.41
C HIS A 360 39.62 -21.48 -0.05
N ARG A 361 40.29 -20.47 0.49
CA ARG A 361 39.98 -19.07 0.20
C ARG A 361 39.70 -18.80 -1.28
N SER A 362 40.47 -19.44 -2.15
CA SER A 362 40.23 -19.32 -3.59
C SER A 362 38.81 -19.77 -3.94
N THR A 363 38.48 -21.01 -3.62
CA THR A 363 37.14 -21.56 -3.86
C THR A 363 36.03 -20.77 -3.17
N ILE A 364 36.26 -20.41 -1.91
CA ILE A 364 35.32 -19.61 -1.12
C ILE A 364 34.96 -18.30 -1.82
N VAL A 365 35.98 -17.54 -2.18
CA VAL A 365 35.79 -16.31 -2.90
C VAL A 365 35.14 -16.56 -4.27
N ASP A 366 35.51 -17.69 -4.90
CA ASP A 366 34.88 -18.11 -6.15
C ASP A 366 33.37 -18.30 -6.00
N CYS A 367 32.93 -18.58 -4.78
CA CYS A 367 31.52 -18.72 -4.53
C CYS A 367 30.76 -17.39 -4.52
N LEU A 368 31.49 -16.28 -4.53
CA LEU A 368 30.86 -14.96 -4.61
C LEU A 368 30.25 -14.75 -5.97
N LYS A 369 30.71 -15.51 -6.96
CA LYS A 369 30.16 -15.43 -8.30
C LYS A 369 28.94 -16.32 -8.46
N ASP A 370 28.65 -17.13 -7.44
CA ASP A 370 27.53 -18.06 -7.50
C ASP A 370 26.23 -17.27 -7.59
N LEU A 371 25.26 -17.84 -8.31
CA LEU A 371 24.02 -17.18 -8.54
C LEU A 371 23.08 -17.31 -7.37
N ASP A 372 23.24 -18.36 -6.58
CA ASP A 372 22.36 -18.58 -5.43
C ASP A 372 22.67 -17.55 -4.34
N VAL A 373 21.64 -16.82 -3.93
CA VAL A 373 21.80 -15.77 -2.94
C VAL A 373 22.29 -16.26 -1.56
N SER A 374 21.85 -17.45 -1.17
CA SER A 374 22.31 -18.05 0.08
C SER A 374 23.82 -18.35 0.02
N ILE A 375 24.22 -19.08 -1.02
CA ILE A 375 25.61 -19.38 -1.27
C ILE A 375 26.44 -18.10 -1.28
N LYS A 376 25.97 -17.12 -2.05
CA LYS A 376 26.69 -15.88 -2.21
C LYS A 376 26.92 -15.18 -0.88
N ARG A 377 25.89 -15.13 -0.09
CA ARG A 377 25.95 -14.44 1.19
C ARG A 377 26.91 -15.13 2.15
N ARG A 378 26.77 -16.45 2.29
CA ARG A 378 27.67 -17.20 3.16
C ARG A 378 29.10 -17.03 2.71
N ALA A 379 29.28 -17.02 1.39
CA ALA A 379 30.60 -16.80 0.81
C ALA A 379 31.16 -15.43 1.20
N MET A 380 30.32 -14.43 1.20
CA MET A 380 30.72 -13.10 1.60
C MET A 380 31.16 -13.06 3.06
N GLU A 381 30.32 -13.63 3.92
CA GLU A 381 30.59 -13.66 5.36
C GLU A 381 31.92 -14.35 5.65
N LEU A 382 32.09 -15.52 5.03
CA LEU A 382 33.34 -16.26 5.17
C LEU A 382 34.53 -15.47 4.66
N SER A 383 34.36 -14.84 3.51
CA SER A 383 35.38 -14.01 2.88
C SER A 383 35.88 -12.93 3.82
N PHE A 384 34.95 -12.22 4.43
CA PHE A 384 35.33 -11.22 5.43
C PHE A 384 36.04 -11.92 6.62
N ALA A 385 35.57 -13.10 6.97
CA ALA A 385 36.11 -13.83 8.10
C ALA A 385 37.50 -14.41 7.82
N LEU A 386 37.96 -14.26 6.58
CA LEU A 386 39.23 -14.82 6.18
C LEU A 386 40.34 -13.80 6.03
N VAL A 387 39.99 -12.53 6.08
CA VAL A 387 40.95 -11.45 5.91
C VAL A 387 41.95 -11.38 7.05
N ASN A 388 43.25 -11.33 6.73
CA ASN A 388 44.31 -11.13 7.72
C ASN A 388 45.14 -9.92 7.36
N GLY A 389 46.25 -9.75 8.08
CA GLY A 389 47.16 -8.66 7.79
C GLY A 389 47.99 -8.91 6.57
N ASN A 390 47.90 -10.13 6.02
CA ASN A 390 48.66 -10.51 4.85
C ASN A 390 47.92 -10.32 3.56
N ASN A 391 46.79 -11.01 3.46
CA ASN A 391 45.98 -11.03 2.26
C ASN A 391 45.11 -9.79 2.10
N ILE A 392 45.13 -8.92 3.10
CA ILE A 392 44.26 -7.75 3.10
C ILE A 392 44.41 -6.88 1.85
N ARG A 393 45.65 -6.72 1.37
CA ARG A 393 45.91 -5.93 0.17
C ARG A 393 45.15 -6.48 -1.03
N GLY A 394 45.04 -7.81 -1.08
CA GLY A 394 44.49 -8.51 -2.22
C GLY A 394 43.03 -8.75 -2.07
N MET A 395 42.65 -9.39 -0.96
CA MET A 395 41.26 -9.69 -0.65
C MET A 395 40.36 -8.49 -0.84
N MET A 396 40.83 -7.34 -0.39
CA MET A 396 40.08 -6.11 -0.55
C MET A 396 39.68 -5.88 -2.00
N LYS A 397 40.63 -5.92 -2.90
CA LYS A 397 40.40 -5.75 -4.34
C LYS A 397 39.25 -6.64 -4.74
N GLU A 398 39.19 -7.85 -4.19
CA GLU A 398 38.13 -8.77 -4.48
C GLU A 398 36.81 -8.27 -3.87
N LEU A 399 36.82 -8.11 -2.55
CA LEU A 399 35.63 -7.68 -1.81
C LEU A 399 35.08 -6.41 -2.37
N LEU A 400 35.96 -5.43 -2.53
CA LEU A 400 35.59 -4.15 -3.11
C LEU A 400 34.97 -4.35 -4.49
N TYR A 401 35.59 -5.19 -5.30
CA TYR A 401 35.03 -5.50 -6.60
C TYR A 401 33.63 -6.03 -6.41
N PHE A 402 33.50 -7.00 -5.49
CA PHE A 402 32.21 -7.61 -5.19
C PHE A 402 31.22 -6.55 -4.77
N LEU A 403 31.69 -5.52 -4.07
CA LEU A 403 30.82 -4.44 -3.64
C LEU A 403 30.25 -3.69 -4.82
N ASP A 404 31.07 -3.48 -5.82
CA ASP A 404 30.70 -2.62 -6.92
C ASP A 404 29.67 -3.31 -7.82
N SER A 405 29.88 -4.58 -8.11
CA SER A 405 28.97 -5.33 -8.96
C SER A 405 27.90 -6.03 -8.16
N CYS A 406 27.65 -5.53 -6.97
CA CYS A 406 26.71 -6.18 -6.05
C CYS A 406 25.26 -5.91 -6.43
N GLU A 407 24.42 -6.86 -6.12
CA GLU A 407 22.98 -6.68 -6.16
C GLU A 407 22.61 -6.09 -4.77
N PRO A 408 21.68 -5.13 -4.77
CA PRO A 408 21.31 -4.27 -3.67
C PRO A 408 21.39 -4.89 -2.26
N GLU A 409 20.80 -6.06 -2.06
CA GLU A 409 20.68 -6.66 -0.73
C GLU A 409 22.01 -6.89 -0.03
N PHE A 410 23.11 -6.87 -0.78
CA PHE A 410 24.42 -7.18 -0.20
C PHE A 410 25.23 -5.93 0.14
N LYS A 411 24.94 -4.83 -0.55
CA LYS A 411 25.78 -3.64 -0.46
C LYS A 411 26.00 -3.09 0.94
N ALA A 412 24.94 -2.99 1.73
CA ALA A 412 25.06 -2.50 3.09
C ALA A 412 26.02 -3.34 3.91
N ASP A 413 25.75 -4.64 3.92
CA ASP A 413 26.62 -5.58 4.64
C ASP A 413 28.06 -5.56 4.17
N CYS A 414 28.22 -5.45 2.84
CA CYS A 414 29.55 -5.48 2.23
C CYS A 414 30.36 -4.27 2.64
N ALA A 415 29.75 -3.09 2.52
CA ALA A 415 30.40 -1.87 2.98
C ALA A 415 30.77 -1.99 4.45
N SER A 416 29.83 -2.47 5.25
CA SER A 416 30.05 -2.64 6.69
C SER A 416 31.29 -3.48 6.98
N GLY A 417 31.32 -4.68 6.40
CA GLY A 417 32.46 -5.56 6.59
C GLY A 417 33.77 -5.00 6.05
N ILE A 418 33.70 -4.30 4.93
CA ILE A 418 34.87 -3.64 4.37
C ILE A 418 35.47 -2.64 5.36
N PHE A 419 34.60 -1.75 5.85
CA PHE A 419 35.00 -0.78 6.87
C PHE A 419 35.64 -1.46 8.05
N LEU A 420 35.01 -2.54 8.51
CA LEU A 420 35.48 -3.27 9.66
C LEU A 420 36.87 -3.82 9.46
N ALA A 421 37.06 -4.59 8.39
CA ALA A 421 38.36 -5.16 8.09
C ALA A 421 39.44 -4.08 7.90
N ALA A 422 39.13 -3.06 7.11
CA ALA A 422 40.05 -1.95 6.89
C ALA A 422 40.42 -1.25 8.19
N GLU A 423 39.49 -1.24 9.14
CA GLU A 423 39.75 -0.71 10.46
C GLU A 423 40.72 -1.60 11.21
N LYS A 424 40.49 -2.92 11.12
CA LYS A 424 41.35 -3.87 11.80
C LYS A 424 42.73 -3.99 11.16
N TYR A 425 42.78 -4.21 9.86
CA TYR A 425 44.03 -4.58 9.20
C TYR A 425 44.44 -3.65 8.07
N ALA A 426 44.60 -2.37 8.35
CA ALA A 426 45.04 -1.41 7.33
C ALA A 426 46.56 -1.31 7.34
N PRO A 427 47.19 -1.73 6.23
CA PRO A 427 48.61 -1.54 5.99
C PRO A 427 49.05 -0.11 6.20
N SER A 428 48.51 0.82 5.43
CA SER A 428 48.84 2.24 5.60
C SER A 428 47.58 3.06 5.92
N LYS A 429 47.77 4.35 6.17
CA LYS A 429 46.67 5.28 6.32
C LYS A 429 46.22 5.76 4.94
N ARG A 430 47.16 5.82 4.01
CA ARG A 430 46.88 6.16 2.61
C ARG A 430 45.93 5.12 2.03
N TRP A 431 46.24 3.85 2.29
CA TRP A 431 45.46 2.73 1.81
C TRP A 431 44.09 2.72 2.47
N HIS A 432 44.08 2.87 3.79
CA HIS A 432 42.84 2.88 4.55
C HIS A 432 41.89 3.98 4.06
N ILE A 433 42.41 5.20 3.99
CA ILE A 433 41.66 6.34 3.49
C ILE A 433 41.18 6.09 2.05
N ASP A 434 42.06 5.53 1.24
CA ASP A 434 41.73 5.20 -0.15
C ASP A 434 40.52 4.29 -0.26
N THR A 435 40.56 3.18 0.46
CA THR A 435 39.44 2.24 0.47
C THR A 435 38.18 2.89 1.02
N ILE A 436 38.35 3.75 2.02
CA ILE A 436 37.21 4.46 2.62
C ILE A 436 36.51 5.35 1.60
N MET A 437 37.29 6.19 0.94
CA MET A 437 36.77 7.07 -0.10
C MET A 437 36.13 6.28 -1.21
N ARG A 438 36.77 5.17 -1.53
CA ARG A 438 36.27 4.26 -2.54
C ARG A 438 34.87 3.79 -2.18
N VAL A 439 34.68 3.32 -0.95
CA VAL A 439 33.39 2.84 -0.49
C VAL A 439 32.36 3.95 -0.45
N LEU A 440 32.75 5.10 0.10
CA LEU A 440 31.88 6.26 0.17
C LEU A 440 31.44 6.77 -1.20
N THR A 441 32.20 6.42 -2.23
CA THR A 441 31.88 6.87 -3.58
C THR A 441 31.14 5.84 -4.41
N THR A 442 31.51 4.56 -4.27
CA THR A 442 30.91 3.49 -5.06
C THR A 442 29.65 2.94 -4.42
N ALA A 443 29.58 2.97 -3.11
CA ALA A 443 28.40 2.47 -2.39
C ALA A 443 27.60 3.64 -1.91
N GLY A 444 28.24 4.54 -1.15
CA GLY A 444 27.60 5.78 -0.75
C GLY A 444 26.42 5.54 0.13
N SER A 445 25.21 5.67 -0.44
CA SER A 445 23.98 5.63 0.35
C SER A 445 23.84 4.37 1.19
N TYR A 446 24.48 3.29 0.76
CA TYR A 446 24.36 2.00 1.43
C TYR A 446 25.10 1.91 2.75
N VAL A 447 25.95 2.88 3.05
CA VAL A 447 26.64 2.85 4.32
C VAL A 447 25.82 3.54 5.40
N ARG A 448 25.80 2.91 6.56
CA ARG A 448 25.08 3.42 7.70
C ARG A 448 25.54 4.82 8.08
N ASP A 449 24.63 5.67 8.51
CA ASP A 449 24.97 7.01 8.99
C ASP A 449 25.81 6.87 10.25
N ASP A 450 25.48 5.87 11.06
CA ASP A 450 26.19 5.61 12.30
C ASP A 450 27.62 5.14 12.07
N ALA A 451 27.99 4.90 10.82
CA ALA A 451 29.36 4.55 10.48
C ALA A 451 30.22 5.80 10.35
N VAL A 452 29.58 6.93 10.04
CA VAL A 452 30.27 8.20 9.84
C VAL A 452 31.23 8.60 10.95
N PRO A 453 30.79 8.54 12.22
CA PRO A 453 31.71 8.97 13.28
C PRO A 453 33.01 8.15 13.33
N ASN A 454 32.90 6.83 13.22
CA ASN A 454 34.06 5.95 13.26
C ASN A 454 35.03 6.24 12.13
N LEU A 455 34.54 6.78 11.02
CA LEU A 455 35.39 7.15 9.90
C LEU A 455 36.18 8.39 10.20
N ILE A 456 35.49 9.46 10.58
CA ILE A 456 36.12 10.72 10.97
C ILE A 456 37.24 10.51 12.00
N GLN A 457 36.96 9.69 13.01
CA GLN A 457 37.95 9.35 14.03
C GLN A 457 39.26 8.82 13.42
N LEU A 458 39.12 8.01 12.37
CA LEU A 458 40.28 7.39 11.75
C LEU A 458 41.05 8.35 10.87
N ILE A 459 40.36 9.29 10.24
CA ILE A 459 41.03 10.28 9.41
C ILE A 459 41.59 11.42 10.26
N THR A 460 41.06 11.55 11.48
CA THR A 460 41.51 12.58 12.39
C THR A 460 42.72 12.12 13.23
N ASN A 461 42.91 10.80 13.33
CA ASN A 461 44.08 10.23 13.98
C ASN A 461 45.18 9.97 12.98
N SER A 462 44.98 10.47 11.77
CA SER A 462 45.98 10.35 10.72
C SER A 462 46.37 11.73 10.21
N VAL A 463 47.14 12.44 11.03
CA VAL A 463 47.51 13.84 10.80
C VAL A 463 48.24 14.08 9.48
N GLU A 464 49.21 13.23 9.19
CA GLU A 464 50.04 13.38 7.99
C GLU A 464 49.23 13.43 6.70
N MET A 465 48.13 12.68 6.67
CA MET A 465 47.23 12.68 5.53
C MET A 465 46.43 13.96 5.50
N HIS A 466 45.41 14.02 6.35
CA HIS A 466 44.55 15.21 6.52
C HIS A 466 44.27 15.96 5.24
N ALA A 467 45.14 16.93 4.95
CA ALA A 467 44.98 17.80 3.78
C ALA A 467 44.73 17.03 2.48
N TYR A 468 45.39 15.90 2.33
CA TYR A 468 45.15 15.03 1.19
C TYR A 468 43.75 14.46 1.20
N THR A 469 43.42 13.81 2.33
CA THR A 469 42.08 13.29 2.55
C THR A 469 41.01 14.35 2.25
N VAL A 470 41.25 15.55 2.73
CA VAL A 470 40.35 16.67 2.49
C VAL A 470 40.25 17.03 1.02
N GLN A 471 41.42 17.07 0.35
CA GLN A 471 41.47 17.34 -1.08
C GLN A 471 40.55 16.40 -1.84
N ARG A 472 40.75 15.10 -1.65
CA ARG A 472 39.95 14.13 -2.38
C ARG A 472 38.52 14.08 -1.89
N LEU A 473 38.28 14.62 -0.70
CA LEU A 473 36.94 14.66 -0.15
C LEU A 473 36.12 15.73 -0.88
N TYR A 474 36.67 16.95 -0.93
CA TYR A 474 36.09 18.04 -1.69
C TYR A 474 35.89 17.62 -3.13
N LYS A 475 36.95 17.07 -3.71
CA LYS A 475 36.92 16.56 -5.08
C LYS A 475 35.81 15.52 -5.25
N ALA A 476 35.56 14.73 -4.22
CA ALA A 476 34.49 13.76 -4.27
C ALA A 476 33.12 14.41 -4.30
N ILE A 477 32.88 15.36 -3.40
CA ILE A 477 31.53 15.93 -3.28
C ILE A 477 31.16 16.87 -4.41
N LEU A 478 32.15 17.50 -5.05
CA LEU A 478 31.81 18.39 -6.14
C LEU A 478 31.18 17.60 -7.31
N GLY A 479 31.49 16.31 -7.37
CA GLY A 479 30.87 15.41 -8.33
C GLY A 479 29.39 15.27 -8.07
N ASP A 480 29.04 14.68 -6.93
CA ASP A 480 27.62 14.60 -6.53
C ASP A 480 27.50 14.58 -5.01
N TYR A 481 26.61 15.42 -4.51
CA TYR A 481 26.33 15.44 -3.10
C TYR A 481 24.99 14.78 -2.81
N SER A 482 24.81 13.59 -3.38
CA SER A 482 23.61 12.80 -3.14
C SER A 482 23.88 11.80 -2.03
N GLN A 483 24.94 11.03 -2.18
CA GLN A 483 25.35 10.07 -1.16
C GLN A 483 25.70 10.79 0.16
N GLN A 484 24.81 10.64 1.13
CA GLN A 484 24.78 11.47 2.32
C GLN A 484 25.95 11.33 3.30
N PRO A 485 26.29 10.10 3.72
CA PRO A 485 27.41 9.98 4.66
C PRO A 485 28.70 10.58 4.09
N LEU A 486 28.86 10.43 2.78
CA LEU A 486 29.99 11.02 2.08
C LEU A 486 30.06 12.52 2.30
N VAL A 487 28.93 13.22 2.11
CA VAL A 487 28.94 14.67 2.30
C VAL A 487 29.03 15.06 3.77
N GLN A 488 28.63 14.15 4.65
CA GLN A 488 28.79 14.40 6.08
C GLN A 488 30.26 14.43 6.44
N VAL A 489 30.94 13.29 6.24
CA VAL A 489 32.37 13.17 6.43
C VAL A 489 33.09 14.35 5.77
N ALA A 490 32.76 14.56 4.50
CA ALA A 490 33.39 15.59 3.72
C ALA A 490 33.25 16.97 4.33
N ALA A 491 32.00 17.48 4.35
CA ALA A 491 31.73 18.81 4.86
C ALA A 491 32.34 19.03 6.23
N TRP A 492 32.37 17.98 7.06
CA TRP A 492 33.00 18.12 8.36
C TRP A 492 34.50 18.37 8.22
N CYS A 493 35.15 17.59 7.37
CA CYS A 493 36.58 17.73 7.14
C CYS A 493 36.94 19.06 6.48
N ILE A 494 36.08 19.54 5.59
CA ILE A 494 36.23 20.86 4.99
C ILE A 494 36.16 21.90 6.09
N GLY A 495 35.19 21.72 6.97
CA GLY A 495 35.03 22.58 8.12
C GLY A 495 36.31 22.69 8.91
N GLU A 496 36.78 21.56 9.45
CA GLU A 496 38.00 21.55 10.25
C GLU A 496 39.23 21.97 9.49
N TYR A 497 39.45 21.39 8.30
CA TYR A 497 40.70 21.59 7.60
C TYR A 497 40.54 22.43 6.33
N GLY A 498 39.81 23.53 6.46
CA GLY A 498 39.57 24.42 5.34
C GLY A 498 40.82 25.07 4.84
N ASP A 499 41.65 25.55 5.77
CA ASP A 499 42.91 26.18 5.40
C ASP A 499 43.81 25.21 4.66
N LEU A 500 43.95 23.99 5.19
CA LEU A 500 44.79 22.97 4.59
C LEU A 500 44.29 22.62 3.21
N LEU A 501 42.98 22.72 3.02
CA LEU A 501 42.37 22.51 1.72
C LEU A 501 42.78 23.61 0.75
N VAL A 502 42.55 24.87 1.16
CA VAL A 502 42.84 26.01 0.31
C VAL A 502 44.33 26.15 0.02
N SER A 503 45.16 25.91 1.03
CA SER A 503 46.61 25.97 0.87
C SER A 503 47.08 24.89 -0.10
N GLY A 504 47.33 25.28 -1.35
CA GLY A 504 47.69 24.32 -2.40
C GLY A 504 48.99 23.57 -2.11
N GLN A 505 49.03 22.88 -1.00
CA GLN A 505 50.20 22.12 -0.58
C GLN A 505 49.78 20.77 0.01
N CYS A 506 50.18 19.71 -0.67
CA CYS A 506 49.84 18.38 -0.24
C CYS A 506 51.05 17.46 -0.39
N GLU A 507 51.62 17.05 0.73
CA GLU A 507 52.80 16.18 0.72
C GLU A 507 52.39 14.72 0.69
N GLU A 508 51.58 14.36 -0.31
CA GLU A 508 51.14 12.99 -0.52
C GLU A 508 50.66 12.77 -1.94
N GLU A 509 50.14 13.83 -2.57
CA GLU A 509 49.88 13.83 -4.00
C GLU A 509 49.83 15.26 -4.52
N GLU A 510 49.88 15.44 -5.84
CA GLU A 510 49.81 16.75 -6.48
C GLU A 510 48.54 17.49 -6.05
N PRO A 511 48.70 18.60 -5.33
CA PRO A 511 47.56 19.42 -4.86
C PRO A 511 46.73 19.93 -6.03
N ILE A 512 45.46 20.20 -5.81
CA ILE A 512 44.61 20.74 -6.87
C ILE A 512 44.35 22.22 -6.59
N GLN A 513 44.19 22.99 -7.67
CA GLN A 513 43.91 24.42 -7.58
C GLN A 513 42.54 24.62 -6.92
N VAL A 514 42.54 25.23 -5.75
CA VAL A 514 41.30 25.45 -5.00
C VAL A 514 41.17 26.93 -4.67
N THR A 515 40.03 27.30 -4.12
CA THR A 515 39.77 28.71 -3.78
C THR A 515 39.05 28.83 -2.45
N GLU A 516 38.09 29.75 -2.40
CA GLU A 516 37.28 29.93 -1.21
C GLU A 516 35.83 30.11 -1.58
N ASP A 517 35.59 30.81 -2.68
CA ASP A 517 34.24 31.09 -3.14
C ASP A 517 33.63 29.83 -3.70
N GLU A 518 34.45 28.97 -4.30
CA GLU A 518 33.98 27.70 -4.84
C GLU A 518 33.62 26.74 -3.70
N VAL A 519 34.40 26.78 -2.63
CA VAL A 519 34.09 26.04 -1.41
C VAL A 519 32.73 26.49 -0.88
N LEU A 520 32.56 27.79 -0.77
CA LEU A 520 31.29 28.38 -0.34
C LEU A 520 30.17 27.97 -1.25
N ASP A 521 30.48 27.84 -2.54
CA ASP A 521 29.49 27.40 -3.52
C ASP A 521 29.05 25.98 -3.22
N ILE A 522 30.00 25.10 -2.93
CA ILE A 522 29.68 23.71 -2.69
C ILE A 522 28.96 23.52 -1.35
N LEU A 523 29.33 24.31 -0.34
CA LEU A 523 28.69 24.21 0.96
C LEU A 523 27.29 24.79 0.96
N GLU A 524 27.13 25.92 0.25
CA GLU A 524 25.81 26.50 0.07
C GLU A 524 24.93 25.55 -0.74
N SER A 525 25.53 24.91 -1.74
CA SER A 525 24.82 23.94 -2.56
C SER A 525 24.36 22.77 -1.69
N VAL A 526 25.21 22.34 -0.78
CA VAL A 526 24.85 21.31 0.18
C VAL A 526 23.70 21.77 1.09
N LEU A 527 23.79 23.00 1.55
CA LEU A 527 22.76 23.57 2.43
C LEU A 527 21.40 23.69 1.79
N ILE A 528 21.37 24.14 0.54
CA ILE A 528 20.10 24.41 -0.15
C ILE A 528 19.47 23.15 -0.74
N SER A 529 20.30 22.27 -1.27
CA SER A 529 19.82 21.08 -1.98
C SER A 529 18.79 20.25 -1.23
N ASN A 530 17.78 19.80 -1.97
CA ASN A 530 16.74 18.94 -1.42
C ASN A 530 17.27 17.61 -0.92
N MET A 531 18.35 17.14 -1.55
CA MET A 531 18.92 15.85 -1.24
C MET A 531 19.56 15.86 0.13
N SER A 532 19.94 17.04 0.61
CA SER A 532 20.58 17.14 1.92
C SER A 532 19.60 17.01 3.08
N THR A 533 19.85 16.07 3.97
CA THR A 533 19.04 15.86 5.15
C THR A 533 19.27 17.04 6.09
N SER A 534 18.58 17.00 7.24
CA SER A 534 18.75 18.06 8.24
C SER A 534 20.12 17.97 8.91
N VAL A 535 20.53 16.75 9.25
CA VAL A 535 21.79 16.56 9.98
C VAL A 535 23.03 16.98 9.19
N THR A 536 22.96 16.79 7.88
CA THR A 536 24.06 17.14 7.01
C THR A 536 24.06 18.65 6.76
N ARG A 537 22.88 19.24 6.77
CA ARG A 537 22.76 20.68 6.75
C ARG A 537 23.46 21.25 7.99
N GLY A 538 23.26 20.57 9.12
CA GLY A 538 23.95 20.91 10.34
C GLY A 538 25.48 20.86 10.14
N TYR A 539 25.94 19.70 9.67
CA TYR A 539 27.35 19.48 9.39
C TYR A 539 27.95 20.62 8.57
N ALA A 540 27.29 20.92 7.46
CA ALA A 540 27.74 21.96 6.56
C ALA A 540 27.76 23.35 7.22
N LEU A 541 26.71 23.65 7.98
CA LEU A 541 26.61 24.94 8.64
C LEU A 541 27.75 25.16 9.63
N THR A 542 27.86 24.24 10.58
CA THR A 542 28.96 24.30 11.56
C THR A 542 30.32 24.34 10.84
N ALA A 543 30.42 23.60 9.75
CA ALA A 543 31.62 23.61 8.94
C ALA A 543 31.97 25.02 8.46
N ILE A 544 31.00 25.70 7.86
CA ILE A 544 31.19 27.05 7.41
C ILE A 544 31.64 27.94 8.58
N MET A 545 31.02 27.71 9.73
CA MET A 545 31.36 28.46 10.91
C MET A 545 32.84 28.30 11.24
N LYS A 546 33.36 27.08 11.07
CA LYS A 546 34.79 26.84 11.27
C LYS A 546 35.62 27.56 10.22
N LEU A 547 35.09 27.61 9.00
CA LEU A 547 35.75 28.30 7.91
C LEU A 547 35.92 29.78 8.22
N SER A 548 35.03 30.33 9.05
CA SER A 548 35.17 31.72 9.47
C SER A 548 36.53 32.00 10.11
N THR A 549 36.97 31.09 10.97
CA THR A 549 38.29 31.21 11.61
C THR A 549 39.39 30.74 10.69
N ARG A 550 39.17 29.62 10.04
CA ARG A 550 40.18 29.04 9.17
C ARG A 550 40.44 29.82 7.88
N PHE A 551 39.54 30.74 7.55
CA PHE A 551 39.75 31.55 6.37
C PHE A 551 39.87 33.04 6.67
N THR A 552 40.46 33.77 5.73
CA THR A 552 40.84 35.16 5.93
C THR A 552 40.26 36.14 4.91
N CYS A 553 40.14 35.70 3.65
CA CYS A 553 39.73 36.60 2.58
C CYS A 553 38.25 36.99 2.62
N THR A 554 37.38 36.01 2.49
CA THR A 554 35.95 36.29 2.33
C THR A 554 35.12 35.79 3.49
N VAL A 555 35.28 36.41 4.65
CA VAL A 555 34.54 36.02 5.85
C VAL A 555 33.16 36.70 5.85
N ASN A 556 33.08 37.86 5.22
CA ASN A 556 31.87 38.64 5.17
C ASN A 556 30.72 37.92 4.47
N ARG A 557 31.09 37.20 3.42
CA ARG A 557 30.13 36.44 2.63
C ARG A 557 29.47 35.35 3.47
N ILE A 558 30.27 34.71 4.31
CA ILE A 558 29.76 33.62 5.14
C ILE A 558 29.03 34.18 6.36
N LYS A 559 29.37 35.41 6.72
CA LYS A 559 28.59 36.13 7.72
C LYS A 559 27.17 36.36 7.17
N LYS A 560 27.12 36.75 5.90
CA LYS A 560 25.86 36.85 5.18
C LYS A 560 25.13 35.50 5.17
N VAL A 561 25.89 34.44 4.92
CA VAL A 561 25.34 33.08 4.89
C VAL A 561 24.64 32.73 6.21
N VAL A 562 25.36 32.88 7.31
CA VAL A 562 24.82 32.56 8.61
C VAL A 562 23.62 33.46 8.97
N SER A 563 23.71 34.71 8.53
CA SER A 563 22.64 35.68 8.75
C SER A 563 21.34 35.20 8.11
N ILE A 564 21.39 34.90 6.81
CA ILE A 564 20.20 34.46 6.10
C ILE A 564 19.72 33.10 6.56
N TYR A 565 20.64 32.26 7.05
CA TYR A 565 20.27 30.92 7.50
C TYR A 565 19.88 30.88 8.98
N GLY A 566 19.81 32.04 9.61
CA GLY A 566 19.38 32.11 10.98
C GLY A 566 17.87 32.14 11.14
N SER A 567 17.14 31.81 10.07
CA SER A 567 15.68 31.91 10.14
C SER A 567 14.94 30.71 9.59
N SER A 568 15.65 29.63 9.30
CA SER A 568 14.98 28.45 8.70
C SER A 568 14.01 27.82 9.71
N ILE A 569 13.19 26.89 9.25
CA ILE A 569 12.30 26.17 10.12
C ILE A 569 13.04 25.09 10.91
N ASP A 570 14.26 24.77 10.45
CA ASP A 570 15.06 23.78 11.14
C ASP A 570 15.52 24.34 12.47
N VAL A 571 15.13 23.66 13.55
CA VAL A 571 15.40 24.10 14.90
C VAL A 571 16.90 24.20 15.12
N GLU A 572 17.62 23.11 14.86
CA GLU A 572 19.06 23.08 14.99
C GLU A 572 19.73 24.17 14.21
N LEU A 573 19.42 24.21 12.91
CA LEU A 573 20.04 25.21 12.03
C LEU A 573 19.81 26.63 12.52
N GLN A 574 18.58 26.90 12.96
CA GLN A 574 18.25 28.24 13.43
C GLN A 574 19.01 28.59 14.72
N GLN A 575 18.98 27.68 15.70
CA GLN A 575 19.72 27.86 16.94
C GLN A 575 21.19 28.18 16.64
N ARG A 576 21.85 27.28 15.92
CA ARG A 576 23.23 27.42 15.54
C ARG A 576 23.49 28.74 14.86
N ALA A 577 22.84 28.96 13.74
CA ALA A 577 23.06 30.16 12.94
C ALA A 577 22.81 31.47 13.71
N VAL A 578 21.88 31.41 14.66
CA VAL A 578 21.62 32.58 15.51
C VAL A 578 22.78 32.81 16.49
N GLU A 579 23.26 31.73 17.11
CA GLU A 579 24.44 31.83 17.99
C GLU A 579 25.60 32.41 17.22
N TYR A 580 25.85 31.85 16.04
CA TYR A 580 26.97 32.25 15.22
C TYR A 580 26.86 33.71 14.80
N ASN A 581 25.64 34.12 14.42
CA ASN A 581 25.38 35.50 14.07
C ASN A 581 25.64 36.43 15.25
N ALA A 582 25.31 35.96 16.45
CA ALA A 582 25.60 36.73 17.67
C ALA A 582 27.11 36.90 17.80
N LEU A 583 27.85 35.83 17.58
CA LEU A 583 29.31 35.87 17.62
C LEU A 583 29.90 36.88 16.66
N PHE A 584 29.47 36.82 15.40
CA PHE A 584 29.93 37.77 14.40
C PHE A 584 29.56 39.21 14.75
N LYS A 585 28.31 39.41 15.14
CA LYS A 585 27.79 40.74 15.44
C LYS A 585 28.47 41.38 16.64
N LYS A 586 28.87 40.56 17.60
CA LYS A 586 29.42 41.07 18.83
C LYS A 586 30.86 40.66 19.13
N TYR A 587 31.14 39.36 19.09
CA TYR A 587 32.42 38.85 19.61
C TYR A 587 33.39 38.33 18.57
N ASP A 588 33.63 39.10 17.52
CA ASP A 588 34.44 38.66 16.36
C ASP A 588 35.81 38.10 16.71
N HIS A 589 36.22 38.31 17.96
CA HIS A 589 37.55 37.92 18.42
C HIS A 589 37.53 36.54 19.09
N MET A 590 36.36 36.14 19.60
CA MET A 590 36.24 34.90 20.30
C MET A 590 36.30 33.68 19.38
N ARG A 591 35.98 33.85 18.10
CA ARG A 591 35.96 32.70 17.18
C ARG A 591 37.31 32.01 17.08
N SER A 592 38.38 32.81 16.95
CA SER A 592 39.72 32.24 16.94
C SER A 592 39.96 31.38 18.18
N ALA A 593 39.34 31.78 19.28
CA ALA A 593 39.48 31.08 20.54
C ALA A 593 38.67 29.79 20.59
N LEU A 594 37.43 29.82 20.12
CA LEU A 594 36.57 28.63 20.19
C LEU A 594 36.40 27.85 18.88
N LEU A 595 36.58 28.51 17.76
CA LEU A 595 36.48 27.81 16.47
C LEU A 595 37.85 27.33 15.97
N GLU A 596 38.54 26.55 16.80
CA GLU A 596 39.74 25.86 16.34
C GLU A 596 39.57 24.37 16.57
N ARG A 597 40.49 23.60 15.99
CA ARG A 597 40.44 22.16 15.95
C ARG A 597 40.07 21.50 17.27
N MET A 598 39.23 20.49 17.17
CA MET A 598 38.73 19.80 18.32
C MET A 598 39.74 18.76 18.77
N PRO A 599 39.68 18.37 20.06
CA PRO A 599 40.49 17.28 20.56
C PRO A 599 40.28 16.00 19.75
N VAL A 600 41.23 15.08 19.86
CA VAL A 600 41.21 13.84 19.12
C VAL A 600 40.93 12.66 20.06
N MET A 601 39.96 11.82 19.71
CA MET A 601 39.65 10.68 20.58
C MET A 601 40.53 9.48 20.23
N GLU A 602 40.24 8.33 20.86
CA GLU A 602 40.82 7.04 20.51
C GLU A 602 41.00 6.75 19.04
N MET B 1 17.14 -26.18 18.46
CA MET B 1 15.74 -25.81 18.74
C MET B 1 15.13 -25.13 17.53
N MET B 2 13.89 -25.48 17.24
CA MET B 2 13.12 -24.83 16.20
C MET B 2 12.28 -23.72 16.81
N ARG B 3 12.52 -22.49 16.40
CA ARG B 3 11.74 -21.35 16.87
C ARG B 3 10.26 -21.44 16.48
N PHE B 4 10.04 -21.74 15.21
CA PHE B 4 8.67 -21.93 14.73
C PHE B 4 8.66 -22.76 13.47
N MET B 5 7.46 -23.26 13.15
CA MET B 5 7.28 -23.95 11.89
C MET B 5 6.01 -23.45 11.23
N LEU B 6 6.12 -23.12 9.93
CA LEU B 6 4.98 -22.68 9.19
C LEU B 6 4.67 -23.58 8.04
N LEU B 7 3.39 -23.81 7.76
CA LEU B 7 2.96 -24.37 6.46
C LEU B 7 2.14 -23.32 5.74
N PHE B 8 2.59 -22.91 4.56
CA PHE B 8 1.79 -21.93 3.77
C PHE B 8 1.75 -22.27 2.28
N SER B 9 0.67 -21.92 1.59
CA SER B 9 0.52 -22.29 0.18
C SER B 9 1.43 -21.44 -0.70
N ARG B 10 1.60 -21.87 -1.94
CA ARG B 10 2.33 -21.16 -2.96
C ARG B 10 1.85 -19.74 -3.08
N ARG B 11 0.54 -19.52 -2.88
CA ARG B 11 -0.02 -18.19 -3.05
C ARG B 11 -0.10 -17.41 -1.74
N GLY B 12 0.72 -17.80 -0.77
CA GLY B 12 0.84 -17.04 0.46
C GLY B 12 -0.34 -17.20 1.43
N LYS B 13 -0.99 -18.36 1.45
CA LYS B 13 -2.05 -18.60 2.38
C LYS B 13 -1.58 -19.53 3.52
N LEU B 14 -1.72 -19.07 4.76
CA LEU B 14 -1.28 -19.87 5.94
C LEU B 14 -2.11 -21.08 6.13
N ARG B 15 -1.45 -22.23 6.27
CA ARG B 15 -2.12 -23.50 6.51
C ARG B 15 -1.87 -23.99 7.90
N LEU B 16 -0.72 -23.64 8.47
CA LEU B 16 -0.37 -24.07 9.81
C LEU B 16 0.73 -23.21 10.43
N GLN B 17 0.62 -22.91 11.72
CA GLN B 17 1.66 -22.17 12.40
C GLN B 17 1.89 -22.70 13.79
N LYS B 18 3.07 -23.25 14.03
CA LYS B 18 3.42 -23.72 15.37
C LYS B 18 4.54 -22.86 15.93
N TRP B 19 4.25 -22.15 17.00
CA TRP B 19 5.22 -21.29 17.65
C TRP B 19 5.78 -21.95 18.90
N TYR B 20 7.07 -22.29 18.88
CA TYR B 20 7.70 -22.96 19.99
C TYR B 20 8.32 -22.00 20.97
N LEU B 21 7.96 -20.73 20.86
CA LEU B 21 8.35 -19.73 21.84
C LEU B 21 7.27 -18.67 22.01
N ALA B 22 7.43 -17.80 22.98
CA ALA B 22 6.42 -16.78 23.28
C ALA B 22 6.66 -15.54 22.42
N THR B 23 5.62 -15.16 21.69
CA THR B 23 5.64 -13.95 20.87
C THR B 23 4.22 -13.38 20.79
N SER B 24 4.12 -12.06 20.69
CA SER B 24 2.82 -11.40 20.54
C SER B 24 2.21 -11.76 19.21
N ASP B 25 0.89 -11.91 19.21
CA ASP B 25 0.13 -12.28 18.04
C ASP B 25 0.49 -11.40 16.83
N LYS B 26 0.55 -10.08 17.11
CA LYS B 26 0.90 -9.09 16.12
C LYS B 26 2.28 -9.37 15.49
N GLU B 27 3.26 -9.62 16.36
CA GLU B 27 4.62 -9.93 15.91
C GLU B 27 4.68 -11.22 15.13
N ARG B 28 3.93 -12.21 15.58
CA ARG B 28 3.84 -13.49 14.88
C ARG B 28 3.36 -13.24 13.45
N LYS B 29 2.34 -12.39 13.31
CA LYS B 29 1.82 -12.05 11.99
C LYS B 29 2.85 -11.33 11.15
N LYS B 30 3.57 -10.39 11.74
CA LYS B 30 4.62 -9.66 11.01
C LYS B 30 5.68 -10.63 10.47
N MET B 31 6.16 -11.47 11.36
CA MET B 31 7.08 -12.53 11.00
C MET B 31 6.56 -13.40 9.86
N VAL B 32 5.33 -13.85 9.98
CA VAL B 32 4.74 -14.69 8.96
C VAL B 32 4.66 -14.02 7.59
N ARG B 33 4.14 -12.81 7.54
CA ARG B 33 4.04 -12.11 6.24
C ARG B 33 5.42 -11.82 5.64
N GLU B 34 6.36 -11.48 6.50
CA GLU B 34 7.70 -11.16 6.07
C GLU B 34 8.38 -12.40 5.49
N LEU B 35 8.43 -13.45 6.30
CA LEU B 35 9.09 -14.68 5.92
C LEU B 35 8.47 -15.29 4.67
N MET B 36 7.14 -15.24 4.62
CA MET B 36 6.41 -15.78 3.49
C MET B 36 6.74 -14.98 2.21
N GLN B 37 6.78 -13.66 2.33
CA GLN B 37 7.22 -12.81 1.24
C GLN B 37 8.57 -13.30 0.72
N VAL B 38 9.54 -13.37 1.64
CA VAL B 38 10.89 -13.72 1.29
C VAL B 38 11.01 -15.08 0.62
N VAL B 39 10.46 -16.11 1.25
CA VAL B 39 10.53 -17.47 0.76
C VAL B 39 9.84 -17.62 -0.57
N LEU B 40 8.61 -17.16 -0.67
CA LEU B 40 7.87 -17.30 -1.89
C LEU B 40 8.51 -16.54 -3.05
N ALA B 41 9.17 -15.42 -2.77
CA ALA B 41 9.81 -14.63 -3.80
C ALA B 41 10.97 -15.38 -4.49
N ARG B 42 11.47 -16.46 -3.85
CA ARG B 42 12.64 -17.16 -4.34
C ARG B 42 12.36 -18.04 -5.54
N LYS B 43 13.31 -18.10 -6.48
CA LYS B 43 13.19 -18.94 -7.67
C LYS B 43 13.35 -20.42 -7.30
N PRO B 44 12.61 -21.30 -7.97
CA PRO B 44 12.42 -22.72 -7.66
C PRO B 44 13.66 -23.52 -7.31
N LYS B 45 14.79 -23.19 -7.92
CA LYS B 45 15.99 -23.99 -7.74
C LYS B 45 16.97 -23.29 -6.79
N MET B 46 16.48 -22.40 -5.95
CA MET B 46 17.33 -21.70 -4.97
C MET B 46 17.69 -22.65 -3.85
N CYS B 47 18.53 -22.19 -2.93
CA CYS B 47 18.95 -23.02 -1.80
C CYS B 47 17.80 -23.17 -0.85
N SER B 48 17.67 -24.36 -0.25
CA SER B 48 16.56 -24.63 0.67
C SER B 48 16.79 -24.02 2.03
N PHE B 49 17.89 -23.29 2.16
CA PHE B 49 18.22 -22.63 3.41
C PHE B 49 18.54 -21.16 3.15
N LEU B 50 18.17 -20.30 4.09
CA LEU B 50 18.52 -18.87 3.98
C LEU B 50 18.67 -18.23 5.35
N GLU B 51 19.35 -17.09 5.40
CA GLU B 51 19.59 -16.41 6.68
C GLU B 51 18.60 -15.26 6.82
N TRP B 52 17.65 -15.43 7.73
CA TRP B 52 16.63 -14.42 7.97
C TRP B 52 16.58 -14.01 9.41
N ARG B 53 16.83 -12.72 9.65
CA ARG B 53 16.59 -12.12 10.96
C ARG B 53 17.31 -12.88 12.06
N ASP B 54 18.61 -13.02 11.92
CA ASP B 54 19.46 -13.65 12.95
C ASP B 54 19.06 -15.08 13.28
N LEU B 55 18.49 -15.74 12.28
CA LEU B 55 18.12 -17.14 12.41
C LEU B 55 18.37 -17.87 11.13
N LYS B 56 18.29 -19.18 11.15
CA LYS B 56 18.43 -19.95 9.91
C LYS B 56 17.09 -20.49 9.48
N VAL B 57 16.77 -20.37 8.19
CA VAL B 57 15.46 -20.78 7.71
C VAL B 57 15.56 -21.88 6.67
N VAL B 58 14.91 -23.00 6.96
CA VAL B 58 14.88 -24.13 6.05
C VAL B 58 13.52 -24.24 5.44
N TYR B 59 13.43 -24.44 4.15
CA TYR B 59 12.10 -24.59 3.53
C TYR B 59 12.13 -25.60 2.42
N LYS B 60 11.06 -26.38 2.35
CA LYS B 60 10.90 -27.33 1.25
C LYS B 60 9.48 -27.22 0.74
N ARG B 61 9.33 -27.27 -0.57
CA ARG B 61 7.99 -27.17 -1.16
C ARG B 61 7.55 -28.51 -1.65
N TYR B 62 6.52 -29.05 -1.02
CA TYR B 62 5.92 -30.28 -1.46
C TYR B 62 4.64 -29.93 -2.18
N ALA B 63 4.61 -30.28 -3.46
CA ALA B 63 3.50 -29.89 -4.37
C ALA B 63 3.28 -28.41 -4.34
N SER B 64 2.17 -28.00 -3.77
CA SER B 64 1.77 -26.60 -3.71
C SER B 64 1.99 -26.05 -2.32
N LEU B 65 2.26 -26.94 -1.33
CA LEU B 65 2.36 -26.53 0.04
C LEU B 65 3.82 -26.35 0.47
N TYR B 66 4.12 -25.20 1.07
CA TYR B 66 5.48 -24.89 1.56
C TYR B 66 5.59 -25.22 3.03
N PHE B 67 6.63 -26.00 3.37
CA PHE B 67 6.96 -26.30 4.77
C PHE B 67 8.20 -25.50 5.11
N CYS B 68 8.11 -24.70 6.19
CA CYS B 68 9.19 -23.73 6.49
C CYS B 68 9.54 -23.74 7.96
N CYS B 69 10.72 -24.28 8.31
CA CYS B 69 11.17 -24.30 9.71
C CYS B 69 12.19 -23.22 10.02
N ALA B 70 12.09 -22.63 11.19
CA ALA B 70 13.07 -21.64 11.61
C ALA B 70 13.97 -22.21 12.71
N ILE B 71 15.19 -22.53 12.33
CA ILE B 71 16.14 -23.21 13.19
C ILE B 71 17.23 -22.26 13.71
N GLU B 72 17.78 -22.59 14.89
CA GLU B 72 18.85 -21.81 15.52
C GLU B 72 20.22 -22.15 14.91
N GLY B 73 21.15 -21.22 15.00
CA GLY B 73 22.39 -21.30 14.23
C GLY B 73 23.24 -22.54 14.50
N GLN B 74 23.01 -23.17 15.62
CA GLN B 74 23.73 -24.33 16.09
C GLN B 74 23.02 -25.62 15.68
N ASP B 75 22.03 -25.51 14.82
CA ASP B 75 21.26 -26.66 14.38
C ASP B 75 21.53 -27.00 12.94
N ASN B 76 21.21 -28.25 12.61
CA ASN B 76 21.64 -28.85 11.36
C ASN B 76 20.54 -28.69 10.36
N GLU B 77 20.83 -28.05 9.23
CA GLU B 77 19.81 -27.76 8.22
C GLU B 77 19.28 -29.05 7.62
N LEU B 78 20.20 -29.92 7.19
CA LEU B 78 19.84 -31.15 6.49
C LEU B 78 18.97 -32.09 7.36
N ILE B 79 19.24 -32.10 8.65
CA ILE B 79 18.44 -32.92 9.54
C ILE B 79 17.05 -32.31 9.76
N THR B 80 16.94 -30.97 9.66
CA THR B 80 15.64 -30.33 9.79
C THR B 80 14.83 -30.57 8.53
N LEU B 81 15.54 -30.64 7.40
CA LEU B 81 14.94 -31.01 6.14
C LEU B 81 14.36 -32.40 6.29
N GLU B 82 15.15 -33.24 6.95
CA GLU B 82 14.73 -34.61 7.22
C GLU B 82 13.53 -34.70 8.16
N LEU B 83 13.44 -33.80 9.13
CA LEU B 83 12.32 -33.82 10.03
C LEU B 83 11.06 -33.34 9.34
N ILE B 84 11.20 -32.34 8.49
CA ILE B 84 10.09 -31.89 7.69
C ILE B 84 9.58 -33.05 6.85
N HIS B 85 10.50 -33.74 6.17
CA HIS B 85 10.12 -34.87 5.35
C HIS B 85 9.41 -35.94 6.14
N ARG B 86 9.89 -36.14 7.36
CA ARG B 86 9.26 -37.11 8.27
C ARG B 86 7.84 -36.67 8.52
N TYR B 87 7.65 -35.37 8.78
CA TYR B 87 6.32 -34.82 9.06
C TYR B 87 5.37 -35.06 7.89
N VAL B 88 5.83 -34.81 6.68
CA VAL B 88 4.99 -35.06 5.52
C VAL B 88 4.75 -36.57 5.32
N GLU B 89 5.66 -37.40 5.82
CA GLU B 89 5.45 -38.85 5.75
C GLU B 89 4.38 -39.30 6.74
N LEU B 90 4.41 -38.69 7.91
CA LEU B 90 3.40 -38.91 8.93
C LEU B 90 2.03 -38.51 8.39
N LEU B 91 1.95 -37.30 7.82
CA LEU B 91 0.74 -36.81 7.23
C LEU B 91 0.28 -37.75 6.14
N ASP B 92 1.24 -38.19 5.30
CA ASP B 92 0.92 -39.05 4.17
C ASP B 92 0.27 -40.32 4.63
N LYS B 93 0.80 -40.90 5.71
CA LYS B 93 0.28 -42.17 6.19
C LYS B 93 -1.06 -41.93 6.86
N TYR B 94 -1.20 -40.82 7.62
CA TYR B 94 -2.42 -40.57 8.35
C TYR B 94 -3.59 -40.33 7.40
N PHE B 95 -3.51 -39.31 6.57
CA PHE B 95 -4.59 -38.99 5.66
C PHE B 95 -4.68 -39.95 4.50
N GLY B 96 -3.55 -40.52 4.11
CA GLY B 96 -3.50 -41.34 2.91
C GLY B 96 -3.41 -40.52 1.66
N SER B 97 -2.26 -40.61 1.02
CA SER B 97 -1.98 -39.84 -0.21
C SER B 97 -2.28 -38.37 0.01
N VAL B 98 -1.55 -37.78 0.96
CA VAL B 98 -1.92 -36.47 1.50
C VAL B 98 -1.72 -35.38 0.48
N CYS B 99 -2.67 -34.45 0.44
CA CYS B 99 -2.58 -33.27 -0.44
C CYS B 99 -2.77 -32.04 0.44
N GLU B 100 -2.53 -30.85 -0.13
CA GLU B 100 -2.76 -29.64 0.63
C GLU B 100 -4.18 -29.52 1.15
N LEU B 101 -5.15 -29.93 0.35
CA LEU B 101 -6.54 -29.81 0.73
C LEU B 101 -6.87 -30.52 2.04
N ASP B 102 -6.24 -31.66 2.29
CA ASP B 102 -6.43 -32.35 3.55
C ASP B 102 -5.97 -31.49 4.71
N ILE B 103 -4.81 -30.86 4.56
CA ILE B 103 -4.31 -29.95 5.60
C ILE B 103 -5.23 -28.76 5.78
N ILE B 104 -5.75 -28.27 4.66
CA ILE B 104 -6.74 -27.17 4.70
C ILE B 104 -7.98 -27.52 5.51
N PHE B 105 -8.52 -28.71 5.32
CA PHE B 105 -9.75 -29.09 6.00
C PHE B 105 -9.56 -29.80 7.31
N ASN B 106 -8.33 -30.21 7.59
CA ASN B 106 -8.03 -30.94 8.83
C ASN B 106 -6.89 -30.36 9.61
N PHE B 107 -6.76 -29.03 9.56
CA PHE B 107 -5.64 -28.36 10.18
C PHE B 107 -5.46 -28.77 11.66
N GLU B 108 -6.59 -28.97 12.34
CA GLU B 108 -6.56 -29.40 13.73
C GLU B 108 -5.80 -30.79 13.88
N LYS B 109 -6.09 -31.70 12.95
CA LYS B 109 -5.45 -32.97 12.94
C LYS B 109 -3.97 -32.82 12.64
N ALA B 110 -3.65 -31.90 11.76
CA ALA B 110 -2.25 -31.63 11.41
C ALA B 110 -1.50 -31.10 12.62
N TYR B 111 -2.15 -30.24 13.39
CA TYR B 111 -1.57 -29.75 14.62
C TYR B 111 -1.36 -30.90 15.60
N PHE B 112 -2.34 -31.81 15.64
CA PHE B 112 -2.28 -32.96 16.51
C PHE B 112 -1.03 -33.82 16.23
N ILE B 113 -0.90 -34.22 14.95
CA ILE B 113 0.20 -35.02 14.54
C ILE B 113 1.51 -34.31 14.82
N LEU B 114 1.53 -33.00 14.52
CA LEU B 114 2.76 -32.23 14.70
C LEU B 114 3.15 -32.21 16.17
N ASP B 115 2.14 -32.21 17.04
CA ASP B 115 2.39 -32.17 18.47
C ASP B 115 2.77 -33.54 19.00
N GLU B 116 2.46 -34.58 18.23
CA GLU B 116 2.84 -35.95 18.60
C GLU B 116 4.19 -36.34 17.97
N PHE B 117 4.72 -35.42 17.18
CA PHE B 117 6.01 -35.64 16.55
C PHE B 117 7.07 -34.68 17.12
N LEU B 118 6.67 -33.44 17.40
CA LEU B 118 7.56 -32.46 17.99
C LEU B 118 7.04 -31.93 19.31
N MET B 119 7.89 -31.18 20.01
CA MET B 119 7.56 -30.58 21.31
C MET B 119 8.62 -29.59 21.68
N GLY B 120 8.23 -28.46 22.28
CA GLY B 120 9.21 -27.48 22.75
C GLY B 120 10.25 -26.95 21.75
N GLY B 121 10.34 -27.56 20.57
CA GLY B 121 11.30 -27.18 19.57
C GLY B 121 12.16 -28.32 19.10
N ASP B 122 11.93 -29.49 19.67
CA ASP B 122 12.72 -30.68 19.35
C ASP B 122 11.83 -31.89 19.14
N VAL B 123 12.39 -32.88 18.45
CA VAL B 123 11.69 -34.13 18.22
C VAL B 123 11.52 -34.90 19.53
N GLN B 124 10.41 -35.62 19.66
CA GLN B 124 10.16 -36.41 20.85
C GLN B 124 10.11 -37.88 20.51
N ASP B 125 9.81 -38.18 19.25
CA ASP B 125 9.82 -39.56 18.81
C ASP B 125 10.29 -39.69 17.38
N THR B 126 11.38 -40.43 17.22
CA THR B 126 12.04 -40.59 15.95
C THR B 126 11.58 -41.85 15.24
N SER B 127 10.41 -42.37 15.65
CA SER B 127 9.73 -43.43 14.93
C SER B 127 8.45 -42.94 14.30
N LYS B 128 8.24 -43.30 13.05
CA LYS B 128 7.00 -42.98 12.35
C LYS B 128 5.86 -43.81 12.98
N LYS B 129 6.19 -45.07 13.22
CA LYS B 129 5.26 -46.06 13.74
C LYS B 129 4.72 -45.67 15.10
N SER B 130 5.62 -45.24 15.98
CA SER B 130 5.26 -44.81 17.31
C SER B 130 4.26 -43.64 17.30
N VAL B 131 4.64 -42.57 16.60
CA VAL B 131 3.82 -41.39 16.46
C VAL B 131 2.43 -41.70 15.89
N LEU B 132 2.42 -42.41 14.76
CA LEU B 132 1.19 -42.73 14.09
C LEU B 132 0.26 -43.57 14.96
N LYS B 133 0.83 -44.52 15.68
CA LYS B 133 0.05 -45.31 16.61
C LYS B 133 -0.55 -44.44 17.72
N ALA B 134 0.25 -43.55 18.25
CA ALA B 134 -0.19 -42.61 19.27
C ALA B 134 -1.42 -41.78 18.81
N ILE B 135 -1.29 -41.18 17.63
CA ILE B 135 -2.40 -40.45 17.05
C ILE B 135 -3.63 -41.34 16.85
N GLU B 136 -3.39 -42.55 16.37
CA GLU B 136 -4.45 -43.51 16.14
C GLU B 136 -5.28 -43.78 17.43
N GLN B 137 -4.57 -44.16 18.47
CA GLN B 137 -5.21 -44.41 19.75
C GLN B 137 -5.91 -43.19 20.31
N ALA B 138 -5.27 -42.02 20.16
CA ALA B 138 -5.89 -40.76 20.62
C ALA B 138 -7.21 -40.52 19.89
N ASP B 139 -7.22 -40.82 18.60
CA ASP B 139 -8.44 -40.66 17.79
C ASP B 139 -9.51 -41.64 18.23
N LEU B 140 -9.09 -42.83 18.64
CA LEU B 140 -10.02 -43.79 19.18
C LEU B 140 -10.65 -43.28 20.47
N LEU B 141 -9.80 -42.77 21.36
CA LEU B 141 -10.26 -42.22 22.62
C LEU B 141 -11.24 -41.03 22.39
N GLN B 142 -10.94 -40.26 21.36
CA GLN B 142 -11.77 -39.13 21.02
C GLN B 142 -13.11 -39.59 20.45
N GLU B 143 -13.08 -40.63 19.63
CA GLU B 143 -14.28 -41.14 19.03
C GLU B 143 -15.15 -41.80 20.07
N GLU B 144 -14.54 -42.18 21.20
CA GLU B 144 -15.27 -42.76 22.33
C GLU B 144 -16.24 -41.75 22.92
N ASP B 145 -15.81 -40.49 23.04
CA ASP B 145 -16.63 -39.43 23.63
C ASP B 145 -17.94 -39.22 22.88
N GLU B 146 -17.88 -39.42 21.55
CA GLU B 146 -19.07 -39.24 20.72
C GLU B 146 -20.04 -40.41 20.89
N SER B 147 -19.49 -41.62 20.88
CA SER B 147 -20.28 -42.84 21.01
C SER B 147 -20.11 -43.43 22.40
N SER C 2 -6.28 9.84 -25.96
CA SER C 2 -5.83 9.61 -24.58
C SER C 2 -5.60 8.13 -24.36
N ALA C 3 -6.68 7.37 -24.16
CA ALA C 3 -6.55 5.92 -23.89
C ALA C 3 -5.88 5.17 -25.02
N SER C 4 -4.82 4.44 -24.70
CA SER C 4 -4.12 3.63 -25.69
C SER C 4 -4.80 2.28 -25.85
N ALA C 5 -5.33 1.77 -24.74
CA ALA C 5 -6.05 0.50 -24.77
C ALA C 5 -7.05 0.50 -23.64
N VAL C 6 -8.12 -0.27 -23.82
CA VAL C 6 -9.10 -0.41 -22.76
C VAL C 6 -9.25 -1.88 -22.42
N TYR C 7 -9.18 -2.22 -21.15
CA TYR C 7 -9.36 -3.62 -20.72
C TYR C 7 -10.57 -3.76 -19.80
N VAL C 8 -11.29 -4.85 -19.96
CA VAL C 8 -12.17 -5.35 -18.89
C VAL C 8 -11.48 -6.57 -18.19
N LEU C 9 -11.20 -6.40 -16.93
CA LEU C 9 -10.47 -7.35 -16.07
C LEU C 9 -11.37 -8.04 -15.05
N ASP C 10 -10.97 -9.21 -14.57
CA ASP C 10 -11.69 -9.91 -13.49
C ASP C 10 -11.09 -9.57 -12.15
N LEU C 11 -11.68 -10.11 -11.07
CA LEU C 11 -11.26 -9.65 -9.73
C LEU C 11 -9.81 -9.89 -9.39
N LYS C 12 -9.19 -10.85 -10.07
CA LYS C 12 -7.80 -11.17 -9.80
C LYS C 12 -6.86 -10.44 -10.76
N GLY C 13 -7.43 -9.68 -11.67
CA GLY C 13 -6.61 -8.78 -12.48
C GLY C 13 -6.29 -9.27 -13.86
N LYS C 14 -6.82 -10.43 -14.21
CA LYS C 14 -6.49 -11.01 -15.52
C LYS C 14 -7.51 -10.51 -16.54
N VAL C 15 -7.12 -10.45 -17.81
CA VAL C 15 -7.96 -9.89 -18.85
C VAL C 15 -9.12 -10.77 -19.24
N LEU C 16 -10.33 -10.23 -19.14
CA LEU C 16 -11.51 -10.89 -19.67
C LEU C 16 -11.66 -10.47 -21.10
N ILE C 17 -11.50 -9.18 -21.35
CA ILE C 17 -11.56 -8.67 -22.74
C ILE C 17 -10.77 -7.38 -22.86
N CYS C 18 -10.31 -7.05 -24.06
CA CYS C 18 -9.44 -5.89 -24.23
C CYS C 18 -9.59 -5.35 -25.63
N ARG C 19 -9.18 -4.09 -25.80
CA ARG C 19 -9.14 -3.49 -27.12
C ARG C 19 -7.97 -2.55 -27.21
N ASN C 20 -7.09 -2.83 -28.18
CA ASN C 20 -5.92 -1.99 -28.41
C ASN C 20 -6.23 -0.89 -29.42
N TYR C 21 -6.21 0.37 -28.96
CA TYR C 21 -6.65 1.47 -29.81
C TYR C 21 -5.52 2.21 -30.55
N ARG C 22 -4.43 2.51 -29.84
CA ARG C 22 -3.34 3.28 -30.41
C ARG C 22 -2.06 2.47 -30.66
N GLY C 23 -1.83 1.45 -29.87
CA GLY C 23 -0.62 0.67 -30.00
C GLY C 23 0.55 1.40 -29.34
N ASP C 24 0.26 2.43 -28.54
CA ASP C 24 1.27 3.19 -27.84
C ASP C 24 1.90 2.39 -26.72
N VAL C 25 1.15 1.46 -26.12
CA VAL C 25 1.63 0.69 -24.97
C VAL C 25 1.58 -0.80 -25.21
N ASP C 26 2.57 -1.54 -24.71
CA ASP C 26 2.48 -3.02 -24.78
C ASP C 26 1.25 -3.44 -24.04
N MET C 27 0.43 -4.30 -24.64
CA MET C 27 -0.75 -4.76 -23.94
C MET C 27 -0.36 -5.55 -22.68
N SER C 28 0.73 -6.31 -22.80
CA SER C 28 1.25 -7.11 -21.70
C SER C 28 1.50 -6.30 -20.42
N GLU C 29 1.65 -4.97 -20.57
CA GLU C 29 1.81 -4.08 -19.42
C GLU C 29 0.69 -4.26 -18.39
N VAL C 30 -0.49 -4.67 -18.86
CA VAL C 30 -1.64 -4.84 -17.99
C VAL C 30 -1.37 -5.88 -16.92
N GLU C 31 -0.39 -6.76 -17.16
CA GLU C 31 -0.02 -7.78 -16.19
C GLU C 31 0.50 -7.15 -14.89
N HIS C 32 0.93 -5.90 -14.95
CA HIS C 32 1.41 -5.20 -13.76
C HIS C 32 0.32 -4.50 -13.00
N PHE C 33 -0.91 -4.48 -13.55
CA PHE C 33 -1.98 -3.71 -12.96
C PHE C 33 -2.31 -4.18 -11.55
N MET C 34 -2.74 -5.45 -11.43
CA MET C 34 -3.14 -5.95 -10.11
C MET C 34 -2.04 -5.92 -9.01
N PRO C 35 -0.82 -6.39 -9.33
CA PRO C 35 0.23 -6.31 -8.35
C PRO C 35 0.53 -4.91 -7.84
N ILE C 36 0.52 -3.94 -8.74
CA ILE C 36 0.75 -2.54 -8.34
C ILE C 36 -0.40 -2.04 -7.46
N LEU C 37 -1.63 -2.28 -7.91
CA LEU C 37 -2.80 -1.91 -7.16
C LEU C 37 -2.76 -2.38 -5.73
N MET C 38 -2.58 -3.68 -5.55
CA MET C 38 -2.50 -4.26 -4.22
C MET C 38 -1.32 -3.67 -3.41
N GLU C 39 -0.21 -3.45 -4.09
CA GLU C 39 0.94 -2.84 -3.44
C GLU C 39 0.60 -1.48 -2.87
N LYS C 40 0.07 -0.61 -3.74
CA LYS C 40 -0.25 0.77 -3.34
C LYS C 40 -1.35 0.80 -2.30
N GLU C 41 -2.23 -0.19 -2.30
CA GLU C 41 -3.35 -0.20 -1.36
C GLU C 41 -2.90 -0.44 0.07
N GLU C 42 -1.91 -1.33 0.23
CA GLU C 42 -1.36 -1.61 1.54
C GLU C 42 -0.64 -0.36 2.07
N GLU C 43 0.06 0.34 1.18
CA GLU C 43 0.77 1.56 1.57
C GLU C 43 -0.21 2.65 1.95
N GLY C 44 -1.48 2.47 1.57
CA GLY C 44 -2.52 3.48 1.77
C GLY C 44 -2.36 4.56 0.71
N MET C 45 -1.82 4.15 -0.43
CA MET C 45 -1.61 5.02 -1.56
C MET C 45 -2.52 4.65 -2.73
N LEU C 46 -3.70 4.16 -2.39
CA LEU C 46 -4.67 3.75 -3.41
C LEU C 46 -5.04 4.98 -4.26
N SER C 47 -5.23 4.77 -5.54
CA SER C 47 -5.43 5.87 -6.49
C SER C 47 -6.08 5.38 -7.77
N PRO C 48 -6.94 6.23 -8.37
CA PRO C 48 -7.60 5.87 -9.62
C PRO C 48 -6.58 5.83 -10.73
N ILE C 49 -5.38 6.34 -10.48
CA ILE C 49 -4.33 6.35 -11.48
C ILE C 49 -3.09 5.65 -10.95
N LEU C 50 -2.71 4.54 -11.59
CA LEU C 50 -1.50 3.81 -11.21
C LEU C 50 -0.45 3.99 -12.26
N ALA C 51 0.81 3.82 -11.87
CA ALA C 51 1.92 4.01 -12.83
C ALA C 51 2.86 2.83 -12.84
N HIS C 52 3.26 2.40 -14.03
CA HIS C 52 4.34 1.45 -14.16
C HIS C 52 5.36 2.06 -15.11
N GLY C 53 6.20 2.92 -14.54
CA GLY C 53 7.14 3.66 -15.32
C GLY C 53 6.50 4.82 -16.00
N GLY C 54 6.55 4.83 -17.32
CA GLY C 54 5.89 5.87 -18.11
C GLY C 54 4.55 5.39 -18.62
N VAL C 55 4.01 4.36 -17.99
CA VAL C 55 2.72 3.83 -18.36
C VAL C 55 1.72 4.10 -17.23
N ARG C 56 0.59 4.74 -17.58
CA ARG C 56 -0.44 5.01 -16.58
C ARG C 56 -1.70 4.15 -16.81
N PHE C 57 -2.26 3.68 -15.69
CA PHE C 57 -3.51 2.95 -15.72
C PHE C 57 -4.57 3.80 -15.06
N MET C 58 -5.61 4.14 -15.83
CA MET C 58 -6.79 4.76 -15.21
C MET C 58 -7.86 3.69 -15.06
N TRP C 59 -8.31 3.45 -13.84
CA TRP C 59 -9.14 2.30 -13.60
C TRP C 59 -10.35 2.62 -12.76
N ILE C 60 -11.44 1.94 -13.06
CA ILE C 60 -12.59 1.97 -12.16
C ILE C 60 -13.00 0.52 -11.93
N LYS C 61 -13.89 0.33 -10.95
CA LYS C 61 -14.30 -1.00 -10.59
C LYS C 61 -15.80 -1.07 -10.59
N HIS C 62 -16.34 -2.00 -11.34
CA HIS C 62 -17.78 -2.17 -11.43
C HIS C 62 -18.15 -3.65 -11.22
N ASN C 63 -18.97 -3.89 -10.19
CA ASN C 63 -19.22 -5.26 -9.72
C ASN C 63 -17.91 -6.02 -9.53
N ASN C 64 -17.82 -7.17 -10.18
CA ASN C 64 -16.65 -7.98 -10.11
C ASN C 64 -15.69 -7.73 -11.27
N LEU C 65 -15.78 -6.55 -11.88
CA LEU C 65 -14.97 -6.23 -13.03
C LEU C 65 -14.06 -5.03 -12.73
N TYR C 66 -12.96 -4.93 -13.49
CA TYR C 66 -12.20 -3.70 -13.51
C TYR C 66 -12.26 -3.17 -14.94
N LEU C 67 -12.32 -1.82 -15.10
CA LEU C 67 -12.18 -1.26 -16.42
C LEU C 67 -10.97 -0.36 -16.40
N VAL C 68 -10.01 -0.68 -17.24
CA VAL C 68 -8.67 -0.06 -17.14
C VAL C 68 -8.27 0.51 -18.45
N ALA C 69 -7.66 1.69 -18.42
CA ALA C 69 -7.24 2.34 -19.66
C ALA C 69 -5.78 2.68 -19.52
N THR C 70 -4.97 2.24 -20.48
CA THR C 70 -3.53 2.51 -20.42
C THR C 70 -3.19 3.72 -21.26
N SER C 71 -2.20 4.49 -20.83
CA SER C 71 -1.72 5.61 -21.63
C SER C 71 -0.28 5.93 -21.32
N LYS C 72 0.46 6.24 -22.41
CA LYS C 72 1.86 6.57 -22.25
C LYS C 72 2.05 8.08 -22.36
N LYS C 73 0.94 8.80 -22.50
CA LYS C 73 0.97 10.26 -22.72
C LYS C 73 0.34 10.99 -21.59
N ASN C 74 0.48 12.32 -21.60
CA ASN C 74 -0.26 13.16 -20.64
C ASN C 74 -1.74 13.11 -21.02
N ALA C 75 -2.39 12.00 -20.64
CA ALA C 75 -3.75 11.72 -21.07
C ALA C 75 -4.77 12.65 -20.43
N CYS C 76 -5.85 12.91 -21.16
CA CYS C 76 -6.98 13.63 -20.60
C CYS C 76 -7.78 12.69 -19.65
N VAL C 77 -7.46 12.72 -18.37
CA VAL C 77 -8.03 11.83 -17.39
C VAL C 77 -9.53 12.00 -17.20
N SER C 78 -9.98 13.27 -17.15
CA SER C 78 -11.42 13.51 -17.01
C SER C 78 -12.23 12.78 -18.10
N LEU C 79 -11.79 12.96 -19.35
CA LEU C 79 -12.39 12.27 -20.47
C LEU C 79 -12.32 10.75 -20.32
N VAL C 80 -11.19 10.23 -19.84
CA VAL C 80 -11.02 8.79 -19.72
C VAL C 80 -11.99 8.19 -18.72
N PHE C 81 -12.12 8.83 -17.57
CA PHE C 81 -13.02 8.32 -16.54
C PHE C 81 -14.46 8.42 -16.96
N SER C 82 -14.80 9.57 -17.52
CA SER C 82 -16.12 9.80 -18.06
C SER C 82 -16.45 8.69 -19.07
N PHE C 83 -15.46 8.40 -19.90
CA PHE C 83 -15.61 7.36 -20.91
C PHE C 83 -15.80 5.98 -20.34
N LEU C 84 -15.00 5.64 -19.33
CA LEU C 84 -15.08 4.33 -18.69
C LEU C 84 -16.48 4.13 -18.12
N TYR C 85 -16.94 5.13 -17.38
CA TYR C 85 -18.28 5.06 -16.86
C TYR C 85 -19.35 4.95 -17.96
N LYS C 86 -19.08 5.61 -19.10
CA LYS C 86 -20.00 5.58 -20.19
C LYS C 86 -20.07 4.18 -20.76
N VAL C 87 -18.90 3.53 -20.87
CA VAL C 87 -18.79 2.15 -21.34
C VAL C 87 -19.62 1.25 -20.39
N VAL C 88 -19.42 1.44 -19.08
CA VAL C 88 -20.25 0.74 -18.10
C VAL C 88 -21.73 0.89 -18.36
N GLN C 89 -22.17 2.12 -18.57
CA GLN C 89 -23.56 2.38 -18.90
C GLN C 89 -24.03 1.61 -20.18
N VAL C 90 -23.27 1.78 -21.25
CA VAL C 90 -23.59 1.13 -22.52
C VAL C 90 -23.74 -0.40 -22.37
N PHE C 91 -22.72 -1.02 -21.78
CA PHE C 91 -22.74 -2.44 -21.51
C PHE C 91 -23.93 -2.80 -20.64
N SER C 92 -24.20 -1.97 -19.64
CA SER C 92 -25.34 -2.19 -18.75
C SER C 92 -26.65 -2.17 -19.47
N GLU C 93 -26.70 -1.45 -20.59
CA GLU C 93 -27.95 -1.37 -21.36
C GLU C 93 -28.01 -2.37 -22.46
N TYR C 94 -26.88 -2.98 -22.78
CA TYR C 94 -26.85 -4.06 -23.78
C TYR C 94 -27.13 -5.39 -23.11
N PHE C 95 -26.50 -5.61 -21.96
CA PHE C 95 -26.71 -6.83 -21.18
C PHE C 95 -27.30 -6.46 -19.85
N LYS C 96 -28.25 -7.22 -19.34
CA LYS C 96 -28.98 -6.81 -18.11
C LYS C 96 -28.02 -6.56 -16.98
N GLU C 97 -27.38 -7.63 -16.55
CA GLU C 97 -26.35 -7.55 -15.53
C GLU C 97 -24.97 -7.51 -16.17
N LEU C 98 -24.21 -6.49 -15.85
CA LEU C 98 -22.87 -6.35 -16.38
C LEU C 98 -21.90 -7.01 -15.43
N GLU C 99 -21.46 -8.21 -15.78
CA GLU C 99 -20.59 -9.02 -14.88
C GLU C 99 -19.68 -9.90 -15.74
N GLU C 100 -18.79 -10.63 -15.08
CA GLU C 100 -17.82 -11.48 -15.76
C GLU C 100 -18.48 -12.43 -16.79
N GLU C 101 -19.53 -13.08 -16.35
CA GLU C 101 -20.27 -14.01 -17.20
C GLU C 101 -20.79 -13.33 -18.46
N SER C 102 -21.21 -12.07 -18.30
CA SER C 102 -21.69 -11.27 -19.43
C SER C 102 -20.56 -11.05 -20.42
N ILE C 103 -19.40 -10.66 -19.90
CA ILE C 103 -18.24 -10.43 -20.76
C ILE C 103 -17.91 -11.64 -21.57
N ARG C 104 -17.70 -12.76 -20.85
CA ARG C 104 -17.33 -14.01 -21.51
C ARG C 104 -18.36 -14.38 -22.56
N ASP C 105 -19.64 -14.30 -22.19
CA ASP C 105 -20.69 -14.81 -23.06
C ASP C 105 -21.12 -13.85 -24.15
N ASN C 106 -20.54 -12.66 -24.18
CA ASN C 106 -20.88 -11.67 -25.21
C ASN C 106 -19.67 -11.03 -25.87
N PHE C 107 -18.56 -11.71 -25.79
CA PHE C 107 -17.29 -11.22 -26.31
C PHE C 107 -17.33 -10.63 -27.72
N VAL C 108 -18.15 -11.23 -28.58
CA VAL C 108 -18.29 -10.75 -29.95
C VAL C 108 -18.84 -9.34 -30.04
N ILE C 109 -20.08 -9.20 -29.56
CA ILE C 109 -20.76 -7.90 -29.63
C ILE C 109 -20.04 -6.89 -28.76
N ILE C 110 -19.32 -7.36 -27.75
CA ILE C 110 -18.50 -6.48 -26.95
C ILE C 110 -17.32 -5.96 -27.76
N TYR C 111 -16.74 -6.82 -28.60
CA TYR C 111 -15.66 -6.41 -29.50
C TYR C 111 -16.20 -5.34 -30.46
N GLU C 112 -17.40 -5.56 -30.97
CA GLU C 112 -18.01 -4.62 -31.87
C GLU C 112 -18.20 -3.27 -31.22
N LEU C 113 -18.82 -3.31 -30.06
CA LEU C 113 -19.08 -2.12 -29.28
C LEU C 113 -17.76 -1.38 -28.98
N LEU C 114 -16.72 -2.12 -28.64
CA LEU C 114 -15.42 -1.51 -28.34
C LEU C 114 -14.85 -0.81 -29.56
N ASP C 115 -15.01 -1.42 -30.70
CA ASP C 115 -14.47 -0.85 -31.93
C ASP C 115 -15.32 0.35 -32.38
N GLU C 116 -16.54 0.47 -31.87
CA GLU C 116 -17.43 1.56 -32.28
C GLU C 116 -17.48 2.71 -31.31
N LEU C 117 -17.15 2.46 -30.06
CA LEU C 117 -17.22 3.44 -28.97
C LEU C 117 -16.10 4.39 -29.06
N MET C 118 -14.94 3.90 -29.47
CA MET C 118 -13.70 4.70 -29.36
C MET C 118 -12.85 4.39 -30.54
N ASP C 119 -12.24 5.45 -31.08
CA ASP C 119 -11.29 5.27 -32.18
C ASP C 119 -10.00 5.97 -31.86
N PHE C 120 -8.91 5.19 -31.80
CA PHE C 120 -7.57 5.76 -31.59
C PHE C 120 -7.47 6.56 -30.30
N GLY C 121 -8.39 6.31 -29.40
CA GLY C 121 -8.36 6.96 -28.12
C GLY C 121 -9.39 8.05 -28.02
N TYR C 122 -10.17 8.23 -29.08
CA TYR C 122 -11.19 9.27 -29.06
C TYR C 122 -12.56 8.65 -29.05
N PRO C 123 -13.33 8.92 -28.00
CA PRO C 123 -14.71 8.43 -27.90
C PRO C 123 -15.49 8.82 -29.11
N GLN C 124 -16.32 7.93 -29.63
CA GLN C 124 -17.09 8.19 -30.82
C GLN C 124 -18.59 8.17 -30.53
N THR C 125 -19.24 7.09 -30.93
CA THR C 125 -20.68 6.95 -30.63
C THR C 125 -20.85 6.15 -29.33
N THR C 126 -21.47 6.76 -28.34
CA THR C 126 -21.62 6.14 -27.04
C THR C 126 -23.06 6.11 -26.55
N ASP C 127 -24.00 6.29 -27.48
CA ASP C 127 -25.42 6.23 -27.11
C ASP C 127 -25.94 4.86 -27.41
N SER C 128 -26.21 4.11 -26.35
CA SER C 128 -26.60 2.70 -26.49
C SER C 128 -27.84 2.52 -27.33
N LYS C 129 -28.79 3.47 -27.22
CA LYS C 129 -30.05 3.37 -27.99
C LYS C 129 -29.85 3.60 -29.47
N ILE C 130 -28.77 4.29 -29.83
CA ILE C 130 -28.43 4.51 -31.24
C ILE C 130 -27.47 3.44 -31.70
N LEU C 131 -26.55 3.07 -30.80
CA LEU C 131 -25.64 1.97 -31.04
C LEU C 131 -26.42 0.68 -31.37
N GLN C 132 -27.57 0.50 -30.70
CA GLN C 132 -28.38 -0.68 -30.88
C GLN C 132 -29.02 -0.78 -32.24
N GLU C 133 -28.88 0.27 -33.05
CA GLU C 133 -29.50 0.28 -34.37
C GLU C 133 -28.63 -0.46 -35.39
N TYR C 134 -27.31 -0.48 -35.18
CA TYR C 134 -26.42 -1.22 -36.10
C TYR C 134 -25.44 -2.17 -35.39
N ILE C 135 -25.37 -2.09 -34.07
CA ILE C 135 -24.64 -3.11 -33.31
C ILE C 135 -25.70 -3.90 -32.54
N THR C 136 -26.24 -4.93 -33.18
CA THR C 136 -27.43 -5.62 -32.69
C THR C 136 -27.14 -7.02 -32.17
N GLN C 137 -27.93 -7.45 -31.19
CA GLN C 137 -27.78 -8.78 -30.61
C GLN C 137 -28.56 -9.81 -31.42
N GLU C 138 -29.69 -9.36 -31.94
CA GLU C 138 -30.61 -10.23 -32.66
C GLU C 138 -30.69 -10.02 -34.20
N ALA C 146 -26.32 -6.93 -44.03
CA ALA C 146 -25.40 -5.95 -43.44
C ALA C 146 -26.13 -4.62 -43.29
N PRO C 147 -26.21 -4.08 -42.07
CA PRO C 147 -26.88 -2.77 -41.87
C PRO C 147 -25.96 -1.64 -42.39
N ARG C 148 -26.45 -0.40 -42.37
CA ARG C 148 -25.63 0.76 -42.73
C ARG C 148 -25.76 1.79 -41.62
N PRO C 149 -24.79 2.72 -41.50
CA PRO C 149 -24.79 3.54 -40.30
C PRO C 149 -25.95 4.49 -40.27
N PRO C 150 -26.60 4.62 -39.11
CA PRO C 150 -27.66 5.61 -38.91
C PRO C 150 -27.08 7.02 -39.09
N ALA C 151 -27.84 7.92 -39.72
CA ALA C 151 -27.35 9.27 -39.90
C ALA C 151 -27.21 9.96 -38.53
N THR C 152 -28.04 9.51 -37.60
CA THR C 152 -28.03 10.02 -36.23
C THR C 152 -26.63 10.17 -35.68
N VAL C 153 -25.79 9.17 -35.95
CA VAL C 153 -24.40 9.16 -35.52
C VAL C 153 -23.73 10.46 -35.95
N THR C 154 -24.02 10.88 -37.17
CA THR C 154 -23.37 12.06 -37.76
C THR C 154 -24.34 13.24 -37.89
N ASN C 155 -25.44 13.22 -37.12
CA ASN C 155 -26.41 14.30 -37.11
C ASN C 155 -26.30 15.21 -35.93
N ALA C 156 -26.69 16.47 -36.07
CA ALA C 156 -26.63 17.42 -34.96
C ALA C 156 -27.53 16.95 -33.83
N VAL C 157 -28.60 16.23 -34.18
CA VAL C 157 -29.39 15.52 -33.18
C VAL C 157 -28.93 14.09 -33.15
N SER C 158 -27.92 13.81 -32.31
CA SER C 158 -27.23 12.54 -32.28
C SER C 158 -27.73 11.55 -31.25
N TRP C 159 -28.88 11.82 -30.65
CA TRP C 159 -29.42 10.99 -29.56
C TRP C 159 -30.81 10.47 -29.87
N ARG C 160 -31.39 10.94 -30.97
CA ARG C 160 -32.70 10.50 -31.40
C ARG C 160 -32.73 10.37 -32.90
N SER C 161 -33.16 9.20 -33.38
CA SER C 161 -33.23 8.97 -34.82
C SER C 161 -34.62 9.37 -35.32
N GLU C 162 -34.69 9.71 -36.60
CA GLU C 162 -35.95 9.99 -37.22
C GLU C 162 -36.69 8.67 -37.45
N GLY C 163 -38.01 8.74 -37.52
CA GLY C 163 -38.82 7.58 -37.84
C GLY C 163 -39.58 7.04 -36.67
N ILE C 164 -39.38 7.61 -35.48
CA ILE C 164 -40.03 7.11 -34.28
C ILE C 164 -41.51 7.42 -34.29
N LYS C 165 -42.29 6.37 -34.07
CA LYS C 165 -43.75 6.51 -34.05
C LYS C 165 -44.36 5.80 -32.86
N TYR C 166 -45.16 6.55 -32.11
CA TYR C 166 -45.98 5.96 -31.06
C TYR C 166 -47.43 6.24 -31.41
N ARG C 167 -48.33 5.29 -31.11
CA ARG C 167 -49.73 5.52 -31.35
C ARG C 167 -50.35 6.28 -30.19
N LYS C 168 -49.78 6.13 -29.01
CA LYS C 168 -50.20 6.96 -27.88
C LYS C 168 -49.05 7.78 -27.32
N ASN C 169 -48.98 9.03 -27.73
CA ASN C 169 -47.92 9.94 -27.30
C ASN C 169 -48.13 10.45 -25.88
N GLU C 170 -47.11 10.26 -25.05
CA GLU C 170 -47.14 10.69 -23.66
C GLU C 170 -45.77 10.84 -23.10
N VAL C 171 -45.63 11.69 -22.08
CA VAL C 171 -44.34 11.95 -21.47
C VAL C 171 -44.44 11.84 -19.96
N PHE C 172 -43.48 11.16 -19.35
CA PHE C 172 -43.44 11.03 -17.90
C PHE C 172 -42.27 11.78 -17.33
N LEU C 173 -42.50 12.54 -16.26
CA LEU C 173 -41.41 13.20 -15.55
C LEU C 173 -41.37 12.65 -14.12
N ASP C 174 -40.21 12.15 -13.71
CA ASP C 174 -39.97 11.83 -12.32
C ASP C 174 -39.07 12.85 -11.67
N VAL C 175 -39.64 13.67 -10.80
CA VAL C 175 -38.81 14.65 -10.09
C VAL C 175 -38.34 14.02 -8.79
N ILE C 176 -37.07 13.64 -8.75
CA ILE C 176 -36.55 12.91 -7.58
C ILE C 176 -35.50 13.71 -6.84
N GLU C 177 -35.75 14.00 -5.57
CA GLU C 177 -34.83 14.79 -4.80
C GLU C 177 -34.19 13.94 -3.72
N ALA C 178 -32.88 14.05 -3.63
CA ALA C 178 -32.14 13.33 -2.65
C ALA C 178 -31.71 14.37 -1.63
N VAL C 179 -31.91 14.08 -0.36
CA VAL C 179 -31.41 14.96 0.66
C VAL C 179 -30.10 14.43 1.27
N ASN C 180 -29.02 15.15 1.02
CA ASN C 180 -27.77 14.88 1.74
C ASN C 180 -27.75 15.60 3.06
N LEU C 181 -27.24 14.95 4.09
CA LEU C 181 -27.18 15.55 5.42
C LEU C 181 -25.98 15.00 6.20
N LEU C 182 -25.35 15.88 6.96
CA LEU C 182 -24.22 15.50 7.76
C LEU C 182 -24.29 16.20 9.07
N VAL C 183 -24.53 15.43 10.12
CA VAL C 183 -24.71 16.01 11.46
C VAL C 183 -23.51 15.70 12.36
N SER C 184 -22.97 16.73 13.00
CA SER C 184 -21.82 16.58 13.89
C SER C 184 -22.13 15.62 15.03
N ALA C 185 -21.08 15.22 15.74
CA ALA C 185 -21.23 14.28 16.84
C ALA C 185 -22.14 14.85 17.93
N ASN C 186 -21.97 16.13 18.21
CA ASN C 186 -22.80 16.81 19.21
C ASN C 186 -24.25 16.90 18.80
N GLY C 187 -24.49 16.98 17.49
CA GLY C 187 -25.84 16.97 16.98
C GLY C 187 -26.26 18.21 16.23
N ASN C 188 -25.32 19.06 15.86
CA ASN C 188 -25.63 20.22 15.07
C ASN C 188 -25.26 20.03 13.60
N VAL C 189 -26.16 20.40 12.71
CA VAL C 189 -26.03 20.14 11.27
C VAL C 189 -24.82 20.81 10.66
N LEU C 190 -23.90 20.00 10.15
CA LEU C 190 -22.70 20.50 9.51
C LEU C 190 -22.98 20.81 8.05
N ARG C 191 -23.74 19.94 7.42
CA ARG C 191 -24.09 20.12 6.04
CA ARG C 191 -24.06 20.08 6.02
C ARG C 191 -25.43 19.52 5.71
N SER C 192 -26.10 20.18 4.75
CA SER C 192 -27.36 19.71 4.24
C SER C 192 -27.61 20.34 2.90
N GLU C 193 -27.97 19.52 1.92
CA GLU C 193 -28.23 20.02 0.58
C GLU C 193 -29.22 19.11 -0.12
N ILE C 194 -29.84 19.64 -1.17
CA ILE C 194 -30.80 18.90 -1.94
C ILE C 194 -30.20 18.67 -3.30
N VAL C 195 -30.13 17.42 -3.70
CA VAL C 195 -29.64 17.10 -5.04
C VAL C 195 -30.81 16.57 -5.81
N GLY C 196 -31.10 17.20 -6.96
CA GLY C 196 -32.31 16.86 -7.69
C GLY C 196 -31.99 16.15 -8.97
N SER C 197 -32.95 15.37 -9.43
CA SER C 197 -32.82 14.69 -10.71
C SER C 197 -34.18 14.73 -11.39
N ILE C 198 -34.21 15.13 -12.66
CA ILE C 198 -35.45 15.00 -13.41
C ILE C 198 -35.26 13.92 -14.43
N LYS C 199 -35.95 12.80 -14.22
CA LYS C 199 -35.83 11.67 -15.13
C LYS C 199 -37.08 11.64 -15.95
N MET C 200 -36.93 11.55 -17.28
CA MET C 200 -38.09 11.48 -18.15
C MET C 200 -38.22 10.14 -18.87
N ARG C 201 -39.46 9.68 -19.06
CA ARG C 201 -39.73 8.67 -20.03
C ARG C 201 -40.53 9.29 -21.21
N VAL C 202 -39.85 9.50 -22.33
CA VAL C 202 -40.45 10.14 -23.47
C VAL C 202 -40.98 9.16 -24.53
N PHE C 203 -42.29 9.10 -24.65
CA PHE C 203 -42.96 8.33 -25.71
C PHE C 203 -43.66 9.27 -26.67
N LEU C 204 -42.90 9.86 -27.58
CA LEU C 204 -43.45 10.80 -28.56
C LEU C 204 -43.07 10.40 -29.97
N SER C 205 -43.90 10.77 -30.94
CA SER C 205 -43.63 10.48 -32.32
C SER C 205 -42.91 11.64 -32.97
N GLY C 206 -42.09 11.33 -33.97
CA GLY C 206 -41.40 12.38 -34.72
C GLY C 206 -40.18 12.92 -34.03
N MET C 207 -39.95 14.20 -34.21
CA MET C 207 -38.80 14.88 -33.60
C MET C 207 -39.28 16.12 -32.85
N PRO C 208 -39.97 15.92 -31.72
CA PRO C 208 -40.65 17.02 -31.07
C PRO C 208 -39.73 17.98 -30.40
N GLU C 209 -40.20 19.20 -30.19
CA GLU C 209 -39.44 20.17 -29.40
C GLU C 209 -40.13 20.28 -28.05
N LEU C 210 -39.40 20.01 -26.99
CA LEU C 210 -39.96 20.08 -25.66
C LEU C 210 -39.38 21.24 -24.89
N ARG C 211 -40.21 21.88 -24.08
CA ARG C 211 -39.74 22.96 -23.23
C ARG C 211 -40.25 22.79 -21.80
N LEU C 212 -39.32 22.81 -20.84
CA LEU C 212 -39.67 22.63 -19.45
C LEU C 212 -39.94 23.96 -18.75
N GLY C 213 -41.02 24.01 -17.97
CA GLY C 213 -41.32 25.17 -17.16
C GLY C 213 -41.16 24.85 -15.66
N LEU C 214 -40.15 25.44 -15.01
CA LEU C 214 -40.01 25.28 -13.59
C LEU C 214 -40.19 26.61 -12.87
N ASN C 215 -40.46 26.58 -11.58
CA ASN C 215 -40.45 27.78 -10.76
C ASN C 215 -39.00 28.20 -10.44
N ASP C 216 -38.18 28.26 -11.48
CA ASP C 216 -36.81 28.71 -11.40
C ASP C 216 -36.78 30.19 -10.94
N LYS C 217 -36.23 30.43 -9.75
CA LYS C 217 -36.23 31.74 -9.15
C LYS C 217 -35.66 32.84 -10.04
N VAL C 218 -34.57 32.50 -10.71
CA VAL C 218 -33.94 33.40 -11.65
C VAL C 218 -34.92 33.79 -12.77
N LEU C 219 -35.66 32.80 -13.27
CA LEU C 219 -36.67 33.03 -14.31
C LEU C 219 -37.77 33.94 -13.81
N PHE C 220 -38.31 33.61 -12.63
CA PHE C 220 -39.39 34.42 -12.04
C PHE C 220 -39.00 35.86 -11.83
N ASP C 221 -37.81 36.05 -11.24
CA ASP C 221 -37.30 37.39 -10.96
C ASP C 221 -37.13 38.22 -12.24
N ASN C 222 -36.84 37.53 -13.34
CA ASN C 222 -36.71 38.19 -14.64
C ASN C 222 -38.03 38.29 -15.39
N THR C 223 -39.11 37.93 -14.72
CA THR C 223 -40.45 38.02 -15.32
C THR C 223 -41.47 38.56 -14.31
N GLY C 224 -40.99 39.28 -13.30
CA GLY C 224 -41.81 39.90 -12.29
C GLY C 224 -42.74 38.95 -11.55
N ARG C 225 -42.19 37.85 -11.09
CA ARG C 225 -42.95 36.90 -10.31
C ARG C 225 -42.22 36.60 -9.00
N GLY C 226 -41.35 37.53 -8.60
CA GLY C 226 -40.56 37.42 -7.40
C GLY C 226 -41.39 37.17 -6.14
N LYS C 227 -42.64 37.64 -6.17
CA LYS C 227 -43.51 37.43 -5.02
C LYS C 227 -44.00 35.99 -4.95
N SER C 228 -44.08 35.34 -6.10
CA SER C 228 -44.52 33.95 -6.14
C SER C 228 -43.43 32.96 -5.69
N LYS C 229 -43.87 31.76 -5.33
CA LYS C 229 -42.98 30.74 -4.73
C LYS C 229 -42.06 30.16 -5.78
N SER C 230 -40.76 30.20 -5.51
CA SER C 230 -39.77 29.74 -6.47
C SER C 230 -38.76 28.83 -5.80
N VAL C 231 -37.72 28.43 -6.55
CA VAL C 231 -36.64 27.61 -6.00
C VAL C 231 -35.33 28.11 -6.60
N GLU C 232 -34.34 28.34 -5.73
CA GLU C 232 -33.08 28.89 -6.22
C GLU C 232 -32.05 27.78 -6.42
N LEU C 233 -31.88 27.37 -7.67
CA LEU C 233 -30.97 26.31 -8.02
C LEU C 233 -29.50 26.79 -8.02
N GLU C 234 -28.72 26.30 -7.07
CA GLU C 234 -27.32 26.68 -6.93
C GLU C 234 -26.51 26.33 -8.16
N ASP C 235 -26.81 25.16 -8.74
CA ASP C 235 -26.23 24.75 -10.00
C ASP C 235 -27.15 23.83 -10.73
N VAL C 236 -27.02 23.75 -12.05
CA VAL C 236 -27.83 22.85 -12.84
C VAL C 236 -26.98 22.18 -13.89
N LYS C 237 -27.17 20.89 -14.10
CA LYS C 237 -26.46 20.16 -15.15
C LYS C 237 -27.48 19.59 -16.10
N PHE C 238 -27.26 19.75 -17.41
CA PHE C 238 -28.27 19.28 -18.38
C PHE C 238 -27.78 18.13 -19.25
N HIS C 239 -28.73 17.30 -19.65
CA HIS C 239 -28.47 16.25 -20.63
C HIS C 239 -28.01 16.90 -21.90
N GLN C 240 -27.26 16.13 -22.72
CA GLN C 240 -26.80 16.64 -24.01
C GLN C 240 -27.91 17.31 -24.82
N CYS C 241 -29.11 16.72 -24.77
CA CYS C 241 -30.22 17.15 -25.62
C CYS C 241 -30.64 18.59 -25.37
N VAL C 242 -30.41 19.10 -24.16
CA VAL C 242 -30.81 20.45 -23.82
C VAL C 242 -29.95 21.50 -24.56
N ARG C 243 -30.58 22.57 -25.01
CA ARG C 243 -29.88 23.68 -25.65
C ARG C 243 -29.33 24.65 -24.61
N LEU C 244 -28.07 24.43 -24.22
CA LEU C 244 -27.44 25.11 -23.10
C LEU C 244 -27.40 26.62 -23.27
N SER C 245 -27.19 27.05 -24.50
CA SER C 245 -26.99 28.48 -24.79
C SER C 245 -28.28 29.23 -24.51
N ARG C 246 -29.41 28.62 -24.80
CA ARG C 246 -30.73 29.25 -24.53
C ARG C 246 -31.04 29.38 -23.05
N PHE C 247 -30.58 28.41 -22.29
CA PHE C 247 -30.75 28.45 -20.85
C PHE C 247 -29.91 29.57 -20.28
N GLU C 248 -28.72 29.73 -20.84
CA GLU C 248 -27.79 30.74 -20.40
C GLU C 248 -28.43 32.14 -20.58
N ASN C 249 -29.14 32.35 -21.69
CA ASN C 249 -29.75 33.63 -21.99
C ASN C 249 -30.97 33.94 -21.14
N ASP C 250 -31.93 33.01 -21.09
CA ASP C 250 -33.23 33.28 -20.46
C ASP C 250 -33.80 32.10 -19.71
N ARG C 251 -32.93 31.24 -19.20
CA ARG C 251 -33.33 30.12 -18.34
C ARG C 251 -34.30 29.15 -19.01
N THR C 252 -34.20 29.02 -20.32
CA THR C 252 -35.09 28.17 -21.09
C THR C 252 -34.48 26.77 -21.28
N ILE C 253 -35.23 25.80 -20.78
CA ILE C 253 -34.89 24.39 -20.92
C ILE C 253 -35.54 23.87 -22.20
N SER C 254 -34.80 23.97 -23.31
CA SER C 254 -35.35 23.50 -24.59
C SER C 254 -34.57 22.32 -25.07
N PHE C 255 -35.26 21.30 -25.58
CA PHE C 255 -34.59 20.07 -25.99
C PHE C 255 -35.45 19.20 -26.86
N ILE C 256 -34.79 18.47 -27.74
CA ILE C 256 -35.44 17.39 -28.49
C ILE C 256 -35.10 16.07 -27.79
N PRO C 257 -36.06 15.52 -27.06
CA PRO C 257 -35.79 14.42 -26.15
C PRO C 257 -35.46 13.15 -26.90
N PRO C 258 -34.50 12.36 -26.38
CA PRO C 258 -34.18 11.07 -26.91
C PRO C 258 -35.32 10.12 -26.64
N ASP C 259 -35.28 8.94 -27.26
CA ASP C 259 -36.41 8.06 -27.16
C ASP C 259 -36.30 7.20 -25.91
N GLY C 260 -37.35 7.17 -25.11
CA GLY C 260 -37.42 6.28 -23.96
C GLY C 260 -37.06 6.92 -22.66
N GLU C 261 -36.16 6.28 -21.89
CA GLU C 261 -35.77 6.78 -20.58
C GLU C 261 -34.45 7.52 -20.60
N PHE C 262 -34.41 8.68 -19.94
CA PHE C 262 -33.16 9.44 -19.81
C PHE C 262 -33.27 10.45 -18.70
N GLU C 263 -32.13 10.92 -18.20
CA GLU C 263 -32.11 11.91 -17.16
C GLU C 263 -31.93 13.25 -17.81
N LEU C 264 -32.95 14.09 -17.70
CA LEU C 264 -32.93 15.41 -18.35
C LEU C 264 -31.98 16.37 -17.69
N MET C 265 -32.12 16.53 -16.38
CA MET C 265 -31.27 17.48 -15.68
C MET C 265 -31.07 17.07 -14.25
N SER C 266 -29.99 17.58 -13.65
CA SER C 266 -29.77 17.41 -12.24
C SER C 266 -29.56 18.80 -11.68
N TYR C 267 -30.06 19.02 -10.47
CA TYR C 267 -29.86 20.27 -9.83
C TYR C 267 -29.41 20.07 -8.39
N ARG C 268 -28.93 21.14 -7.80
CA ARG C 268 -28.43 21.12 -6.45
C ARG C 268 -28.85 22.45 -5.80
N LEU C 269 -29.37 22.37 -4.58
CA LEU C 269 -29.70 23.58 -3.82
C LEU C 269 -29.59 23.37 -2.32
N ASN C 270 -29.45 24.47 -1.57
CA ASN C 270 -29.38 24.40 -0.12
C ASN C 270 -30.76 24.26 0.49
N THR C 271 -30.83 23.76 1.72
CA THR C 271 -32.10 23.61 2.38
C THR C 271 -32.24 24.57 3.58
N HIS C 272 -33.48 24.97 3.87
CA HIS C 272 -33.77 25.91 4.94
C HIS C 272 -34.68 25.24 5.94
N VAL C 273 -34.75 23.92 5.88
CA VAL C 273 -35.68 23.19 6.70
C VAL C 273 -34.93 22.24 7.62
N LYS C 274 -35.57 21.86 8.73
CA LYS C 274 -35.03 20.83 9.59
C LYS C 274 -34.94 19.55 8.80
N PRO C 275 -33.95 18.68 9.11
CA PRO C 275 -33.78 17.42 8.38
C PRO C 275 -35.05 16.60 8.46
N LEU C 276 -35.40 15.99 7.33
CA LEU C 276 -36.66 15.24 7.25
C LEU C 276 -36.81 14.16 8.32
N ILE C 277 -35.79 13.35 8.50
CA ILE C 277 -35.76 12.36 9.55
C ILE C 277 -34.60 12.57 10.47
N TRP C 278 -34.90 12.82 11.73
CA TRP C 278 -33.88 13.11 12.73
C TRP C 278 -33.64 11.93 13.67
N ILE C 279 -32.43 11.39 13.67
CA ILE C 279 -32.02 10.32 14.58
C ILE C 279 -31.26 10.90 15.72
N GLU C 280 -31.48 10.37 16.91
CA GLU C 280 -30.73 10.71 18.08
C GLU C 280 -30.49 9.41 18.85
N SER C 281 -29.30 8.84 18.72
CA SER C 281 -28.89 7.68 19.52
C SER C 281 -27.90 8.11 20.58
N VAL C 282 -28.17 7.73 21.83
CA VAL C 282 -27.19 7.88 22.89
C VAL C 282 -26.66 6.50 23.26
N ILE C 283 -25.39 6.43 23.66
CA ILE C 283 -24.74 5.16 23.89
C ILE C 283 -24.19 5.06 25.28
N GLU C 284 -24.57 4.01 25.99
CA GLU C 284 -23.92 3.73 27.27
C GLU C 284 -23.11 2.47 27.15
N LYS C 285 -21.79 2.64 27.23
CA LYS C 285 -20.89 1.52 27.11
C LYS C 285 -20.27 1.16 28.44
N HIS C 286 -20.52 -0.06 28.89
CA HIS C 286 -19.82 -0.63 30.04
C HIS C 286 -18.75 -1.57 29.53
N SER C 287 -17.52 -1.07 29.44
CA SER C 287 -16.41 -1.82 28.86
C SER C 287 -16.28 -3.23 29.42
N HIS C 288 -15.90 -4.17 28.55
CA HIS C 288 -15.69 -5.57 28.91
C HIS C 288 -16.98 -6.27 29.37
N SER C 289 -18.12 -5.60 29.27
CA SER C 289 -19.37 -6.17 29.72
C SER C 289 -20.51 -6.04 28.70
N ARG C 290 -20.88 -4.80 28.40
CA ARG C 290 -22.10 -4.56 27.63
C ARG C 290 -22.13 -3.18 27.01
N ILE C 291 -22.97 -3.02 26.00
CA ILE C 291 -23.19 -1.74 25.40
C ILE C 291 -24.69 -1.56 25.11
N GLU C 292 -25.20 -0.37 25.40
CA GLU C 292 -26.60 -0.12 25.20
C GLU C 292 -26.87 1.06 24.28
N TYR C 293 -27.80 0.88 23.37
CA TYR C 293 -28.21 1.97 22.48
C TYR C 293 -29.64 2.43 22.82
N MET C 294 -29.78 3.70 23.17
CA MET C 294 -31.09 4.32 23.31
C MET C 294 -31.27 5.35 22.19
N VAL C 295 -32.16 5.08 21.24
CA VAL C 295 -32.29 5.92 20.06
C VAL C 295 -33.71 6.30 19.72
N LYS C 296 -33.95 7.60 19.57
CA LYS C 296 -35.22 8.11 19.12
C LYS C 296 -35.09 8.60 17.70
N ALA C 297 -36.15 8.40 16.93
CA ALA C 297 -36.21 8.80 15.54
C ALA C 297 -37.49 9.55 15.24
N LYS C 298 -37.40 10.85 15.00
CA LYS C 298 -38.58 11.63 14.70
C LYS C 298 -38.66 12.21 13.29
N SER C 299 -39.82 12.04 12.65
CA SER C 299 -40.05 12.52 11.29
C SER C 299 -40.48 13.98 11.32
N GLN C 300 -39.73 14.84 10.68
CA GLN C 300 -39.97 16.26 10.77
C GLN C 300 -40.47 16.79 9.46
N PHE C 301 -41.66 16.38 9.11
CA PHE C 301 -42.38 16.91 7.96
C PHE C 301 -43.88 16.83 8.21
N LYS C 302 -44.67 17.30 7.26
CA LYS C 302 -46.11 17.31 7.42
C LYS C 302 -46.74 15.93 7.68
N ARG C 303 -47.60 15.87 8.70
CA ARG C 303 -48.28 14.64 9.09
C ARG C 303 -49.07 14.06 7.97
N ARG C 304 -49.54 14.92 7.08
CA ARG C 304 -50.24 14.51 5.87
C ARG C 304 -49.31 13.66 5.00
N SER C 305 -48.01 13.95 5.00
CA SER C 305 -47.07 13.16 4.23
C SER C 305 -46.54 11.95 5.00
N THR C 306 -46.03 10.94 4.27
CA THR C 306 -45.56 9.73 4.93
C THR C 306 -44.30 9.14 4.28
N ALA C 307 -43.32 8.78 5.09
CA ALA C 307 -42.08 8.24 4.59
C ALA C 307 -42.16 6.71 4.56
N ASN C 308 -41.71 6.10 3.47
CA ASN C 308 -41.81 4.67 3.31
C ASN C 308 -40.46 4.03 3.37
N ASN C 309 -40.45 2.77 3.82
CA ASN C 309 -39.27 1.91 3.76
C ASN C 309 -38.08 2.59 4.35
N VAL C 310 -38.25 3.07 5.58
CA VAL C 310 -37.12 3.75 6.22
C VAL C 310 -36.30 2.76 7.04
N GLU C 311 -35.00 2.77 6.82
CA GLU C 311 -34.06 1.97 7.57
C GLU C 311 -33.09 2.90 8.26
N ILE C 312 -32.84 2.64 9.54
CA ILE C 312 -31.89 3.46 10.30
C ILE C 312 -30.68 2.61 10.67
N HIS C 313 -29.59 2.80 9.94
CA HIS C 313 -28.38 2.01 10.15
C HIS C 313 -27.55 2.52 11.31
N ILE C 314 -27.38 1.70 12.33
CA ILE C 314 -26.58 2.10 13.49
C ILE C 314 -25.43 1.12 13.69
N PRO C 315 -24.20 1.59 13.60
CA PRO C 315 -23.03 0.76 13.84
C PRO C 315 -23.00 0.27 15.27
N VAL C 316 -22.62 -0.99 15.46
CA VAL C 316 -22.43 -1.59 16.80
C VAL C 316 -21.09 -2.30 16.77
N PRO C 317 -20.53 -2.61 17.95
CA PRO C 317 -19.20 -3.26 18.01
C PRO C 317 -19.09 -4.53 17.18
N ASN C 318 -17.89 -4.81 16.68
CA ASN C 318 -17.65 -5.98 15.86
C ASN C 318 -17.52 -7.27 16.64
N ASP C 319 -17.43 -7.15 17.96
CA ASP C 319 -17.30 -8.31 18.83
C ASP C 319 -18.49 -8.43 19.73
N ALA C 320 -19.55 -7.66 19.42
CA ALA C 320 -20.77 -7.68 20.22
C ALA C 320 -21.48 -9.03 20.09
N ASP C 321 -22.38 -9.33 21.01
CA ASP C 321 -23.09 -10.61 21.00
C ASP C 321 -24.43 -10.51 21.73
N SER C 322 -25.25 -11.56 21.59
CA SER C 322 -26.51 -11.71 22.28
C SER C 322 -27.38 -10.46 22.28
N PRO C 323 -27.87 -10.01 21.10
CA PRO C 323 -28.59 -8.73 21.03
C PRO C 323 -30.00 -8.82 21.55
N LYS C 324 -30.49 -7.72 22.11
CA LYS C 324 -31.86 -7.63 22.60
C LYS C 324 -32.47 -6.31 22.11
N PHE C 325 -33.57 -6.38 21.34
CA PHE C 325 -34.18 -5.15 20.86
C PHE C 325 -35.60 -4.89 21.40
N LYS C 326 -35.94 -3.61 21.61
CA LYS C 326 -37.30 -3.24 21.90
C LYS C 326 -37.60 -1.94 21.14
N THR C 327 -38.77 -1.88 20.48
CA THR C 327 -39.18 -0.66 19.73
C THR C 327 -40.60 -0.29 20.03
N THR C 328 -40.94 0.98 19.79
CA THR C 328 -42.34 1.44 19.90
C THR C 328 -43.01 1.13 18.55
N VAL C 329 -42.22 1.21 17.48
CA VAL C 329 -42.69 0.94 16.14
C VAL C 329 -41.58 0.30 15.33
N GLY C 330 -41.92 -0.74 14.58
CA GLY C 330 -40.93 -1.31 13.66
C GLY C 330 -40.05 -2.38 14.29
N SER C 331 -39.18 -2.97 13.47
CA SER C 331 -38.33 -4.06 13.91
C SER C 331 -36.87 -3.71 13.80
N VAL C 332 -36.03 -4.45 14.52
CA VAL C 332 -34.57 -4.29 14.40
C VAL C 332 -33.94 -5.65 14.08
N LYS C 333 -32.92 -5.66 13.27
CA LYS C 333 -32.16 -6.88 13.01
C LYS C 333 -30.69 -6.53 13.12
N TRP C 334 -29.90 -7.49 13.68
CA TRP C 334 -28.48 -7.35 13.73
C TRP C 334 -27.88 -7.80 12.41
N VAL C 335 -27.04 -6.98 11.85
CA VAL C 335 -26.36 -7.33 10.59
C VAL C 335 -24.85 -7.33 10.88
N PRO C 336 -24.32 -8.48 11.35
CA PRO C 336 -22.96 -8.61 11.77
C PRO C 336 -22.04 -8.49 10.60
N GLU C 337 -22.54 -8.85 9.43
CA GLU C 337 -21.74 -8.81 8.22
C GLU C 337 -21.31 -7.40 7.94
N ASN C 338 -22.08 -6.46 8.44
CA ASN C 338 -21.76 -5.03 8.30
C ASN C 338 -21.55 -4.36 9.65
N SER C 339 -21.46 -5.19 10.69
CA SER C 339 -21.23 -4.73 12.03
C SER C 339 -22.17 -3.55 12.39
N GLU C 340 -23.47 -3.81 12.32
CA GLU C 340 -24.48 -2.78 12.53
C GLU C 340 -25.80 -3.38 12.88
N ILE C 341 -26.70 -2.56 13.42
CA ILE C 341 -28.10 -2.93 13.54
C ILE C 341 -28.88 -2.08 12.61
N VAL C 342 -29.96 -2.61 12.06
CA VAL C 342 -30.83 -1.81 11.16
C VAL C 342 -32.23 -1.78 11.75
N TRP C 343 -32.64 -0.59 12.09
CA TRP C 343 -34.03 -0.37 12.57
C TRP C 343 -34.90 -0.06 11.36
N SER C 344 -35.88 -0.91 11.10
CA SER C 344 -36.72 -0.78 9.92
C SER C 344 -38.13 -0.33 10.30
N VAL C 345 -38.56 0.79 9.73
CA VAL C 345 -39.92 1.29 9.92
C VAL C 345 -40.60 1.36 8.56
N LYS C 346 -41.62 0.53 8.36
CA LYS C 346 -42.17 0.40 7.01
C LYS C 346 -42.96 1.68 6.58
N SER C 347 -43.74 2.21 7.51
CA SER C 347 -44.52 3.37 7.24
C SER C 347 -44.28 4.40 8.33
N PHE C 348 -43.76 5.56 7.93
CA PHE C 348 -43.35 6.57 8.91
C PHE C 348 -44.00 7.91 8.59
N PRO C 349 -45.16 8.16 9.16
CA PRO C 349 -45.89 9.41 8.96
C PRO C 349 -45.23 10.60 9.65
N GLY C 350 -45.41 11.80 9.10
CA GLY C 350 -44.76 13.01 9.63
C GLY C 350 -45.21 13.35 11.02
N GLY C 351 -44.40 14.12 11.71
CA GLY C 351 -44.70 14.55 13.06
C GLY C 351 -44.74 13.47 14.12
N LYS C 352 -44.26 12.28 13.76
CA LYS C 352 -44.22 11.19 14.72
C LYS C 352 -42.82 11.11 15.36
N GLU C 353 -42.74 10.59 16.58
CA GLU C 353 -41.47 10.28 17.19
C GLU C 353 -41.42 8.85 17.72
N TYR C 354 -40.60 8.01 17.13
CA TYR C 354 -40.48 6.60 17.55
C TYR C 354 -39.23 6.33 18.38
N LEU C 355 -39.23 5.21 19.08
CA LEU C 355 -38.15 4.87 20.00
C LEU C 355 -37.62 3.48 19.81
N MET C 356 -36.37 3.27 20.16
CA MET C 356 -35.70 1.96 20.00
C MET C 356 -34.63 1.82 21.06
N ARG C 357 -34.46 0.59 21.55
CA ARG C 357 -33.39 0.30 22.48
C ARG C 357 -32.75 -1.01 22.10
N ALA C 358 -31.41 -1.05 22.23
CA ALA C 358 -30.65 -2.27 21.88
C ALA C 358 -29.69 -2.54 22.97
N HIS C 359 -29.54 -3.81 23.32
CA HIS C 359 -28.58 -4.19 24.35
C HIS C 359 -27.66 -5.26 23.80
N PHE C 360 -26.36 -5.00 23.83
CA PHE C 360 -25.39 -5.98 23.36
C PHE C 360 -24.46 -6.43 24.48
N GLY C 361 -23.88 -7.62 24.32
CA GLY C 361 -22.91 -8.11 25.24
C GLY C 361 -21.55 -7.93 24.65
N LEU C 362 -20.56 -7.69 25.50
CA LEU C 362 -19.22 -7.43 25.03
C LEU C 362 -18.25 -8.42 25.64
N PRO C 363 -17.19 -8.77 24.90
CA PRO C 363 -16.14 -9.67 25.37
C PRO C 363 -15.42 -9.15 26.61
N SER C 364 -15.00 -10.03 27.48
CA SER C 364 -14.33 -9.64 28.73
C SER C 364 -12.92 -9.20 28.45
N VAL C 365 -12.33 -9.80 27.43
CA VAL C 365 -11.00 -9.42 26.96
C VAL C 365 -11.14 -8.55 25.73
N GLU C 366 -10.50 -7.39 25.75
CA GLU C 366 -10.64 -6.41 24.68
C GLU C 366 -10.08 -6.84 23.35
N ALA C 367 -10.53 -6.18 22.27
CA ALA C 367 -10.07 -6.42 20.93
C ALA C 367 -8.61 -6.04 20.78
N GLU C 368 -7.94 -6.58 19.76
CA GLU C 368 -6.56 -6.16 19.47
C GLU C 368 -6.48 -4.91 18.62
N ASP C 369 -7.35 -4.83 17.64
CA ASP C 369 -7.35 -3.64 16.74
C ASP C 369 -8.59 -2.80 16.95
N LYS C 370 -8.46 -1.51 17.18
CA LYS C 370 -9.65 -0.64 17.24
C LYS C 370 -10.25 -0.61 15.84
N GLU C 371 -11.58 -0.62 15.76
CA GLU C 371 -12.23 -1.02 14.53
C GLU C 371 -12.66 0.17 13.66
N GLY C 372 -12.86 1.32 14.31
CA GLY C 372 -13.35 2.46 13.54
C GLY C 372 -14.80 2.76 13.88
N LYS C 373 -15.24 3.94 13.49
CA LYS C 373 -16.49 4.48 14.01
C LYS C 373 -17.26 5.18 12.89
N PRO C 374 -18.04 4.43 12.12
CA PRO C 374 -18.84 4.94 11.03
C PRO C 374 -19.98 5.79 11.61
N PRO C 375 -20.61 6.60 10.76
CA PRO C 375 -21.71 7.40 11.25
C PRO C 375 -23.02 6.64 11.15
N ILE C 376 -24.04 7.13 11.84
CA ILE C 376 -25.39 6.59 11.64
C ILE C 376 -25.88 7.09 10.27
N SER C 377 -26.32 6.19 9.42
CA SER C 377 -26.93 6.56 8.17
C SER C 377 -28.38 6.13 8.15
N VAL C 378 -29.20 6.86 7.39
CA VAL C 378 -30.60 6.45 7.25
C VAL C 378 -31.09 6.49 5.81
N LYS C 379 -31.88 5.50 5.42
CA LYS C 379 -32.47 5.45 4.14
C LYS C 379 -33.96 5.64 4.31
N PHE C 380 -34.56 6.48 3.47
CA PHE C 380 -36.00 6.69 3.48
C PHE C 380 -36.49 7.13 2.13
N GLU C 381 -37.80 7.23 1.99
CA GLU C 381 -38.44 7.58 0.73
C GLU C 381 -39.80 8.18 0.99
N ILE C 382 -40.03 9.41 0.53
CA ILE C 382 -41.34 10.08 0.72
C ILE C 382 -41.94 10.41 -0.65
N PRO C 383 -43.01 9.73 -1.01
CA PRO C 383 -43.70 9.93 -2.28
C PRO C 383 -44.62 11.12 -2.24
N TYR C 384 -44.86 11.72 -3.41
CA TYR C 384 -45.64 12.96 -3.52
C TYR C 384 -45.07 14.01 -2.56
N PHE C 385 -43.76 14.30 -2.70
CA PHE C 385 -43.12 15.23 -1.79
C PHE C 385 -41.87 15.84 -2.40
N THR C 386 -41.61 17.10 -2.08
CA THR C 386 -40.36 17.79 -2.42
C THR C 386 -39.98 18.70 -1.27
N THR C 387 -38.75 18.58 -0.80
CA THR C 387 -38.25 19.49 0.26
C THR C 387 -37.98 20.84 -0.37
N SER C 388 -37.75 20.85 -1.68
CA SER C 388 -37.37 22.03 -2.41
C SER C 388 -38.55 22.93 -2.72
N GLY C 389 -39.73 22.33 -2.90
CA GLY C 389 -40.87 23.10 -3.30
C GLY C 389 -40.81 23.42 -4.80
N ILE C 390 -39.95 22.77 -5.51
CA ILE C 390 -39.87 22.83 -6.95
C ILE C 390 -41.17 22.33 -7.57
N GLN C 391 -41.50 22.90 -8.71
CA GLN C 391 -42.71 22.55 -9.43
C GLN C 391 -42.42 22.62 -10.91
N VAL C 392 -42.70 21.53 -11.62
CA VAL C 392 -42.67 21.60 -13.08
C VAL C 392 -44.01 22.19 -13.50
N ARG C 393 -43.98 23.46 -13.89
CA ARG C 393 -45.16 24.25 -14.14
C ARG C 393 -45.79 23.92 -15.47
N TYR C 394 -44.98 23.62 -16.48
CA TYR C 394 -45.53 23.20 -17.78
C TYR C 394 -44.51 22.39 -18.55
N LEU C 395 -45.02 21.52 -19.44
CA LEU C 395 -44.15 20.85 -20.38
C LEU C 395 -44.73 21.01 -21.75
N LYS C 396 -44.17 21.91 -22.54
CA LYS C 396 -44.71 22.19 -23.86
C LYS C 396 -44.17 21.19 -24.86
N ILE C 397 -45.07 20.64 -25.69
CA ILE C 397 -44.66 19.73 -26.74
C ILE C 397 -44.94 20.30 -28.09
N ILE C 398 -43.92 20.48 -28.92
CA ILE C 398 -44.09 21.10 -30.23
C ILE C 398 -43.77 20.15 -31.37
N GLU C 399 -44.84 19.69 -32.03
CA GLU C 399 -44.70 18.76 -33.14
C GLU C 399 -45.33 19.33 -34.37
N LYS C 400 -44.69 19.11 -35.52
CA LYS C 400 -45.18 19.60 -36.81
C LYS C 400 -46.59 19.07 -37.11
N SER C 401 -46.94 17.95 -36.51
CA SER C 401 -48.23 17.33 -36.75
C SER C 401 -49.24 17.68 -35.67
N GLY C 402 -48.75 18.29 -34.60
CA GLY C 402 -49.61 18.78 -33.52
C GLY C 402 -50.52 17.72 -32.90
N TYR C 403 -50.06 16.47 -32.79
CA TYR C 403 -50.84 15.43 -32.14
C TYR C 403 -51.06 15.75 -30.65
N GLN C 404 -52.06 15.13 -30.05
CA GLN C 404 -52.31 15.30 -28.65
C GLN C 404 -51.31 14.48 -27.89
N ALA C 405 -50.61 15.13 -26.99
CA ALA C 405 -49.63 14.42 -26.16
C ALA C 405 -49.64 14.98 -24.77
N LEU C 406 -50.13 14.17 -23.83
CA LEU C 406 -50.23 14.63 -22.46
C LEU C 406 -49.05 14.16 -21.59
N PRO C 407 -48.40 15.11 -20.94
CA PRO C 407 -47.31 14.81 -20.01
C PRO C 407 -47.79 14.50 -18.61
N TRP C 408 -47.02 13.72 -17.87
CA TRP C 408 -47.35 13.37 -16.48
C TRP C 408 -46.19 13.63 -15.56
N VAL C 409 -46.42 13.66 -14.26
CA VAL C 409 -45.33 13.96 -13.32
C VAL C 409 -45.61 13.48 -11.91
N ARG C 410 -44.53 13.16 -11.20
CA ARG C 410 -44.65 12.79 -9.79
C ARG C 410 -43.41 13.19 -9.06
N TYR C 411 -43.55 13.49 -7.77
CA TYR C 411 -42.41 13.98 -6.99
C TYR C 411 -42.03 13.05 -5.87
N ILE C 412 -40.78 12.66 -5.83
CA ILE C 412 -40.31 11.71 -4.77
C ILE C 412 -39.13 12.29 -4.05
N THR C 413 -39.20 12.30 -2.73
CA THR C 413 -38.05 12.72 -1.95
C THR C 413 -37.47 11.49 -1.27
N GLN C 414 -36.15 11.32 -1.38
CA GLN C 414 -35.46 10.21 -0.74
C GLN C 414 -34.12 10.65 -0.16
N ASN C 415 -33.45 9.72 0.49
CA ASN C 415 -32.16 9.99 1.07
C ASN C 415 -31.05 10.01 0.06
N GLY C 416 -30.07 10.90 0.27
CA GLY C 416 -28.78 10.79 -0.44
C GLY C 416 -27.76 10.31 0.58
N ASP C 417 -26.67 11.06 0.74
CA ASP C 417 -25.78 10.80 1.84
C ASP C 417 -26.40 11.44 3.07
N TYR C 418 -27.18 10.65 3.76
CA TYR C 418 -27.93 11.14 4.91
C TYR C 418 -27.39 10.50 6.19
N GLN C 419 -26.35 11.10 6.74
CA GLN C 419 -25.63 10.48 7.86
C GLN C 419 -25.34 11.36 9.08
N LEU C 420 -25.44 10.78 10.26
CA LEU C 420 -25.27 11.47 11.50
C LEU C 420 -24.09 10.85 12.28
N ARG C 421 -23.05 11.65 12.50
CA ARG C 421 -21.82 11.19 13.13
C ARG C 421 -22.12 10.74 14.53
N THR C 422 -21.29 9.82 15.02
CA THR C 422 -21.48 9.26 16.35
C THR C 422 -20.21 9.41 17.17
N GLN C 423 -20.32 9.20 18.48
CA GLN C 423 -19.16 9.39 19.36
C GLN C 423 -18.83 8.21 20.27
N GLU D 30 -7.24 -29.17 -30.95
CA GLU D 30 -6.72 -29.58 -32.27
C GLU D 30 -6.82 -28.42 -33.27
N ILE D 31 -5.65 -28.04 -33.75
CA ILE D 31 -5.54 -26.95 -34.70
C ILE D 31 -5.94 -27.40 -36.09
N PHE D 32 -5.63 -28.64 -36.44
CA PHE D 32 -5.91 -29.15 -37.79
C PHE D 32 -7.39 -29.14 -38.18
N GLU D 33 -8.25 -29.56 -37.25
CA GLU D 33 -9.68 -29.57 -37.52
C GLU D 33 -10.23 -28.16 -37.52
N LEU D 34 -9.58 -27.30 -36.73
CA LEU D 34 -9.94 -25.90 -36.70
C LEU D 34 -9.65 -25.27 -38.06
N LYS D 35 -8.54 -25.69 -38.67
CA LYS D 35 -8.17 -25.28 -40.02
C LYS D 35 -9.14 -25.86 -41.02
N ALA D 36 -9.55 -27.10 -40.78
CA ALA D 36 -10.46 -27.80 -41.67
C ALA D 36 -11.77 -27.02 -41.78
N GLU D 37 -12.34 -26.68 -40.63
CA GLU D 37 -13.56 -25.88 -40.62
C GLU D 37 -13.28 -24.47 -41.08
N LEU D 38 -12.04 -24.03 -40.94
CA LEU D 38 -11.64 -22.70 -41.37
C LEU D 38 -11.66 -22.62 -42.90
N ASN D 39 -11.49 -23.77 -43.54
CA ASN D 39 -11.50 -23.85 -45.00
C ASN D 39 -12.68 -24.63 -45.54
N SER D 40 -13.44 -25.27 -44.63
CA SER D 40 -14.62 -26.04 -45.00
C SER D 40 -15.60 -25.16 -45.77
N ASP D 41 -16.16 -25.72 -46.83
CA ASP D 41 -16.96 -24.98 -47.82
C ASP D 41 -18.24 -24.40 -47.24
N LYS D 42 -18.69 -24.95 -46.12
CA LYS D 42 -19.91 -24.45 -45.48
C LYS D 42 -19.64 -23.12 -44.83
N LYS D 43 -20.56 -22.16 -45.01
CA LYS D 43 -20.42 -20.85 -44.39
C LYS D 43 -20.46 -20.91 -42.88
N GLU D 44 -21.51 -21.53 -42.34
CA GLU D 44 -21.71 -21.59 -40.89
C GLU D 44 -20.55 -22.19 -40.15
N LYS D 45 -20.01 -23.28 -40.68
CA LYS D 45 -18.90 -23.96 -40.04
C LYS D 45 -17.63 -23.11 -39.98
N LYS D 46 -17.37 -22.36 -41.04
CA LYS D 46 -16.20 -21.47 -41.03
C LYS D 46 -16.41 -20.23 -40.17
N LYS D 47 -17.63 -19.72 -40.17
CA LYS D 47 -17.98 -18.60 -39.30
C LYS D 47 -17.74 -18.99 -37.84
N GLU D 48 -18.34 -20.10 -37.44
CA GLU D 48 -18.18 -20.60 -36.10
C GLU D 48 -16.73 -20.96 -35.84
N ALA D 49 -16.03 -21.32 -36.90
CA ALA D 49 -14.60 -21.58 -36.78
C ALA D 49 -13.86 -20.34 -36.31
N VAL D 50 -14.02 -19.22 -37.02
CA VAL D 50 -13.33 -17.99 -36.60
C VAL D 50 -13.86 -17.48 -35.27
N LYS D 51 -15.13 -17.78 -34.96
CA LYS D 51 -15.68 -17.38 -33.67
C LYS D 51 -14.90 -18.07 -32.57
N LYS D 52 -14.74 -19.38 -32.72
CA LYS D 52 -13.96 -20.16 -31.77
C LYS D 52 -12.52 -19.69 -31.78
N VAL D 53 -12.04 -19.22 -32.92
CA VAL D 53 -10.67 -18.72 -33.05
C VAL D 53 -10.43 -17.48 -32.19
N ILE D 54 -11.24 -16.46 -32.37
CA ILE D 54 -11.06 -15.23 -31.61
C ILE D 54 -11.54 -15.41 -30.17
N ALA D 55 -12.35 -16.42 -29.94
CA ALA D 55 -12.73 -16.77 -28.57
C ALA D 55 -11.53 -17.40 -27.87
N SER D 56 -10.79 -18.21 -28.61
CA SER D 56 -9.53 -18.76 -28.12
C SER D 56 -8.54 -17.64 -27.88
N MET D 57 -8.51 -16.67 -28.78
CA MET D 57 -7.61 -15.54 -28.67
C MET D 57 -7.95 -14.75 -27.43
N THR D 58 -9.25 -14.61 -27.16
CA THR D 58 -9.75 -13.80 -26.05
C THR D 58 -9.22 -14.27 -24.72
N VAL D 59 -9.26 -15.56 -24.49
CA VAL D 59 -8.85 -16.13 -23.20
C VAL D 59 -7.32 -16.19 -23.04
N GLY D 60 -6.59 -15.65 -24.01
CA GLY D 60 -5.16 -15.50 -23.86
C GLY D 60 -4.32 -16.48 -24.65
N LYS D 61 -4.96 -17.33 -25.45
CA LYS D 61 -4.23 -18.31 -26.23
C LYS D 61 -3.36 -17.65 -27.32
N ASP D 62 -2.48 -18.44 -27.92
CA ASP D 62 -1.73 -18.03 -29.08
C ASP D 62 -2.26 -18.72 -30.33
N VAL D 63 -3.22 -18.08 -30.98
CA VAL D 63 -3.87 -18.65 -32.15
C VAL D 63 -3.22 -18.12 -33.46
N SER D 64 -2.01 -17.59 -33.30
CA SER D 64 -1.25 -17.02 -34.41
C SER D 64 -1.09 -17.96 -35.60
N ALA D 65 -0.82 -19.23 -35.30
CA ALA D 65 -0.53 -20.21 -36.32
C ALA D 65 -1.64 -20.39 -37.37
N LEU D 66 -2.81 -19.84 -37.10
CA LEU D 66 -3.94 -19.98 -38.01
C LEU D 66 -4.13 -18.75 -38.89
N PHE D 67 -3.10 -17.89 -38.95
CA PHE D 67 -3.19 -16.65 -39.73
C PHE D 67 -3.73 -16.81 -41.15
N PRO D 68 -3.13 -17.70 -41.97
CA PRO D 68 -3.58 -17.76 -43.35
C PRO D 68 -5.02 -18.26 -43.46
N ASP D 69 -5.38 -19.14 -42.55
CA ASP D 69 -6.66 -19.83 -42.60
C ASP D 69 -7.86 -18.89 -42.35
N VAL D 70 -7.75 -18.01 -41.36
CA VAL D 70 -8.83 -17.08 -41.07
C VAL D 70 -8.92 -15.93 -42.06
N VAL D 71 -7.82 -15.60 -42.70
CA VAL D 71 -7.78 -14.51 -43.69
C VAL D 71 -8.67 -14.86 -44.88
N ASN D 72 -8.69 -16.13 -45.27
CA ASN D 72 -9.55 -16.59 -46.36
C ASN D 72 -11.03 -16.39 -46.07
N CYS D 73 -11.33 -15.99 -44.84
CA CYS D 73 -12.69 -15.70 -44.43
C CYS D 73 -12.96 -14.20 -44.46
N MET D 74 -11.99 -13.42 -44.93
CA MET D 74 -12.14 -11.97 -44.94
C MET D 74 -13.11 -11.52 -45.99
N GLN D 75 -12.99 -12.09 -47.18
CA GLN D 75 -13.91 -11.75 -48.26
C GLN D 75 -15.24 -12.39 -48.01
N THR D 76 -16.11 -11.66 -47.30
CA THR D 76 -17.41 -12.20 -46.90
C THR D 76 -18.51 -11.18 -47.11
N ASP D 77 -19.74 -11.66 -47.28
CA ASP D 77 -20.90 -10.77 -47.39
C ASP D 77 -21.37 -10.44 -45.99
N ASN D 78 -20.88 -11.24 -45.03
CA ASN D 78 -21.36 -11.18 -43.67
C ASN D 78 -20.52 -10.28 -42.78
N LEU D 79 -21.15 -9.21 -42.30
CA LEU D 79 -20.46 -8.16 -41.59
C LEU D 79 -19.90 -8.66 -40.27
N GLU D 80 -20.59 -9.62 -39.64
CA GLU D 80 -20.14 -10.16 -38.36
C GLU D 80 -18.78 -10.88 -38.49
N LEU D 81 -18.75 -11.83 -39.42
CA LEU D 81 -17.53 -12.55 -39.73
C LEU D 81 -16.43 -11.58 -40.09
N LYS D 82 -16.74 -10.64 -40.98
CA LYS D 82 -15.76 -9.65 -41.44
C LYS D 82 -15.17 -8.86 -40.28
N LYS D 83 -16.03 -8.37 -39.40
CA LYS D 83 -15.58 -7.63 -38.22
C LYS D 83 -14.65 -8.49 -37.38
N LEU D 84 -15.04 -9.74 -37.17
CA LEU D 84 -14.23 -10.67 -36.40
C LEU D 84 -12.86 -10.88 -37.03
N VAL D 85 -12.82 -11.10 -38.34
CA VAL D 85 -11.55 -11.30 -39.05
C VAL D 85 -10.68 -10.04 -38.94
N TYR D 86 -11.30 -8.87 -39.11
CA TYR D 86 -10.64 -7.60 -38.96
C TYR D 86 -9.99 -7.52 -37.58
N LEU D 87 -10.73 -7.89 -36.56
CA LEU D 87 -10.20 -7.94 -35.20
C LEU D 87 -8.99 -8.86 -35.12
N TYR D 88 -9.10 -10.03 -35.74
CA TYR D 88 -8.01 -10.99 -35.74
C TYR D 88 -6.75 -10.36 -36.30
N LEU D 89 -6.88 -9.78 -37.49
CA LEU D 89 -5.76 -9.11 -38.16
C LEU D 89 -5.18 -8.04 -37.27
N MET D 90 -6.04 -7.16 -36.79
CA MET D 90 -5.62 -6.08 -35.93
C MET D 90 -4.81 -6.61 -34.77
N ASN D 91 -5.10 -7.82 -34.34
CA ASN D 91 -4.42 -8.40 -33.21
C ASN D 91 -3.10 -9.11 -33.56
N TYR D 92 -3.05 -9.69 -34.73
CA TYR D 92 -1.91 -10.55 -35.09
C TYR D 92 -1.03 -10.06 -36.24
N ALA D 93 -1.47 -9.06 -36.99
CA ALA D 93 -0.78 -8.66 -38.20
C ALA D 93 0.67 -8.26 -37.98
N LYS D 94 0.93 -7.47 -36.94
CA LYS D 94 2.29 -7.04 -36.65
C LYS D 94 3.19 -8.22 -36.28
N SER D 95 2.61 -9.23 -35.66
CA SER D 95 3.35 -10.43 -35.31
C SER D 95 3.62 -11.29 -36.56
N GLN D 96 2.82 -11.10 -37.60
CA GLN D 96 2.98 -11.83 -38.84
C GLN D 96 2.95 -10.93 -40.06
N PRO D 97 3.93 -10.03 -40.19
CA PRO D 97 3.91 -8.96 -41.18
C PRO D 97 3.89 -9.44 -42.62
N ASP D 98 4.64 -10.49 -42.94
CA ASP D 98 4.72 -10.97 -44.31
C ASP D 98 3.46 -11.61 -44.84
N MET D 99 2.80 -12.38 -43.97
CA MET D 99 1.57 -13.04 -44.36
C MET D 99 0.44 -12.04 -44.50
N ALA D 100 0.53 -10.97 -43.70
CA ALA D 100 -0.51 -9.94 -43.63
C ALA D 100 -0.86 -9.35 -44.98
N ILE D 101 0.06 -9.46 -45.93
CA ILE D 101 -0.17 -8.93 -47.26
C ILE D 101 -1.41 -9.57 -47.91
N MET D 102 -1.75 -10.79 -47.49
CA MET D 102 -2.91 -11.49 -48.02
C MET D 102 -4.20 -10.77 -47.65
N ALA D 103 -4.09 -9.84 -46.71
CA ALA D 103 -5.25 -9.07 -46.28
C ALA D 103 -5.39 -7.79 -47.08
N VAL D 104 -4.31 -7.40 -47.76
CA VAL D 104 -4.26 -6.10 -48.44
C VAL D 104 -5.36 -5.91 -49.48
N ASN D 105 -5.37 -6.74 -50.53
CA ASN D 105 -6.41 -6.67 -51.55
C ASN D 105 -7.80 -6.37 -51.01
N THR D 106 -8.34 -7.38 -50.34
CA THR D 106 -9.67 -7.28 -49.74
C THR D 106 -9.85 -5.96 -48.98
N PHE D 107 -8.83 -5.60 -48.19
CA PHE D 107 -8.87 -4.38 -47.43
C PHE D 107 -9.26 -3.18 -48.29
N VAL D 108 -8.49 -2.96 -49.36
CA VAL D 108 -8.73 -1.81 -50.21
C VAL D 108 -10.11 -1.93 -50.87
N LYS D 109 -10.50 -3.18 -51.17
CA LYS D 109 -11.80 -3.41 -51.77
C LYS D 109 -12.88 -2.88 -50.84
N ASP D 110 -12.69 -3.17 -49.55
CA ASP D 110 -13.68 -2.79 -48.56
C ASP D 110 -13.76 -1.28 -48.41
N CYS D 111 -12.71 -0.58 -48.85
CA CYS D 111 -12.73 0.87 -48.72
C CYS D 111 -13.51 1.47 -49.86
N GLU D 112 -14.03 0.63 -50.75
CA GLU D 112 -14.83 1.09 -51.87
C GLU D 112 -16.18 0.42 -51.92
N ASP D 113 -16.49 -0.34 -50.88
CA ASP D 113 -17.77 -1.00 -50.77
C ASP D 113 -18.89 0.05 -50.75
N PRO D 114 -20.01 -0.24 -51.41
CA PRO D 114 -21.16 0.68 -51.48
C PRO D 114 -21.81 0.95 -50.14
N ASN D 115 -21.48 0.17 -49.14
CA ASN D 115 -21.95 0.45 -47.79
C ASN D 115 -20.89 1.27 -47.04
N PRO D 116 -21.26 2.48 -46.61
CA PRO D 116 -20.34 3.37 -45.90
C PRO D 116 -19.84 2.79 -44.60
N LEU D 117 -20.67 1.96 -43.98
CA LEU D 117 -20.33 1.35 -42.70
C LEU D 117 -19.08 0.46 -42.83
N ILE D 118 -19.11 -0.44 -43.80
CA ILE D 118 -18.01 -1.35 -44.04
C ILE D 118 -16.80 -0.60 -44.58
N ARG D 119 -17.07 0.50 -45.26
CA ARG D 119 -16.02 1.37 -45.79
C ARG D 119 -15.18 2.01 -44.69
N ALA D 120 -15.88 2.68 -43.79
CA ALA D 120 -15.24 3.25 -42.62
C ALA D 120 -14.62 2.17 -41.72
N LEU D 121 -15.29 1.03 -41.67
CA LEU D 121 -14.78 -0.10 -40.91
C LEU D 121 -13.41 -0.48 -41.40
N ALA D 122 -13.31 -0.64 -42.72
CA ALA D 122 -12.05 -0.91 -43.35
C ALA D 122 -11.00 0.16 -43.05
N VAL D 123 -11.38 1.43 -43.24
CA VAL D 123 -10.45 2.53 -43.02
C VAL D 123 -9.85 2.53 -41.62
N ARG D 124 -10.71 2.55 -40.61
CA ARG D 124 -10.24 2.56 -39.25
C ARG D 124 -9.52 1.27 -38.85
N THR D 125 -9.86 0.17 -39.51
CA THR D 125 -9.15 -1.06 -39.23
C THR D 125 -7.70 -0.96 -39.71
N MET D 126 -7.52 -0.66 -41.01
CA MET D 126 -6.20 -0.61 -41.61
C MET D 126 -5.28 0.36 -40.93
N GLY D 127 -5.83 1.45 -40.41
CA GLY D 127 -5.01 2.46 -39.75
C GLY D 127 -4.40 1.95 -38.46
N CYS D 128 -4.88 0.79 -38.00
CA CYS D 128 -4.38 0.19 -36.77
C CYS D 128 -3.28 -0.82 -37.04
N ILE D 129 -3.30 -1.47 -38.20
CA ILE D 129 -2.25 -2.42 -38.55
C ILE D 129 -0.94 -1.70 -38.79
N ARG D 130 0.04 -1.97 -37.94
CA ARG D 130 1.33 -1.29 -38.03
C ARG D 130 2.33 -2.07 -38.87
N VAL D 131 1.93 -2.35 -40.11
CA VAL D 131 2.82 -2.95 -41.09
C VAL D 131 2.93 -2.03 -42.30
N ASP D 132 4.16 -1.70 -42.70
CA ASP D 132 4.43 -0.68 -43.72
C ASP D 132 3.71 -0.85 -45.06
N LYS D 133 3.68 -2.08 -45.53
CA LYS D 133 2.99 -2.39 -46.79
C LYS D 133 1.54 -1.97 -46.77
N ILE D 134 0.85 -2.43 -45.73
CA ILE D 134 -0.56 -2.16 -45.55
C ILE D 134 -0.84 -0.66 -45.45
N THR D 135 0.12 0.08 -44.88
CA THR D 135 0.01 1.54 -44.83
C THR D 135 0.09 2.12 -46.24
N GLU D 136 1.09 1.65 -47.00
CA GLU D 136 1.27 2.07 -48.38
C GLU D 136 -0.03 1.89 -49.15
N TYR D 137 -0.63 0.72 -49.01
CA TYR D 137 -1.86 0.42 -49.72
C TYR D 137 -3.05 1.14 -49.12
N LEU D 138 -2.90 1.65 -47.89
CA LEU D 138 -3.97 2.39 -47.24
C LEU D 138 -4.03 3.83 -47.69
N CYS D 139 -2.89 4.37 -48.09
CA CYS D 139 -2.79 5.77 -48.53
C CYS D 139 -3.89 6.20 -49.50
N GLU D 140 -3.94 5.57 -50.68
CA GLU D 140 -4.92 5.98 -51.69
C GLU D 140 -6.39 5.87 -51.25
N PRO D 141 -6.81 4.70 -50.73
CA PRO D 141 -8.19 4.62 -50.29
C PRO D 141 -8.51 5.56 -49.15
N LEU D 142 -7.51 5.88 -48.34
CA LEU D 142 -7.68 6.89 -47.30
C LEU D 142 -7.96 8.23 -47.94
N ARG D 143 -7.22 8.54 -49.02
CA ARG D 143 -7.39 9.80 -49.71
C ARG D 143 -8.80 9.92 -50.25
N LYS D 144 -9.34 8.80 -50.74
CA LYS D 144 -10.70 8.79 -51.30
C LYS D 144 -11.72 9.04 -50.20
N CYS D 145 -11.58 8.29 -49.10
CA CYS D 145 -12.52 8.36 -47.99
C CYS D 145 -12.50 9.71 -47.30
N LEU D 146 -11.38 10.40 -47.41
CA LEU D 146 -11.26 11.72 -46.79
C LEU D 146 -12.19 12.72 -47.44
N LYS D 147 -12.54 12.47 -48.71
CA LYS D 147 -13.50 13.31 -49.42
C LYS D 147 -14.74 12.54 -49.77
N ASP D 148 -14.96 11.42 -49.06
CA ASP D 148 -16.13 10.55 -49.28
C ASP D 148 -17.40 11.34 -49.01
N GLU D 149 -18.47 10.93 -49.67
CA GLU D 149 -19.75 11.60 -49.56
C GLU D 149 -20.39 11.50 -48.19
N ASP D 150 -20.17 10.37 -47.50
CA ASP D 150 -20.79 10.13 -46.20
C ASP D 150 -19.92 10.66 -45.05
N PRO D 151 -20.53 11.32 -44.09
CA PRO D 151 -19.83 11.91 -42.95
C PRO D 151 -19.18 10.87 -42.01
N TYR D 152 -19.81 9.71 -41.90
CA TYR D 152 -19.33 8.65 -41.04
C TYR D 152 -17.91 8.23 -41.47
N VAL D 153 -17.82 7.81 -42.73
CA VAL D 153 -16.53 7.44 -43.29
C VAL D 153 -15.56 8.62 -43.32
N ARG D 154 -16.10 9.81 -43.50
CA ARG D 154 -15.27 11.02 -43.53
C ARG D 154 -14.53 11.26 -42.21
N LYS D 155 -15.27 11.30 -41.12
CA LYS D 155 -14.63 11.49 -39.81
C LYS D 155 -13.75 10.28 -39.44
N THR D 156 -14.18 9.08 -39.84
CA THR D 156 -13.39 7.90 -39.60
C THR D 156 -11.99 8.06 -40.25
N ALA D 157 -12.01 8.56 -41.48
CA ALA D 157 -10.77 8.80 -42.19
C ALA D 157 -9.98 9.91 -41.52
N ALA D 158 -10.71 10.91 -41.02
CA ALA D 158 -10.10 12.04 -40.33
C ALA D 158 -9.22 11.55 -39.21
N VAL D 159 -9.74 10.63 -38.41
CA VAL D 159 -8.93 10.06 -37.32
C VAL D 159 -7.83 9.14 -37.87
N CYS D 160 -8.14 8.42 -38.95
CA CYS D 160 -7.13 7.55 -39.53
C CYS D 160 -5.90 8.31 -39.97
N VAL D 161 -6.06 9.61 -40.27
CA VAL D 161 -4.92 10.42 -40.68
C VAL D 161 -3.93 10.53 -39.53
N ALA D 162 -4.43 10.84 -38.34
CA ALA D 162 -3.58 10.87 -37.15
C ALA D 162 -2.99 9.49 -36.87
N LYS D 163 -3.82 8.45 -37.08
CA LYS D 163 -3.37 7.07 -36.95
C LYS D 163 -2.09 6.85 -37.78
N LEU D 164 -2.12 7.28 -39.03
CA LEU D 164 -0.96 7.16 -39.92
C LEU D 164 0.18 8.03 -39.48
N HIS D 165 -0.13 9.24 -39.08
CA HIS D 165 0.90 10.18 -38.66
C HIS D 165 1.68 9.66 -37.46
N ASP D 166 1.07 8.83 -36.62
CA ASP D 166 1.80 8.27 -35.51
C ASP D 166 2.78 7.22 -36.00
N ILE D 167 2.52 6.66 -37.19
CA ILE D 167 3.38 5.62 -37.77
C ILE D 167 4.50 6.20 -38.57
N ASN D 168 4.19 7.22 -39.36
CA ASN D 168 5.18 7.84 -40.25
C ASN D 168 4.79 9.26 -40.60
N ALA D 169 5.28 10.23 -39.83
CA ALA D 169 4.95 11.65 -40.06
C ALA D 169 5.34 12.09 -41.47
N GLN D 170 6.50 11.60 -41.90
CA GLN D 170 6.96 11.83 -43.25
C GLN D 170 5.93 11.47 -44.30
N LEU D 171 5.38 10.28 -44.18
CA LEU D 171 4.38 9.78 -45.12
C LEU D 171 3.18 10.71 -45.22
N VAL D 172 2.72 11.22 -44.08
CA VAL D 172 1.61 12.14 -44.05
C VAL D 172 1.96 13.43 -44.79
N GLU D 173 3.15 13.97 -44.51
CA GLU D 173 3.60 15.18 -45.18
C GLU D 173 3.64 14.96 -46.68
N ASP D 174 4.13 13.78 -47.07
CA ASP D 174 4.27 13.41 -48.47
C ASP D 174 2.95 13.35 -49.18
N GLN D 175 1.98 12.68 -48.60
CA GLN D 175 0.69 12.50 -49.26
C GLN D 175 -0.23 13.71 -49.14
N GLY D 176 0.25 14.73 -48.44
CA GLY D 176 -0.51 15.97 -48.26
C GLY D 176 -1.86 15.78 -47.61
N PHE D 177 -1.90 14.93 -46.59
CA PHE D 177 -3.13 14.63 -45.90
C PHE D 177 -3.51 15.73 -44.91
N LEU D 178 -2.51 16.38 -44.34
CA LEU D 178 -2.74 17.38 -43.30
C LEU D 178 -3.51 18.57 -43.83
N ASP D 179 -3.29 18.91 -45.11
CA ASP D 179 -4.03 19.98 -45.73
C ASP D 179 -5.50 19.65 -45.85
N THR D 180 -5.77 18.44 -46.32
CA THR D 180 -7.14 17.95 -46.41
C THR D 180 -7.79 17.88 -45.02
N LEU D 181 -7.00 17.60 -43.99
CA LEU D 181 -7.49 17.58 -42.61
C LEU D 181 -7.91 18.98 -42.17
N LYS D 182 -6.99 19.94 -42.36
CA LYS D 182 -7.26 21.32 -42.05
C LYS D 182 -8.49 21.79 -42.78
N ASP D 183 -8.74 21.25 -43.97
CA ASP D 183 -9.92 21.59 -44.74
C ASP D 183 -11.15 20.91 -44.16
N LEU D 184 -10.94 19.75 -43.54
CA LEU D 184 -12.04 19.01 -42.91
C LEU D 184 -12.49 19.69 -41.64
N ILE D 185 -11.65 20.57 -41.11
CA ILE D 185 -12.10 21.44 -40.02
C ILE D 185 -13.21 22.38 -40.51
N SER D 186 -13.14 22.73 -41.80
CA SER D 186 -14.15 23.58 -42.41
C SER D 186 -15.32 22.80 -42.98
N ASP D 187 -15.43 21.53 -42.61
CA ASP D 187 -16.49 20.67 -43.11
C ASP D 187 -17.85 21.15 -42.63
N SER D 188 -18.90 20.75 -43.36
CA SER D 188 -20.27 21.09 -43.00
C SER D 188 -20.83 20.20 -41.88
N ASN D 189 -20.27 19.01 -41.74
CA ASN D 189 -20.75 18.06 -40.76
C ASN D 189 -19.97 18.11 -39.47
N PRO D 190 -20.63 18.49 -38.38
CA PRO D 190 -20.03 18.77 -37.09
C PRO D 190 -19.21 17.62 -36.50
N MET D 191 -19.56 16.38 -36.87
CA MET D 191 -18.80 15.22 -36.41
C MET D 191 -17.47 15.10 -37.12
N VAL D 192 -17.52 15.25 -38.45
CA VAL D 192 -16.30 15.29 -39.23
C VAL D 192 -15.41 16.43 -38.74
N VAL D 193 -16.02 17.57 -38.52
CA VAL D 193 -15.34 18.72 -37.93
C VAL D 193 -14.62 18.36 -36.63
N ALA D 194 -15.38 17.88 -35.66
CA ALA D 194 -14.83 17.52 -34.36
C ALA D 194 -13.68 16.49 -34.44
N ASN D 195 -13.90 15.40 -35.17
CA ASN D 195 -12.85 14.40 -35.32
C ASN D 195 -11.60 14.96 -35.97
N ALA D 196 -11.78 15.80 -37.00
CA ALA D 196 -10.66 16.44 -37.63
C ALA D 196 -9.91 17.36 -36.64
N VAL D 197 -10.68 18.05 -35.81
CA VAL D 197 -10.11 18.92 -34.78
C VAL D 197 -9.21 18.10 -33.83
N ALA D 198 -9.76 16.98 -33.35
CA ALA D 198 -9.02 16.10 -32.46
C ALA D 198 -7.72 15.56 -33.08
N ALA D 199 -7.87 15.01 -34.29
CA ALA D 199 -6.75 14.44 -35.03
C ALA D 199 -5.65 15.46 -35.21
N LEU D 200 -6.02 16.58 -35.85
CA LEU D 200 -5.07 17.64 -36.13
C LEU D 200 -4.42 18.18 -34.86
N SER D 201 -5.20 18.29 -33.79
CA SER D 201 -4.70 18.80 -32.53
C SER D 201 -3.62 17.88 -32.01
N GLU D 202 -3.81 16.58 -32.20
CA GLU D 202 -2.80 15.60 -31.83
C GLU D 202 -1.56 15.71 -32.71
N ILE D 203 -1.74 15.95 -33.99
CA ILE D 203 -0.62 16.16 -34.87
C ILE D 203 0.24 17.38 -34.43
N ALA D 204 -0.43 18.47 -34.07
CA ALA D 204 0.24 19.71 -33.72
C ALA D 204 1.13 19.58 -32.48
N GLU D 205 0.89 18.55 -31.67
CA GLU D 205 1.74 18.27 -30.52
C GLU D 205 3.15 17.98 -31.00
N SER D 206 3.26 17.27 -32.12
CA SER D 206 4.54 16.91 -32.69
C SER D 206 5.19 18.08 -33.38
N HIS D 207 4.38 19.02 -33.86
CA HIS D 207 4.90 20.24 -34.46
C HIS D 207 4.45 21.45 -33.64
N PRO D 208 5.16 21.71 -32.51
CA PRO D 208 4.76 22.62 -31.43
C PRO D 208 4.23 23.96 -31.93
N SER D 209 5.13 24.84 -32.31
CA SER D 209 4.75 26.10 -32.91
C SER D 209 5.11 26.07 -34.39
N SER D 210 6.12 25.28 -34.73
CA SER D 210 6.51 25.08 -36.12
C SER D 210 5.29 24.69 -36.94
N ASN D 211 5.18 25.29 -38.13
CA ASN D 211 4.01 25.13 -39.00
C ASN D 211 2.68 25.10 -38.25
N LEU D 212 2.45 26.08 -37.38
CA LEU D 212 1.27 26.13 -36.50
C LEU D 212 -0.03 25.88 -37.27
N LEU D 213 -0.89 25.06 -36.69
CA LEU D 213 -2.12 24.65 -37.38
C LEU D 213 -3.33 25.33 -36.75
N ASP D 214 -3.11 26.44 -36.06
CA ASP D 214 -4.19 27.29 -35.57
C ASP D 214 -4.85 28.10 -36.71
N LEU D 215 -6.12 28.40 -36.54
CA LEU D 215 -6.82 29.25 -37.48
C LEU D 215 -7.26 30.57 -36.79
N ASN D 216 -7.80 31.47 -37.59
CA ASN D 216 -8.30 32.78 -37.21
C ASN D 216 -9.54 32.75 -36.31
N PRO D 217 -9.91 33.92 -35.76
CA PRO D 217 -11.18 34.09 -35.04
C PRO D 217 -12.39 33.68 -35.86
N GLN D 218 -12.35 33.95 -37.17
CA GLN D 218 -13.42 33.62 -38.10
C GLN D 218 -13.70 32.15 -38.02
N SER D 219 -12.64 31.35 -37.91
CA SER D 219 -12.77 29.90 -37.78
C SER D 219 -13.24 29.52 -36.37
N ILE D 220 -12.71 30.24 -35.37
CA ILE D 220 -13.13 30.03 -34.00
C ILE D 220 -14.65 30.08 -33.88
N ASN D 221 -15.27 30.99 -34.62
CA ASN D 221 -16.72 31.06 -34.68
C ASN D 221 -17.35 29.76 -35.17
N LYS D 222 -16.79 29.22 -36.23
CA LYS D 222 -17.26 27.95 -36.76
C LYS D 222 -17.15 26.81 -35.72
N LEU D 223 -15.99 26.74 -35.04
CA LEU D 223 -15.80 25.77 -33.99
C LEU D 223 -16.80 25.96 -32.87
N LEU D 224 -17.09 27.22 -32.55
CA LEU D 224 -18.05 27.54 -31.52
C LEU D 224 -19.45 27.10 -31.90
N THR D 225 -19.72 27.06 -33.19
CA THR D 225 -21.02 26.56 -33.67
C THR D 225 -21.09 25.06 -33.60
N ALA D 226 -20.03 24.42 -34.09
CA ALA D 226 -19.93 22.95 -33.99
C ALA D 226 -20.06 22.47 -32.52
N LEU D 227 -19.59 23.31 -31.61
CA LEU D 227 -19.70 23.06 -30.19
C LEU D 227 -21.14 22.84 -29.79
N ASN D 228 -22.05 23.62 -30.38
CA ASN D 228 -23.46 23.46 -30.12
C ASN D 228 -24.08 22.42 -31.03
N GLU D 229 -23.30 21.93 -31.98
CA GLU D 229 -23.87 21.03 -32.97
C GLU D 229 -23.34 19.58 -32.97
N CYS D 230 -22.52 19.22 -31.99
CA CYS D 230 -21.88 17.91 -32.02
C CYS D 230 -22.02 17.06 -30.76
N THR D 231 -21.29 15.93 -30.69
CA THR D 231 -21.39 15.05 -29.51
C THR D 231 -20.70 15.69 -28.31
N GLU D 232 -20.98 15.18 -27.12
CA GLU D 232 -20.31 15.65 -25.92
C GLU D 232 -18.80 15.50 -26.03
N TRP D 233 -18.39 14.33 -26.50
CA TRP D 233 -16.97 14.09 -26.71
C TRP D 233 -16.33 15.07 -27.73
N GLY D 234 -17.09 15.40 -28.77
CA GLY D 234 -16.66 16.38 -29.73
C GLY D 234 -16.49 17.76 -29.07
N GLN D 235 -17.45 18.10 -28.20
CA GLN D 235 -17.41 19.34 -27.46
C GLN D 235 -16.08 19.41 -26.70
N ILE D 236 -15.77 18.31 -26.02
CA ILE D 236 -14.49 18.20 -25.31
C ILE D 236 -13.30 18.42 -26.26
N PHE D 237 -13.33 17.78 -27.41
CA PHE D 237 -12.26 17.90 -28.38
C PHE D 237 -11.99 19.35 -28.73
N ILE D 238 -13.03 20.04 -29.18
CA ILE D 238 -12.83 21.39 -29.68
C ILE D 238 -12.62 22.41 -28.58
N LEU D 239 -13.07 22.09 -27.36
CA LEU D 239 -12.75 22.94 -26.20
C LEU D 239 -11.27 22.81 -25.91
N ASP D 240 -10.77 21.57 -25.93
CA ASP D 240 -9.34 21.31 -25.75
C ASP D 240 -8.52 22.01 -26.83
N CYS D 241 -9.08 22.13 -28.01
CA CYS D 241 -8.38 22.80 -29.10
C CYS D 241 -8.34 24.29 -28.87
N LEU D 242 -9.51 24.87 -28.52
CA LEU D 242 -9.61 26.28 -28.20
C LEU D 242 -8.60 26.68 -27.14
N ALA D 243 -8.49 25.85 -26.11
CA ALA D 243 -7.65 26.15 -24.98
C ALA D 243 -6.20 26.54 -25.39
N ASN D 244 -5.65 25.89 -26.41
CA ASN D 244 -4.29 26.23 -26.86
C ASN D 244 -4.15 27.65 -27.42
N TYR D 245 -5.24 28.19 -27.92
CA TYR D 245 -5.27 29.54 -28.44
C TYR D 245 -5.23 30.53 -27.29
N MET D 246 -4.86 31.77 -27.60
CA MET D 246 -4.92 32.84 -26.63
C MET D 246 -5.53 34.07 -27.29
N PRO D 247 -6.58 34.65 -26.70
CA PRO D 247 -7.24 35.83 -27.27
C PRO D 247 -6.29 37.03 -27.36
N LYS D 248 -6.50 37.87 -28.37
CA LYS D 248 -5.60 38.97 -28.65
C LYS D 248 -5.90 40.17 -27.78
N ASP D 249 -7.13 40.25 -27.29
CA ASP D 249 -7.53 41.38 -26.43
C ASP D 249 -8.64 40.99 -25.47
N ASP D 250 -9.16 41.98 -24.78
CA ASP D 250 -10.26 41.83 -23.86
C ASP D 250 -11.56 41.52 -24.60
N ARG D 251 -11.75 42.15 -25.74
CA ARG D 251 -12.97 42.03 -26.52
C ARG D 251 -13.18 40.61 -27.05
N GLU D 252 -12.14 40.03 -27.64
CA GLU D 252 -12.21 38.69 -28.16
C GLU D 252 -12.37 37.67 -27.02
N ALA D 253 -11.55 37.83 -25.98
CA ALA D 253 -11.62 36.98 -24.81
C ALA D 253 -13.03 36.93 -24.26
N GLN D 254 -13.62 38.09 -24.05
CA GLN D 254 -15.02 38.16 -23.63
C GLN D 254 -15.92 37.45 -24.60
N SER D 255 -15.73 37.73 -25.88
CA SER D 255 -16.56 37.19 -26.96
C SER D 255 -16.63 35.64 -26.91
N ILE D 256 -15.49 34.98 -26.70
CA ILE D 256 -15.51 33.55 -26.72
C ILE D 256 -15.83 32.96 -25.36
N CYS D 257 -15.47 33.67 -24.29
CA CYS D 257 -15.82 33.23 -22.95
C CYS D 257 -17.33 33.21 -22.78
N GLU D 258 -18.00 34.14 -23.43
CA GLU D 258 -19.45 34.20 -23.38
C GLU D 258 -20.11 33.04 -24.14
N ARG D 259 -19.34 32.38 -25.00
CA ARG D 259 -19.84 31.27 -25.78
C ARG D 259 -19.38 29.92 -25.22
N VAL D 260 -18.39 29.96 -24.31
CA VAL D 260 -17.95 28.74 -23.63
C VAL D 260 -18.65 28.56 -22.29
N THR D 261 -18.89 29.68 -21.62
CA THR D 261 -19.57 29.72 -20.34
C THR D 261 -20.83 28.81 -20.20
N PRO D 262 -21.67 28.73 -21.26
CA PRO D 262 -22.79 27.81 -21.12
C PRO D 262 -22.40 26.33 -20.99
N ARG D 263 -21.21 25.96 -21.48
CA ARG D 263 -20.75 24.56 -21.42
C ARG D 263 -20.63 24.04 -19.98
N LEU D 264 -20.63 24.94 -19.01
CA LEU D 264 -20.45 24.56 -17.60
C LEU D 264 -21.71 23.92 -17.04
N SER D 265 -22.77 23.83 -17.86
CA SER D 265 -24.00 23.23 -17.42
C SER D 265 -24.23 21.85 -18.03
N HIS D 266 -23.20 21.34 -18.70
CA HIS D 266 -23.31 20.04 -19.34
C HIS D 266 -23.18 18.94 -18.30
N ALA D 267 -23.95 17.86 -18.47
CA ALA D 267 -23.88 16.77 -17.50
C ALA D 267 -22.55 16.09 -17.51
N ASN D 268 -21.96 15.91 -18.69
CA ASN D 268 -20.62 15.34 -18.79
C ASN D 268 -19.56 16.17 -18.08
N SER D 269 -18.98 15.61 -17.03
CA SER D 269 -17.99 16.28 -16.19
C SER D 269 -16.79 16.68 -17.00
N ALA D 270 -16.39 15.88 -17.97
CA ALA D 270 -15.22 16.20 -18.78
C ALA D 270 -15.42 17.46 -19.63
N VAL D 271 -16.63 17.61 -20.17
CA VAL D 271 -17.01 18.80 -20.87
C VAL D 271 -16.84 20.02 -19.99
N VAL D 272 -17.49 19.97 -18.82
CA VAL D 272 -17.39 21.03 -17.82
C VAL D 272 -15.93 21.37 -17.53
N LEU D 273 -15.11 20.36 -17.34
CA LEU D 273 -13.74 20.56 -16.95
C LEU D 273 -12.92 21.21 -18.07
N SER D 274 -13.24 20.88 -19.32
CA SER D 274 -12.56 21.53 -20.45
C SER D 274 -12.97 23.01 -20.57
N ALA D 275 -14.28 23.26 -20.35
CA ALA D 275 -14.78 24.60 -20.30
C ALA D 275 -14.02 25.41 -19.26
N VAL D 276 -13.95 24.84 -18.06
CA VAL D 276 -13.17 25.44 -16.96
C VAL D 276 -11.78 25.75 -17.42
N LYS D 277 -11.18 24.81 -18.17
CA LYS D 277 -9.82 25.02 -18.67
C LYS D 277 -9.72 26.29 -19.51
N VAL D 278 -10.48 26.34 -20.59
CA VAL D 278 -10.38 27.50 -21.46
C VAL D 278 -10.76 28.80 -20.77
N LEU D 279 -11.64 28.70 -19.78
CA LEU D 279 -12.07 29.92 -19.06
C LEU D 279 -10.99 30.42 -18.12
N MET D 280 -10.36 29.48 -17.41
CA MET D 280 -9.29 29.79 -16.48
C MET D 280 -8.10 30.33 -17.24
N LYS D 281 -7.93 29.89 -18.48
CA LYS D 281 -6.81 30.36 -19.28
C LYS D 281 -7.10 31.72 -19.92
N PHE D 282 -8.32 31.91 -20.39
CA PHE D 282 -8.69 33.14 -21.13
C PHE D 282 -9.04 34.29 -20.24
N MET D 283 -9.36 34.03 -18.97
CA MET D 283 -9.77 35.08 -18.07
C MET D 283 -8.65 36.06 -17.78
N GLU D 284 -7.43 35.67 -18.16
CA GLU D 284 -6.26 36.53 -17.98
C GLU D 284 -6.31 37.75 -18.86
N MET D 285 -6.69 37.54 -20.11
CA MET D 285 -6.74 38.61 -21.09
C MET D 285 -7.93 39.54 -20.91
N LEU D 286 -8.80 39.22 -19.96
CA LEU D 286 -9.91 40.09 -19.64
C LEU D 286 -9.49 41.23 -18.73
N SER D 287 -10.00 42.42 -19.00
CA SER D 287 -9.70 43.59 -18.19
C SER D 287 -10.38 43.46 -16.85
N LYS D 288 -9.56 43.39 -15.80
CA LYS D 288 -10.03 43.14 -14.44
C LYS D 288 -10.83 44.29 -13.84
N ASP D 289 -10.91 45.41 -14.56
CA ASP D 289 -11.65 46.57 -14.10
C ASP D 289 -13.08 46.57 -14.63
N LEU D 290 -13.38 45.67 -15.55
CA LEU D 290 -14.73 45.53 -16.04
C LEU D 290 -15.43 44.41 -15.27
N ASP D 291 -16.75 44.42 -15.28
CA ASP D 291 -17.54 43.55 -14.39
C ASP D 291 -17.51 42.08 -14.83
N TYR D 292 -17.24 41.86 -16.12
CA TYR D 292 -17.36 40.53 -16.69
C TYR D 292 -16.44 39.52 -16.01
N TYR D 293 -15.25 39.97 -15.63
CA TYR D 293 -14.29 39.12 -14.92
C TYR D 293 -14.94 38.57 -13.65
N GLY D 294 -15.49 39.48 -12.84
CA GLY D 294 -16.16 39.10 -11.59
C GLY D 294 -17.32 38.17 -11.83
N THR D 295 -18.12 38.50 -12.84
CA THR D 295 -19.23 37.62 -13.20
C THR D 295 -18.74 36.20 -13.54
N LEU D 296 -17.61 36.13 -14.23
CA LEU D 296 -17.04 34.87 -14.62
C LEU D 296 -16.60 34.07 -13.39
N LEU D 297 -15.98 34.76 -12.45
CA LEU D 297 -15.59 34.12 -11.21
C LEU D 297 -16.81 33.60 -10.46
N LYS D 298 -17.91 34.36 -10.49
CA LYS D 298 -19.15 33.95 -9.84
C LYS D 298 -19.76 32.77 -10.54
N LYS D 299 -19.48 32.66 -11.83
CA LYS D 299 -20.14 31.68 -12.70
C LYS D 299 -19.32 30.40 -12.78
N LEU D 300 -18.12 30.44 -12.20
CA LEU D 300 -17.18 29.34 -12.35
C LEU D 300 -17.17 28.48 -11.09
N ALA D 301 -17.65 29.01 -9.99
CA ALA D 301 -17.66 28.29 -8.72
C ALA D 301 -18.65 27.14 -8.65
N PRO D 302 -19.93 27.35 -9.02
CA PRO D 302 -20.90 26.26 -8.95
C PRO D 302 -20.52 24.94 -9.70
N PRO D 303 -19.97 25.02 -10.94
CA PRO D 303 -19.60 23.78 -11.58
C PRO D 303 -18.52 23.04 -10.82
N LEU D 304 -17.57 23.78 -10.26
CA LEU D 304 -16.46 23.18 -9.53
C LEU D 304 -16.91 22.42 -8.29
N VAL D 305 -17.93 22.93 -7.61
CA VAL D 305 -18.50 22.24 -6.47
C VAL D 305 -19.24 20.97 -6.91
N THR D 306 -20.04 21.11 -7.97
CA THR D 306 -20.83 19.99 -8.48
C THR D 306 -19.93 18.81 -8.92
N LEU D 307 -18.66 19.07 -9.21
CA LEU D 307 -17.77 18.01 -9.60
C LEU D 307 -17.52 17.09 -8.45
N LEU D 308 -17.59 17.60 -7.23
CA LEU D 308 -17.33 16.79 -6.03
C LEU D 308 -18.49 15.89 -5.66
N SER D 309 -19.52 15.89 -6.49
CA SER D 309 -20.69 15.07 -6.28
C SER D 309 -20.69 13.95 -7.32
N ALA D 310 -19.63 13.90 -8.13
CA ALA D 310 -19.48 12.86 -9.12
C ALA D 310 -18.88 11.57 -8.53
N GLU D 311 -18.68 10.59 -9.40
CA GLU D 311 -18.04 9.34 -9.04
C GLU D 311 -16.62 9.69 -8.50
N PRO D 312 -16.11 8.85 -7.58
CA PRO D 312 -14.92 9.07 -6.84
C PRO D 312 -13.71 9.44 -7.64
N GLU D 313 -13.48 8.78 -8.77
CA GLU D 313 -12.34 9.10 -9.60
C GLU D 313 -12.39 10.51 -10.11
N LEU D 314 -13.56 10.88 -10.61
CA LEU D 314 -13.80 12.27 -11.08
C LEU D 314 -13.71 13.27 -9.94
N GLN D 315 -14.15 12.86 -8.76
CA GLN D 315 -13.94 13.67 -7.57
C GLN D 315 -12.45 13.93 -7.35
N TYR D 316 -11.63 12.89 -7.54
CA TYR D 316 -10.20 13.03 -7.36
C TYR D 316 -9.58 14.00 -8.34
N VAL D 317 -9.80 13.73 -9.62
CA VAL D 317 -9.34 14.63 -10.69
C VAL D 317 -9.76 16.07 -10.42
N ALA D 318 -11.05 16.24 -10.19
CA ALA D 318 -11.61 17.54 -9.86
C ALA D 318 -10.87 18.20 -8.71
N LEU D 319 -10.62 17.42 -7.66
CA LEU D 319 -9.92 17.91 -6.47
C LEU D 319 -8.55 18.46 -6.78
N ARG D 320 -7.79 17.71 -7.58
CA ARG D 320 -6.46 18.18 -7.99
C ARG D 320 -6.56 19.52 -8.73
N ASN D 321 -7.40 19.54 -9.77
CA ASN D 321 -7.53 20.73 -10.57
C ASN D 321 -8.02 21.93 -9.74
N ILE D 322 -8.89 21.63 -8.77
CA ILE D 322 -9.42 22.65 -7.88
C ILE D 322 -8.32 23.23 -7.02
N ASN D 323 -7.39 22.37 -6.56
CA ASN D 323 -6.24 22.84 -5.84
C ASN D 323 -5.49 23.88 -6.66
N LEU D 324 -5.19 23.51 -7.90
CA LEU D 324 -4.55 24.45 -8.81
C LEU D 324 -5.33 25.78 -8.88
N ILE D 325 -6.64 25.70 -9.09
CA ILE D 325 -7.48 26.87 -9.26
C ILE D 325 -7.53 27.79 -8.04
N VAL D 326 -7.77 27.22 -6.86
CA VAL D 326 -7.80 28.04 -5.64
C VAL D 326 -6.44 28.67 -5.40
N GLN D 327 -5.37 28.02 -5.89
CA GLN D 327 -4.06 28.63 -5.83
C GLN D 327 -3.94 29.80 -6.81
N LYS D 328 -4.54 29.66 -7.99
CA LYS D 328 -4.47 30.69 -9.03
C LYS D 328 -5.53 31.78 -8.87
N ARG D 329 -6.77 31.39 -8.58
CA ARG D 329 -7.88 32.32 -8.44
C ARG D 329 -8.61 32.11 -7.14
N PRO D 330 -8.07 32.63 -6.04
CA PRO D 330 -8.57 32.37 -4.69
C PRO D 330 -9.98 32.88 -4.43
N GLU D 331 -10.40 33.84 -5.23
CA GLU D 331 -11.72 34.44 -5.07
C GLU D 331 -12.89 33.53 -5.45
N ILE D 332 -12.63 32.55 -6.31
CA ILE D 332 -13.68 31.71 -6.87
C ILE D 332 -14.32 30.87 -5.78
N LEU D 333 -13.52 30.01 -5.16
CA LEU D 333 -14.01 29.12 -4.15
C LEU D 333 -13.67 29.57 -2.73
N LYS D 334 -13.70 30.87 -2.48
CA LYS D 334 -13.32 31.43 -1.19
C LYS D 334 -14.23 30.97 -0.06
N HIS D 335 -15.53 30.87 -0.35
CA HIS D 335 -16.47 30.54 0.70
C HIS D 335 -17.09 29.16 0.56
N GLU D 336 -16.44 28.31 -0.23
CA GLU D 336 -16.97 27.01 -0.49
C GLU D 336 -16.36 25.92 0.36
N MET D 337 -15.89 26.31 1.56
CA MET D 337 -15.24 25.37 2.47
C MET D 337 -16.04 24.11 2.78
N LYS D 338 -17.30 24.26 3.18
CA LYS D 338 -18.12 23.15 3.68
C LYS D 338 -18.12 21.92 2.78
N VAL D 339 -18.10 22.13 1.46
CA VAL D 339 -18.19 21.00 0.52
C VAL D 339 -16.94 20.15 0.54
N PHE D 340 -15.87 20.66 1.13
CA PHE D 340 -14.60 19.95 1.13
C PHE D 340 -14.37 19.14 2.41
N PHE D 341 -15.34 19.16 3.31
CA PHE D 341 -15.28 18.28 4.47
C PHE D 341 -15.29 16.82 4.00
N VAL D 342 -14.63 15.94 4.72
CA VAL D 342 -14.54 14.56 4.29
C VAL D 342 -15.59 13.68 4.94
N LYS D 343 -16.19 12.80 4.15
CA LYS D 343 -17.20 11.90 4.64
C LYS D 343 -16.51 10.59 4.97
N TYR D 344 -17.13 9.77 5.83
CA TYR D 344 -16.52 8.56 6.31
C TYR D 344 -16.21 7.62 5.17
N ASN D 345 -17.13 7.52 4.24
CA ASN D 345 -17.07 6.53 3.19
C ASN D 345 -16.25 7.00 2.00
N ASP D 346 -15.67 8.20 2.06
CA ASP D 346 -14.76 8.69 1.01
C ASP D 346 -13.52 7.79 0.90
N PRO D 347 -13.06 7.50 -0.33
CA PRO D 347 -11.80 6.85 -0.53
C PRO D 347 -10.67 7.67 0.08
N ILE D 348 -9.53 7.08 0.38
CA ILE D 348 -8.48 7.82 1.08
C ILE D 348 -7.88 8.96 0.29
N TYR D 349 -7.74 8.76 -1.02
CA TYR D 349 -7.25 9.85 -1.86
C TYR D 349 -8.07 11.12 -1.84
N VAL D 350 -9.40 10.91 -1.95
CA VAL D 350 -10.34 11.97 -1.79
C VAL D 350 -10.14 12.69 -0.45
N LYS D 351 -9.96 11.91 0.60
CA LYS D 351 -9.79 12.46 1.94
C LYS D 351 -8.56 13.37 2.01
N LEU D 352 -7.44 12.88 1.47
CA LEU D 352 -6.20 13.61 1.47
C LEU D 352 -6.30 14.95 0.74
N GLU D 353 -6.75 14.88 -0.50
CA GLU D 353 -6.94 16.09 -1.32
C GLU D 353 -7.84 17.07 -0.62
N LYS D 354 -8.93 16.54 -0.06
CA LYS D 354 -9.88 17.38 0.70
C LYS D 354 -9.21 18.11 1.84
N LEU D 355 -8.34 17.41 2.57
CA LEU D 355 -7.57 18.04 3.63
C LEU D 355 -6.82 19.24 3.08
N ASP D 356 -6.12 19.01 1.96
CA ASP D 356 -5.33 20.09 1.35
C ASP D 356 -6.20 21.31 1.02
N ILE D 357 -7.33 21.08 0.34
CA ILE D 357 -8.20 22.16 -0.01
C ILE D 357 -8.73 22.92 1.21
N MET D 358 -9.11 22.15 2.24
CA MET D 358 -9.60 22.73 3.47
C MET D 358 -8.56 23.68 4.06
N ILE D 359 -7.32 23.22 4.18
CA ILE D 359 -6.24 24.08 4.65
C ILE D 359 -6.16 25.34 3.78
N ARG D 360 -6.18 25.17 2.47
CA ARG D 360 -6.07 26.30 1.57
C ARG D 360 -7.25 27.28 1.62
N LEU D 361 -8.36 26.86 2.21
CA LEU D 361 -9.52 27.72 2.29
C LEU D 361 -9.79 28.18 3.72
N ALA D 362 -8.90 27.81 4.65
CA ALA D 362 -9.09 28.19 6.05
C ALA D 362 -8.87 29.67 6.21
N SER D 363 -9.90 30.34 6.69
CA SER D 363 -9.84 31.75 7.01
C SER D 363 -10.41 31.93 8.40
N GLN D 364 -10.30 33.14 8.95
CA GLN D 364 -10.74 33.38 10.32
C GLN D 364 -12.20 33.05 10.55
N ALA D 365 -12.99 33.15 9.49
CA ALA D 365 -14.43 32.99 9.57
C ALA D 365 -14.88 31.55 9.84
N ASN D 366 -14.00 30.59 9.65
CA ASN D 366 -14.41 29.18 9.73
C ASN D 366 -13.47 28.24 10.48
N ILE D 367 -12.42 28.78 11.11
CA ILE D 367 -11.41 27.94 11.73
C ILE D 367 -11.94 27.07 12.83
N ALA D 368 -12.96 27.53 13.54
CA ALA D 368 -13.57 26.73 14.60
C ALA D 368 -14.16 25.48 14.01
N GLN D 369 -14.84 25.63 12.86
CA GLN D 369 -15.47 24.51 12.17
C GLN D 369 -14.43 23.58 11.58
N VAL D 370 -13.38 24.13 11.01
CA VAL D 370 -12.28 23.34 10.47
C VAL D 370 -11.58 22.53 11.57
N LEU D 371 -11.38 23.17 12.71
CA LEU D 371 -10.76 22.52 13.84
C LEU D 371 -11.65 21.43 14.37
N ALA D 372 -12.96 21.68 14.37
CA ALA D 372 -13.94 20.65 14.76
C ALA D 372 -13.77 19.44 13.84
N GLU D 373 -13.74 19.72 12.55
CA GLU D 373 -13.57 18.68 11.55
C GLU D 373 -12.32 17.87 11.74
N LEU D 374 -11.18 18.54 11.82
CA LEU D 374 -9.91 17.88 12.03
C LEU D 374 -9.94 17.03 13.31
N LYS D 375 -10.52 17.59 14.37
CA LYS D 375 -10.68 16.85 15.61
C LYS D 375 -11.44 15.54 15.38
N GLU D 376 -12.51 15.62 14.58
CA GLU D 376 -13.24 14.40 14.22
C GLU D 376 -12.41 13.43 13.37
N TYR D 377 -11.64 13.96 12.43
CA TYR D 377 -10.86 13.13 11.53
C TYR D 377 -9.81 12.38 12.30
N ALA D 378 -9.32 12.97 13.39
CA ALA D 378 -8.30 12.35 14.18
C ALA D 378 -8.81 11.11 14.92
N THR D 379 -10.12 10.96 15.00
CA THR D 379 -10.76 9.81 15.60
C THR D 379 -10.66 8.58 14.73
N GLU D 380 -10.39 8.75 13.44
CA GLU D 380 -10.36 7.60 12.52
C GLU D 380 -9.25 6.63 12.85
N VAL D 381 -9.25 5.50 12.13
CA VAL D 381 -8.21 4.50 12.35
C VAL D 381 -7.20 4.45 11.22
N ASP D 382 -7.48 5.06 10.08
CA ASP D 382 -6.45 5.21 9.05
C ASP D 382 -5.34 6.11 9.60
N VAL D 383 -4.20 5.52 9.96
CA VAL D 383 -3.14 6.24 10.67
C VAL D 383 -2.64 7.46 9.90
N ASP D 384 -2.27 7.27 8.64
CA ASP D 384 -1.75 8.38 7.82
C ASP D 384 -2.71 9.55 7.71
N PHE D 385 -4.00 9.23 7.64
CA PHE D 385 -5.02 10.24 7.61
C PHE D 385 -5.07 11.06 8.90
N VAL D 386 -5.01 10.36 10.03
CA VAL D 386 -5.00 11.02 11.32
C VAL D 386 -3.78 11.94 11.47
N ARG D 387 -2.62 11.40 11.11
CA ARG D 387 -1.38 12.16 11.12
C ARG D 387 -1.52 13.44 10.30
N LYS D 388 -1.91 13.27 9.05
CA LYS D 388 -2.09 14.41 8.15
C LYS D 388 -3.05 15.41 8.70
N ALA D 389 -4.05 14.92 9.45
CA ALA D 389 -5.06 15.80 10.01
C ALA D 389 -4.52 16.67 11.12
N VAL D 390 -3.77 16.05 12.05
CA VAL D 390 -3.13 16.82 13.13
C VAL D 390 -2.17 17.85 12.52
N ARG D 391 -1.35 17.40 11.56
CA ARG D 391 -0.44 18.27 10.90
C ARG D 391 -1.21 19.45 10.25
N ALA D 392 -2.40 19.12 9.74
CA ALA D 392 -3.25 20.12 9.14
C ALA D 392 -3.67 21.16 10.19
N ILE D 393 -3.88 20.70 11.42
CA ILE D 393 -4.15 21.64 12.52
C ILE D 393 -2.98 22.64 12.59
N GLY D 394 -1.79 22.11 12.48
CA GLY D 394 -0.60 22.97 12.52
C GLY D 394 -0.56 24.02 11.42
N ARG D 395 -0.82 23.54 10.20
CA ARG D 395 -0.84 24.41 9.04
C ARG D 395 -1.88 25.51 9.21
N CYS D 396 -3.04 25.14 9.78
CA CYS D 396 -4.09 26.11 10.04
C CYS D 396 -3.60 27.15 11.01
N ALA D 397 -2.90 26.69 12.04
CA ALA D 397 -2.35 27.61 13.04
C ALA D 397 -1.37 28.58 12.41
N ILE D 398 -0.68 28.16 11.35
CA ILE D 398 0.22 29.09 10.63
C ILE D 398 -0.57 30.06 9.73
N LYS D 399 -1.52 29.54 8.96
CA LYS D 399 -2.31 30.32 8.01
C LYS D 399 -3.09 31.46 8.65
N VAL D 400 -3.82 31.17 9.71
CA VAL D 400 -4.54 32.21 10.45
C VAL D 400 -3.85 32.53 11.76
N GLU D 401 -4.13 33.69 12.32
CA GLU D 401 -3.44 34.18 13.52
C GLU D 401 -4.07 33.75 14.85
N GLN D 402 -5.32 34.14 15.11
CA GLN D 402 -5.98 33.83 16.37
C GLN D 402 -6.15 32.34 16.58
N SER D 403 -6.43 31.68 15.47
CA SER D 403 -6.55 30.25 15.39
C SER D 403 -5.61 29.53 16.31
N ALA D 404 -4.35 29.97 16.30
CA ALA D 404 -3.28 29.38 17.08
C ALA D 404 -3.75 28.95 18.47
N GLU D 405 -4.25 29.92 19.23
CA GLU D 405 -4.71 29.62 20.57
C GLU D 405 -5.70 28.44 20.52
N ARG D 406 -6.81 28.66 19.79
CA ARG D 406 -7.78 27.61 19.56
C ARG D 406 -7.11 26.33 19.11
N CYS D 407 -6.24 26.42 18.11
CA CYS D 407 -5.52 25.25 17.60
C CYS D 407 -4.87 24.49 18.74
N VAL D 408 -4.10 25.20 19.54
CA VAL D 408 -3.41 24.58 20.66
C VAL D 408 -4.40 23.83 21.54
N SER D 409 -5.50 24.50 21.87
CA SER D 409 -6.55 23.91 22.67
C SER D 409 -6.94 22.57 22.06
N THR D 410 -7.31 22.60 20.79
CA THR D 410 -7.71 21.40 20.07
C THR D 410 -6.65 20.33 20.26
N LEU D 411 -5.41 20.69 19.94
CA LEU D 411 -4.28 19.78 20.04
C LEU D 411 -4.21 19.16 21.43
N LEU D 412 -4.30 20.03 22.44
CA LEU D 412 -4.24 19.58 23.82
C LEU D 412 -5.24 18.47 24.03
N ASP D 413 -6.46 18.69 23.56
CA ASP D 413 -7.54 17.75 23.75
C ASP D 413 -7.17 16.41 23.14
N LEU D 414 -6.59 16.46 21.96
CA LEU D 414 -6.14 15.25 21.30
C LEU D 414 -5.15 14.48 22.17
N ILE D 415 -4.25 15.22 22.82
CA ILE D 415 -3.24 14.59 23.64
C ILE D 415 -3.89 13.81 24.77
N GLN D 416 -5.04 14.29 25.24
CA GLN D 416 -5.71 13.66 26.37
C GLN D 416 -6.46 12.42 25.95
N THR D 417 -6.29 11.99 24.70
CA THR D 417 -6.89 10.76 24.24
C THR D 417 -5.98 9.57 24.53
N LYS D 418 -4.76 9.83 25.00
CA LYS D 418 -3.82 8.78 25.38
C LYS D 418 -3.51 7.78 24.25
N VAL D 419 -3.77 8.17 23.02
CA VAL D 419 -3.40 7.38 21.86
C VAL D 419 -2.04 7.89 21.37
N ASN D 420 -1.00 7.10 21.63
CA ASN D 420 0.38 7.62 21.51
C ASN D 420 0.73 8.23 20.15
N TYR D 421 0.38 7.53 19.05
CA TYR D 421 0.74 8.06 17.75
C TYR D 421 0.10 9.41 17.42
N VAL D 422 -0.99 9.70 18.11
CA VAL D 422 -1.64 10.99 18.01
C VAL D 422 -0.91 11.97 18.92
N VAL D 423 -0.61 11.52 20.13
CA VAL D 423 0.05 12.34 21.14
C VAL D 423 1.35 12.93 20.61
N GLN D 424 2.18 12.07 20.02
CA GLN D 424 3.49 12.50 19.52
C GLN D 424 3.38 13.59 18.46
N GLU D 425 2.54 13.32 17.48
CA GLU D 425 2.24 14.27 16.43
C GLU D 425 1.80 15.59 17.02
N ALA D 426 0.80 15.53 17.90
CA ALA D 426 0.28 16.70 18.57
C ALA D 426 1.37 17.52 19.29
N ILE D 427 2.28 16.83 19.97
CA ILE D 427 3.43 17.47 20.59
C ILE D 427 4.23 18.23 19.57
N VAL D 428 4.59 17.57 18.47
CA VAL D 428 5.42 18.19 17.45
C VAL D 428 4.78 19.47 16.89
N VAL D 429 3.52 19.37 16.47
CA VAL D 429 2.86 20.53 15.92
C VAL D 429 2.72 21.66 16.95
N ILE D 430 2.37 21.31 18.18
CA ILE D 430 2.35 22.30 19.26
C ILE D 430 3.69 23.03 19.35
N LYS D 431 4.79 22.26 19.30
CA LYS D 431 6.13 22.83 19.27
C LYS D 431 6.26 23.83 18.14
N ASP D 432 5.78 23.48 16.96
CA ASP D 432 5.79 24.39 15.81
C ASP D 432 5.04 25.69 16.08
N ILE D 433 3.89 25.57 16.73
CA ILE D 433 3.09 26.72 17.08
C ILE D 433 3.83 27.64 18.06
N PHE D 434 4.42 27.04 19.08
CA PHE D 434 5.19 27.80 20.06
C PHE D 434 6.34 28.51 19.36
N ARG D 435 6.99 27.82 18.43
CA ARG D 435 8.09 28.40 17.67
C ARG D 435 7.64 29.63 16.90
N LYS D 436 6.52 29.54 16.17
CA LYS D 436 6.05 30.67 15.39
C LYS D 436 5.41 31.77 16.27
N TYR D 437 4.51 31.38 17.16
CA TYR D 437 3.88 32.34 18.05
C TYR D 437 4.28 32.09 19.49
N PRO D 438 5.30 32.85 19.97
CA PRO D 438 5.94 32.59 21.26
C PRO D 438 5.18 33.20 22.45
N ASN D 439 3.89 33.42 22.29
CA ASN D 439 3.08 33.95 23.37
C ASN D 439 2.39 32.84 24.17
N LYS D 440 2.64 31.59 23.79
CA LYS D 440 1.99 30.45 24.47
C LYS D 440 2.79 29.97 25.66
N TYR D 441 2.60 30.66 26.79
CA TYR D 441 3.34 30.36 28.01
C TYR D 441 2.39 30.08 29.15
N GLU D 442 1.18 29.67 28.82
CA GLU D 442 0.12 29.41 29.80
C GLU D 442 0.35 28.10 30.53
N SER D 443 -0.70 27.62 31.19
CA SER D 443 -0.64 26.37 31.94
C SER D 443 -0.44 25.16 31.03
N VAL D 444 -0.62 25.38 29.72
CA VAL D 444 -0.40 24.34 28.71
C VAL D 444 0.91 23.58 28.93
N ILE D 445 1.99 24.31 29.12
CA ILE D 445 3.33 23.74 29.28
C ILE D 445 3.44 22.77 30.46
N ALA D 446 2.46 22.81 31.37
CA ALA D 446 2.42 21.83 32.45
C ALA D 446 1.72 20.55 32.01
N ALA D 447 0.56 20.72 31.38
CA ALA D 447 -0.32 19.61 31.00
C ALA D 447 0.44 18.49 30.27
N LEU D 448 1.14 18.85 29.21
CA LEU D 448 1.89 17.87 28.41
C LEU D 448 2.99 17.19 29.21
N CYS D 449 3.60 17.94 30.13
CA CYS D 449 4.62 17.36 31.01
C CYS D 449 4.01 16.29 31.90
N GLU D 450 2.71 16.43 32.17
CA GLU D 450 2.00 15.45 32.97
C GLU D 450 1.79 14.14 32.22
N ASN D 451 2.01 14.15 30.91
CA ASN D 451 1.77 12.95 30.12
C ASN D 451 2.78 11.83 30.29
N LEU D 452 3.46 11.84 31.45
CA LEU D 452 4.46 10.81 31.80
C LEU D 452 5.66 10.84 30.86
N ASP D 453 5.54 11.57 29.76
CA ASP D 453 6.50 11.52 28.68
C ASP D 453 6.78 10.08 28.26
N SER D 454 5.71 9.34 28.00
CA SER D 454 5.80 7.96 27.53
C SER D 454 5.98 7.99 26.01
N LEU D 455 6.24 9.18 25.47
CA LEU D 455 6.56 9.37 24.06
C LEU D 455 7.82 8.59 23.63
N ASP D 456 7.77 8.08 22.42
CA ASP D 456 8.85 7.26 21.89
C ASP D 456 9.45 7.87 20.65
N GLU D 457 8.59 8.39 19.77
CA GLU D 457 9.02 9.01 18.53
C GLU D 457 10.03 10.11 18.86
N PRO D 458 11.30 9.94 18.41
CA PRO D 458 12.38 10.86 18.60
C PRO D 458 11.98 12.30 18.27
N GLU D 459 11.11 12.50 17.28
CA GLU D 459 10.61 13.82 16.97
C GLU D 459 9.86 14.45 18.15
N ALA D 460 9.02 13.64 18.78
CA ALA D 460 8.25 14.10 19.95
C ALA D 460 9.18 14.41 21.15
N ARG D 461 10.16 13.54 21.38
CA ARG D 461 11.10 13.74 22.45
C ARG D 461 11.88 15.01 22.23
N ALA D 462 12.39 15.20 21.02
CA ALA D 462 13.17 16.38 20.68
C ALA D 462 12.34 17.63 20.81
N ALA D 463 11.10 17.55 20.34
CA ALA D 463 10.17 18.68 20.46
C ALA D 463 9.97 19.05 21.93
N MET D 464 9.63 18.06 22.75
CA MET D 464 9.41 18.27 24.17
C MET D 464 10.63 18.85 24.85
N ILE D 465 11.79 18.29 24.52
CA ILE D 465 13.06 18.76 25.04
C ILE D 465 13.24 20.25 24.72
N TRP D 466 13.08 20.58 23.44
CA TRP D 466 13.22 21.96 23.01
C TRP D 466 12.28 22.86 23.75
N ILE D 467 11.04 22.43 23.91
CA ILE D 467 10.02 23.19 24.62
C ILE D 467 10.44 23.46 26.05
N VAL D 468 10.86 22.40 26.76
CA VAL D 468 11.35 22.53 28.13
C VAL D 468 12.46 23.57 28.18
N GLY D 469 13.49 23.39 27.37
CA GLY D 469 14.61 24.31 27.35
C GLY D 469 14.25 25.75 27.07
N GLU D 470 13.50 26.00 26.02
CA GLU D 470 13.10 27.35 25.60
C GLU D 470 12.28 28.06 26.66
N TYR D 471 11.46 27.31 27.37
CA TYR D 471 10.58 27.90 28.38
C TYR D 471 10.94 27.44 29.79
N ALA D 472 12.19 27.00 29.97
CA ALA D 472 12.67 26.47 31.26
C ALA D 472 12.52 27.44 32.40
N GLU D 473 12.42 28.72 32.05
CA GLU D 473 12.20 29.78 33.02
C GLU D 473 10.98 29.44 33.87
N ARG D 474 9.89 29.07 33.22
CA ARG D 474 8.64 28.73 33.92
C ARG D 474 8.63 27.33 34.50
N ILE D 475 9.33 26.40 33.86
CA ILE D 475 9.38 25.03 34.37
C ILE D 475 10.46 24.92 35.46
N ASP D 476 10.01 24.91 36.70
CA ASP D 476 10.92 24.78 37.84
C ASP D 476 11.55 23.40 37.80
N ASN D 477 10.75 22.39 37.47
CA ASN D 477 11.21 21.01 37.41
C ASN D 477 11.89 20.65 36.09
N ALA D 478 12.12 21.65 35.25
CA ALA D 478 12.86 21.45 34.01
C ALA D 478 14.17 20.77 34.35
N ASP D 479 14.88 21.38 35.30
CA ASP D 479 16.05 20.83 35.93
C ASP D 479 15.96 19.31 36.06
N GLU D 480 14.88 18.84 36.65
CA GLU D 480 14.70 17.42 36.87
C GLU D 480 14.36 16.69 35.58
N LEU D 481 13.41 17.23 34.84
CA LEU D 481 12.87 16.58 33.63
C LEU D 481 13.97 16.24 32.64
N LEU D 482 14.75 17.27 32.29
CA LEU D 482 15.88 17.09 31.41
C LEU D 482 16.84 16.03 31.94
N GLU D 483 17.04 16.01 33.25
CA GLU D 483 17.93 15.05 33.87
C GLU D 483 17.48 13.62 33.61
N SER D 484 16.18 13.44 33.51
CA SER D 484 15.63 12.10 33.31
C SER D 484 15.95 11.57 31.92
N PHE D 485 16.40 12.44 31.03
CA PHE D 485 16.64 12.05 29.67
C PHE D 485 18.11 11.75 29.38
N LEU D 486 18.96 11.94 30.38
CA LEU D 486 20.37 11.63 30.25
C LEU D 486 20.61 10.14 30.45
N GLU D 487 19.70 9.48 31.15
CA GLU D 487 19.75 8.05 31.32
C GLU D 487 19.55 7.32 30.03
N GLY D 488 20.66 6.87 29.45
CA GLY D 488 20.67 6.22 28.16
C GLY D 488 20.91 7.23 27.05
N PHE D 489 21.70 8.26 27.36
CA PHE D 489 21.97 9.35 26.43
C PHE D 489 22.50 8.85 25.10
N HIS D 490 23.45 7.90 25.15
CA HIS D 490 24.16 7.48 23.96
C HIS D 490 23.36 6.58 23.05
N ASP D 491 22.33 5.94 23.60
CA ASP D 491 21.45 5.09 22.80
C ASP D 491 20.38 5.93 22.14
N LYS D 492 20.14 7.12 22.67
CA LYS D 492 19.16 8.03 22.11
C LYS D 492 19.61 8.59 20.78
N SER D 493 18.65 9.00 19.95
CA SER D 493 18.94 9.58 18.65
C SER D 493 19.79 10.84 18.72
N THR D 494 20.39 11.22 17.60
CA THR D 494 21.27 12.38 17.51
C THR D 494 20.51 13.65 17.78
N GLN D 495 19.40 13.86 17.07
CA GLN D 495 18.57 15.06 17.24
C GLN D 495 18.22 15.30 18.70
N VAL D 496 17.83 14.22 19.37
CA VAL D 496 17.52 14.27 20.79
C VAL D 496 18.74 14.69 21.62
N GLN D 497 19.89 14.14 21.29
CA GLN D 497 21.13 14.48 21.99
C GLN D 497 21.43 15.96 21.86
N LEU D 498 21.43 16.47 20.63
CA LEU D 498 21.67 17.88 20.37
C LEU D 498 20.68 18.78 21.08
N GLN D 499 19.40 18.48 20.95
CA GLN D 499 18.37 19.30 21.56
C GLN D 499 18.46 19.28 23.08
N LEU D 500 18.87 18.15 23.64
CA LEU D 500 19.06 18.02 25.07
C LEU D 500 20.22 18.88 25.51
N LEU D 501 21.29 18.87 24.72
CA LEU D 501 22.46 19.69 24.97
C LEU D 501 22.10 21.19 25.02
N THR D 502 21.47 21.67 23.94
CA THR D 502 21.06 23.06 23.86
C THR D 502 20.10 23.42 24.97
N ALA D 503 19.17 22.49 25.26
CA ALA D 503 18.19 22.70 26.31
C ALA D 503 18.84 22.91 27.67
N ILE D 504 19.71 21.97 28.07
CA ILE D 504 20.42 22.07 29.34
C ILE D 504 21.28 23.32 29.41
N VAL D 505 21.94 23.65 28.30
CA VAL D 505 22.72 24.88 28.22
C VAL D 505 21.83 26.08 28.52
N LYS D 506 20.69 26.18 27.84
CA LYS D 506 19.74 27.26 28.09
C LYS D 506 19.23 27.30 29.54
N LEU D 507 18.92 26.12 30.08
CA LEU D 507 18.48 25.99 31.46
C LEU D 507 19.51 26.54 32.44
N PHE D 508 20.71 25.95 32.43
CA PHE D 508 21.78 26.36 33.32
C PHE D 508 22.09 27.84 33.17
N LEU D 509 22.18 28.28 31.91
CA LEU D 509 22.50 29.65 31.61
C LEU D 509 21.44 30.60 32.17
N LYS D 510 20.19 30.13 32.20
CA LYS D 510 19.11 30.94 32.77
C LYS D 510 19.22 31.00 34.29
N LYS D 511 19.45 29.85 34.93
CA LYS D 511 19.57 29.81 36.38
C LYS D 511 20.69 28.90 36.91
N PRO D 512 21.90 29.44 37.02
CA PRO D 512 23.04 28.72 37.59
C PRO D 512 22.83 28.36 39.05
N THR D 513 21.98 27.36 39.29
CA THR D 513 21.65 26.94 40.64
C THR D 513 22.07 25.48 40.84
N GLU D 514 21.10 24.58 40.78
CA GLU D 514 21.37 23.14 40.77
C GLU D 514 21.50 22.70 39.33
N THR D 515 22.28 23.46 38.58
CA THR D 515 22.37 23.28 37.13
C THR D 515 23.82 23.07 36.66
N GLN D 516 24.78 23.74 37.31
CA GLN D 516 26.17 23.70 36.90
C GLN D 516 26.74 22.28 36.83
N GLU D 517 26.38 21.45 37.80
CA GLU D 517 26.77 20.06 37.82
C GLU D 517 26.07 19.27 36.69
N LEU D 518 24.80 19.58 36.46
CA LEU D 518 24.05 18.95 35.38
C LEU D 518 24.65 19.26 34.02
N VAL D 519 24.87 20.54 33.73
CA VAL D 519 25.48 20.96 32.47
C VAL D 519 26.90 20.42 32.36
N GLN D 520 27.59 20.29 33.49
CA GLN D 520 28.90 19.66 33.49
C GLN D 520 28.78 18.25 32.96
N GLN D 521 27.79 17.53 33.49
CA GLN D 521 27.51 16.17 33.03
C GLN D 521 27.23 16.13 31.53
N VAL D 522 26.31 16.97 31.06
CA VAL D 522 25.88 16.91 29.68
C VAL D 522 26.98 17.30 28.71
N LEU D 523 27.86 18.19 29.15
CA LEU D 523 28.97 18.60 28.33
C LEU D 523 30.00 17.49 28.26
N SER D 524 30.20 16.82 29.40
CA SER D 524 31.09 15.67 29.46
C SER D 524 30.59 14.58 28.51
N LEU D 525 29.26 14.42 28.44
CA LEU D 525 28.68 13.42 27.56
C LEU D 525 28.76 13.84 26.09
N ALA D 526 28.59 15.14 25.84
CA ALA D 526 28.56 15.65 24.47
C ALA D 526 29.96 15.75 23.84
N THR D 527 30.99 15.78 24.68
CA THR D 527 32.34 15.96 24.19
C THR D 527 33.25 14.79 24.52
N GLN D 528 33.41 14.49 25.80
CA GLN D 528 34.37 13.50 26.26
C GLN D 528 33.94 12.05 25.96
N ASP D 529 32.67 11.74 26.15
CA ASP D 529 32.16 10.37 25.93
C ASP D 529 31.56 10.20 24.55
N SER D 530 31.41 11.30 23.82
CA SER D 530 30.78 11.24 22.52
C SER D 530 31.74 10.97 21.38
N ASP D 531 31.30 10.14 20.44
CA ASP D 531 32.06 9.86 19.24
C ASP D 531 31.39 10.49 18.02
N ASN D 532 30.22 11.10 18.22
CA ASN D 532 29.56 11.88 17.18
C ASN D 532 30.22 13.23 16.92
N PRO D 533 30.87 13.38 15.77
CA PRO D 533 31.65 14.56 15.40
C PRO D 533 30.87 15.87 15.47
N ASP D 534 29.63 15.86 15.00
CA ASP D 534 28.81 17.07 15.04
C ASP D 534 28.47 17.47 16.48
N LEU D 535 27.99 16.50 17.26
CA LEU D 535 27.70 16.70 18.68
C LEU D 535 28.96 17.11 19.41
N ARG D 536 30.07 16.52 19.01
CA ARG D 536 31.37 16.81 19.59
C ARG D 536 31.70 18.27 19.34
N ASP D 537 31.48 18.73 18.12
CA ASP D 537 31.74 20.10 17.73
C ASP D 537 30.89 21.09 18.53
N ARG D 538 29.58 20.92 18.44
CA ARG D 538 28.65 21.83 19.11
C ARG D 538 28.89 21.87 20.63
N GLY D 539 29.08 20.69 21.21
CA GLY D 539 29.37 20.59 22.63
C GLY D 539 30.69 21.26 23.03
N TYR D 540 31.73 21.00 22.25
CA TYR D 540 33.03 21.60 22.49
C TYR D 540 32.95 23.13 22.44
N ILE D 541 32.18 23.65 21.49
CA ILE D 541 31.96 25.09 21.42
C ILE D 541 31.22 25.58 22.67
N TYR D 542 30.28 24.79 23.14
CA TYR D 542 29.56 25.14 24.37
C TYR D 542 30.48 25.18 25.60
N TRP D 543 31.46 24.29 25.64
CA TRP D 543 32.41 24.26 26.75
C TRP D 543 33.39 25.44 26.62
N ARG D 544 33.83 25.69 25.39
CA ARG D 544 34.69 26.83 25.09
C ARG D 544 33.96 28.14 25.36
N LEU D 545 32.65 28.06 25.48
CA LEU D 545 31.85 29.24 25.78
C LEU D 545 31.56 29.38 27.27
N LEU D 546 31.41 28.25 27.99
CA LEU D 546 31.38 28.27 29.47
C LEU D 546 32.70 28.84 30.01
N SER D 547 33.80 28.29 29.51
CA SER D 547 35.12 28.58 30.05
C SER D 547 35.54 30.01 29.83
N THR D 548 35.18 30.59 28.69
CA THR D 548 35.60 31.94 28.33
C THR D 548 34.75 33.01 29.00
N ASP D 549 33.43 32.94 28.82
CA ASP D 549 32.55 34.00 29.30
C ASP D 549 31.12 33.52 29.47
N PRO D 550 30.55 33.71 30.67
CA PRO D 550 29.13 33.40 30.94
C PRO D 550 28.17 34.43 30.37
N VAL D 551 28.44 35.71 30.58
CA VAL D 551 27.60 36.80 30.05
C VAL D 551 27.53 36.76 28.53
N ALA D 552 28.67 36.51 27.88
CA ALA D 552 28.71 36.39 26.44
C ALA D 552 27.74 35.31 25.98
N ALA D 553 27.77 34.17 26.67
CA ALA D 553 26.86 33.07 26.39
C ALA D 553 25.42 33.48 26.62
N LYS D 554 25.17 34.23 27.69
CA LYS D 554 23.83 34.74 27.98
C LYS D 554 23.29 35.57 26.83
N GLU D 555 24.17 36.35 26.21
CA GLU D 555 23.78 37.20 25.10
C GLU D 555 23.82 36.46 23.75
N VAL D 556 24.36 35.25 23.74
CA VAL D 556 24.52 34.49 22.50
C VAL D 556 23.46 33.40 22.30
N VAL D 557 23.43 32.42 23.20
CA VAL D 557 22.51 31.30 23.06
C VAL D 557 21.07 31.71 23.35
N LEU D 558 20.89 32.83 24.06
CA LEU D 558 19.56 33.35 24.33
C LEU D 558 19.34 34.66 23.59
N ALA D 559 19.93 34.75 22.40
CA ALA D 559 19.70 35.91 21.54
C ALA D 559 18.28 35.88 21.01
N GLU D 560 17.68 37.04 20.85
CA GLU D 560 16.33 37.10 20.26
C GLU D 560 16.46 36.63 18.84
N LYS D 561 15.74 35.56 18.53
CA LYS D 561 15.78 34.99 17.20
C LYS D 561 14.92 35.83 16.25
N PRO D 562 15.38 36.02 15.01
CA PRO D 562 14.53 36.64 13.97
C PRO D 562 13.34 35.74 13.64
N LEU D 563 12.34 36.29 12.96
CA LEU D 563 11.12 35.52 12.67
C LEU D 563 11.44 34.39 11.73
N ILE D 564 10.72 33.28 11.88
CA ILE D 564 10.90 32.12 11.02
C ILE D 564 10.15 32.32 9.71
N SER D 565 10.82 32.05 8.61
CA SER D 565 10.22 32.33 7.30
C SER D 565 9.97 31.00 6.64
N GLU D 566 8.70 30.67 6.48
CA GLU D 566 8.33 29.38 5.94
C GLU D 566 8.27 29.43 4.42
N GLU D 567 8.71 28.36 3.78
CA GLU D 567 8.57 28.23 2.35
C GLU D 567 7.10 28.02 2.00
N THR D 568 6.61 28.82 1.06
CA THR D 568 5.22 28.81 0.67
C THR D 568 4.85 27.48 0.02
N ASP D 569 3.57 27.16 0.04
CA ASP D 569 3.05 25.97 -0.64
C ASP D 569 2.48 26.37 -1.99
N LEU D 570 2.41 27.66 -2.25
CA LEU D 570 1.98 28.17 -3.55
C LEU D 570 2.96 27.72 -4.64
N ILE D 571 2.43 27.20 -5.71
CA ILE D 571 3.25 26.81 -6.86
C ILE D 571 3.73 28.09 -7.53
N GLU D 572 4.95 28.09 -8.05
CA GLU D 572 5.49 29.23 -8.78
C GLU D 572 4.51 29.71 -9.85
N PRO D 573 4.19 31.01 -9.83
CA PRO D 573 3.15 31.65 -10.68
C PRO D 573 3.26 31.30 -12.15
N THR D 574 4.47 31.23 -12.67
CA THR D 574 4.68 30.81 -14.06
C THR D 574 4.37 29.33 -14.25
N LEU D 575 4.90 28.50 -13.36
CA LEU D 575 4.59 27.06 -13.38
C LEU D 575 3.09 26.82 -13.15
N LEU D 576 2.49 27.66 -12.33
CA LEU D 576 1.07 27.58 -12.07
C LEU D 576 0.28 27.88 -13.33
N ASP D 577 0.58 29.01 -13.96
CA ASP D 577 -0.09 29.40 -15.21
C ASP D 577 0.10 28.36 -16.29
N GLU D 578 1.25 27.69 -16.27
CA GLU D 578 1.50 26.62 -17.21
C GLU D 578 0.63 25.42 -16.90
N LEU D 579 0.48 25.13 -15.62
CA LEU D 579 -0.33 23.99 -15.16
C LEU D 579 -1.83 24.19 -15.44
N ILE D 580 -2.28 25.44 -15.39
CA ILE D 580 -3.66 25.77 -15.69
C ILE D 580 -4.01 25.34 -17.11
N CYS D 581 -3.05 25.47 -18.02
CA CYS D 581 -3.25 25.05 -19.41
C CYS D 581 -3.42 23.56 -19.51
N TYR D 582 -3.04 22.83 -18.45
CA TYR D 582 -3.14 21.38 -18.48
C TYR D 582 -4.27 20.83 -17.62
N ILE D 583 -5.24 21.68 -17.28
CA ILE D 583 -6.41 21.26 -16.49
C ILE D 583 -7.09 20.08 -17.12
N GLY D 584 -7.40 19.07 -16.32
CA GLY D 584 -8.13 17.90 -16.78
C GLY D 584 -7.22 16.83 -17.41
N THR D 585 -5.91 17.03 -17.29
CA THR D 585 -4.95 16.07 -17.80
C THR D 585 -4.09 15.53 -16.65
N LEU D 586 -3.30 14.50 -16.94
CA LEU D 586 -2.45 13.87 -15.93
C LEU D 586 -1.55 14.89 -15.26
N ALA D 587 -1.16 15.91 -16.05
CA ALA D 587 -0.34 17.00 -15.55
C ALA D 587 -1.05 17.69 -14.38
N SER D 588 -2.36 17.86 -14.51
CA SER D 588 -3.14 18.52 -13.47
C SER D 588 -3.34 17.63 -12.23
N VAL D 589 -3.01 16.35 -12.36
CA VAL D 589 -3.07 15.44 -11.23
C VAL D 589 -1.73 15.42 -10.52
N TYR D 590 -0.66 15.24 -11.28
CA TYR D 590 0.70 15.18 -10.72
C TYR D 590 1.21 16.56 -10.36
N HIS D 591 0.52 17.60 -10.84
CA HIS D 591 0.98 19.00 -10.70
C HIS D 591 2.39 19.18 -11.25
N LYS D 592 2.67 18.52 -12.35
CA LYS D 592 3.97 18.60 -13.01
C LYS D 592 3.73 18.80 -14.49
N PRO D 593 4.71 19.40 -15.19
CA PRO D 593 4.62 19.55 -16.63
C PRO D 593 4.67 18.20 -17.30
N PRO D 594 4.12 18.08 -18.52
CA PRO D 594 4.15 16.80 -19.25
C PRO D 594 5.60 16.34 -19.46
N SER D 595 6.47 17.28 -19.81
CA SER D 595 7.89 17.01 -19.98
C SER D 595 8.51 16.33 -18.76
N ALA D 596 7.86 16.45 -17.61
CA ALA D 596 8.37 15.89 -16.36
C ALA D 596 8.04 14.41 -16.11
N PHE D 597 7.03 13.88 -16.78
CA PHE D 597 6.60 12.50 -16.53
C PHE D 597 6.32 11.61 -17.74
N VAL D 598 6.10 12.18 -18.92
CA VAL D 598 5.81 11.33 -20.09
C VAL D 598 7.08 10.92 -20.85
N GLU D 599 7.21 9.63 -21.12
CA GLU D 599 8.39 9.08 -21.79
C GLU D 599 8.23 9.04 -23.30
N ASP E 42 -7.21 -24.17 -6.54
CA ASP E 42 -6.33 -24.62 -7.66
C ASP E 42 -6.30 -26.16 -7.76
N GLN E 43 -5.89 -26.63 -8.94
CA GLN E 43 -5.76 -28.06 -9.20
C GLN E 43 -4.75 -28.74 -8.26
N GLU E 44 -3.58 -28.12 -8.10
CA GLU E 44 -2.50 -28.71 -7.32
C GLU E 44 -2.83 -28.85 -5.84
N GLU E 45 -3.93 -28.25 -5.41
CA GLU E 45 -4.40 -28.45 -4.04
C GLU E 45 -4.79 -29.90 -3.80
N LEU E 46 -5.03 -30.64 -4.87
CA LEU E 46 -5.33 -32.06 -4.76
C LEU E 46 -4.12 -32.92 -4.98
N SER E 47 -3.07 -32.35 -5.59
CA SER E 47 -1.87 -33.12 -5.88
C SER E 47 -1.21 -33.67 -4.62
N ALA E 48 -0.67 -34.87 -4.74
CA ALA E 48 0.00 -35.58 -3.66
C ALA E 48 1.23 -34.81 -3.23
N LEU E 49 1.38 -34.63 -1.93
CA LEU E 49 2.57 -34.01 -1.40
C LEU E 49 3.81 -34.84 -1.72
N VAL E 50 3.66 -36.17 -1.61
CA VAL E 50 4.76 -37.09 -1.71
C VAL E 50 4.79 -37.83 -3.03
N GLU E 51 3.80 -38.69 -3.23
CA GLU E 51 3.80 -39.58 -4.43
C GLU E 51 5.13 -40.34 -4.64
N THR F 8 -41.37 3.23 -8.84
CA THR F 8 -42.32 3.29 -9.98
C THR F 8 -43.64 2.65 -9.59
N SER F 9 -44.05 2.93 -8.35
CA SER F 9 -45.32 2.40 -7.86
C SER F 9 -46.29 3.53 -7.54
N TYR F 10 -45.76 4.74 -7.42
CA TYR F 10 -46.53 5.90 -7.01
C TYR F 10 -47.27 6.54 -8.19
N ASP F 11 -48.24 7.42 -7.88
CA ASP F 11 -49.11 7.99 -8.90
C ASP F 11 -48.57 9.21 -9.62
N TYR F 12 -48.99 9.35 -10.87
CA TYR F 12 -48.63 10.47 -11.69
C TYR F 12 -49.80 11.48 -11.71
N CYS F 13 -49.48 12.75 -11.53
CA CYS F 13 -50.40 13.83 -11.73
C CYS F 13 -50.18 14.33 -13.16
N ARG F 14 -51.21 14.93 -13.74
CA ARG F 14 -51.03 15.53 -15.06
C ARG F 14 -50.40 16.91 -14.93
N VAL F 15 -49.66 17.30 -15.95
CA VAL F 15 -49.01 18.57 -15.95
C VAL F 15 -49.48 19.33 -17.20
N PRO F 16 -49.88 20.60 -17.01
CA PRO F 16 -50.35 21.44 -18.08
C PRO F 16 -49.33 21.59 -19.21
N MET F 17 -49.82 21.75 -20.44
CA MET F 17 -48.97 22.00 -21.58
C MET F 17 -48.83 23.51 -21.82
N GLU F 18 -49.24 24.32 -20.81
CA GLU F 18 -49.20 25.76 -20.80
C GLU F 18 -47.89 26.29 -21.41
#